data_2SFA
# 
_entry.id   2SFA 
# 
_audit_conform.dict_name       mmcif_pdbx.dic 
_audit_conform.dict_version    5.399 
_audit_conform.dict_location   http://mmcif.pdb.org/dictionaries/ascii/mmcif_pdbx.dic 
# 
loop_
_database_2.database_id 
_database_2.database_code 
_database_2.pdbx_database_accession 
_database_2.pdbx_DOI 
PDB   2SFA         pdb_00002sfa 10.2210/pdb2sfa/pdb 
WWPDB D_1000178622 ?            ?                   
# 
loop_
_pdbx_audit_revision_history.ordinal 
_pdbx_audit_revision_history.data_content_type 
_pdbx_audit_revision_history.major_revision 
_pdbx_audit_revision_history.minor_revision 
_pdbx_audit_revision_history.revision_date 
1 'Structure model' 1 0 1996-06-20 
2 'Structure model' 1 1 2008-03-25 
3 'Structure model' 1 2 2011-07-13 
4 'Structure model' 1 3 2024-06-05 
5 'Structure model' 1 4 2024-11-20 
# 
_pdbx_audit_revision_details.ordinal             1 
_pdbx_audit_revision_details.revision_ordinal    1 
_pdbx_audit_revision_details.data_content_type   'Structure model' 
_pdbx_audit_revision_details.provider            repository 
_pdbx_audit_revision_details.type                'Initial release' 
_pdbx_audit_revision_details.description         ? 
_pdbx_audit_revision_details.details             ? 
# 
loop_
_pdbx_audit_revision_group.ordinal 
_pdbx_audit_revision_group.revision_ordinal 
_pdbx_audit_revision_group.data_content_type 
_pdbx_audit_revision_group.group 
1 2 'Structure model' 'Version format compliance' 
2 3 'Structure model' 'Version format compliance' 
3 4 'Structure model' 'Data collection'           
4 4 'Structure model' 'Database references'       
5 4 'Structure model' Other                       
6 5 'Structure model' 'Structure summary'         
# 
loop_
_pdbx_audit_revision_category.ordinal 
_pdbx_audit_revision_category.revision_ordinal 
_pdbx_audit_revision_category.data_content_type 
_pdbx_audit_revision_category.category 
1 4 'Structure model' chem_comp_atom            
2 4 'Structure model' chem_comp_bond            
3 4 'Structure model' database_2                
4 4 'Structure model' pdbx_database_status      
5 5 'Structure model' pdbx_entry_details        
6 5 'Structure model' pdbx_modification_feature 
# 
loop_
_pdbx_audit_revision_item.ordinal 
_pdbx_audit_revision_item.revision_ordinal 
_pdbx_audit_revision_item.data_content_type 
_pdbx_audit_revision_item.item 
1 4 'Structure model' '_database_2.pdbx_DOI'                
2 4 'Structure model' '_database_2.pdbx_database_accession' 
3 4 'Structure model' '_pdbx_database_status.process_site'  
# 
_pdbx_database_status.status_code                     REL 
_pdbx_database_status.entry_id                        2SFA 
_pdbx_database_status.recvd_initial_deposition_date   1994-04-25 
_pdbx_database_status.deposit_site                    ? 
_pdbx_database_status.process_site                    BNL 
_pdbx_database_status.SG_entry                        . 
_pdbx_database_status.pdb_format_compatible           Y 
_pdbx_database_status.status_code_mr                  ? 
_pdbx_database_status.status_code_sf                  ? 
_pdbx_database_status.status_code_cs                  ? 
_pdbx_database_status.status_code_nmr_data            ? 
_pdbx_database_status.methods_development_category    ? 
# 
loop_
_audit_author.name 
_audit_author.pdbx_ordinal 
'Kitadokoro, K.' 1 
'Tsuzuki, H.'    2 
# 
_citation.id                        primary 
_citation.title                     
;Purification, characterization, primary structure, crystallization and preliminary crystallographic study of a serine proteinase from Streptomyces fradiae ATCC 14544.
;
_citation.journal_abbrev            Eur.J.Biochem. 
_citation.journal_volume            220 
_citation.page_first                55 
_citation.page_last                 61 
_citation.year                      1994 
_citation.journal_id_ASTM           EJBCAI 
_citation.country                   IX 
_citation.journal_id_ISSN           0014-2956 
_citation.journal_id_CSD            0262 
_citation.book_publisher            ? 
_citation.pdbx_database_id_PubMed   8119298 
_citation.pdbx_database_id_DOI      10.1111/j.1432-1033.1994.tb18598.x 
# 
loop_
_citation_author.citation_id 
_citation_author.name 
_citation_author.ordinal 
_citation_author.identifier_ORCID 
primary 'Kitadokoro, K.' 1 ? 
primary 'Tsuzuki, H.'    2 ? 
primary 'Nakamura, E.'   3 ? 
primary 'Sato, T.'       4 ? 
primary 'Teraoka, H.'    5 ? 
# 
loop_
_entity.id 
_entity.type 
_entity.src_method 
_entity.pdbx_description 
_entity.formula_weight 
_entity.pdbx_number_of_molecules 
_entity.pdbx_ec 
_entity.pdbx_mutation 
_entity.pdbx_fragment 
_entity.details 
1 polymer nat 'SERINE PROTEINASE' 19014.658 1  3.4.21.- ? ? ? 
2 water   nat water               18.015    86 ?        ? ? ? 
# 
_entity_poly.entity_id                      1 
_entity_poly.type                           'polypeptide(L)' 
_entity_poly.nstd_linkage                   no 
_entity_poly.nstd_monomer                   no 
_entity_poly.pdbx_seq_one_letter_code       
;IAGGEAIYAAGGGRCSLGFNVRSSSGATYALTAGHCTEIASTWYTNSGQTSLLGTRAGTSFPGNDYGLIRHSNASAADGR
VYLYNGSYRDITGAGNAYVGQTVQRSGSTTGLHSGRVTGLNATVNYGGGDIVSGLIQTNVCAEPGDSGGALFAGSTALGL
TSGGSGNCRTGGTTFFQPVTEALSAYGVSIL
;
_entity_poly.pdbx_seq_one_letter_code_can   
;IAGGEAIYAAGGGRCSLGFNVRSSSGATYALTAGHCTEIASTWYTNSGQTSLLGTRAGTSFPGNDYGLIRHSNASAADGR
VYLYNGSYRDITGAGNAYVGQTVQRSGSTTGLHSGRVTGLNATVNYGGGDIVSGLIQTNVCAEPGDSGGALFAGSTALGL
TSGGSGNCRTGGTTFFQPVTEALSAYGVSIL
;
_entity_poly.pdbx_strand_id                 A 
_entity_poly.pdbx_target_identifier         ? 
# 
_pdbx_entity_nonpoly.entity_id   2 
_pdbx_entity_nonpoly.name        water 
_pdbx_entity_nonpoly.comp_id     HOH 
# 
loop_
_entity_poly_seq.entity_id 
_entity_poly_seq.num 
_entity_poly_seq.mon_id 
_entity_poly_seq.hetero 
1 1   ILE n 
1 2   ALA n 
1 3   GLY n 
1 4   GLY n 
1 5   GLU n 
1 6   ALA n 
1 7   ILE n 
1 8   TYR n 
1 9   ALA n 
1 10  ALA n 
1 11  GLY n 
1 12  GLY n 
1 13  GLY n 
1 14  ARG n 
1 15  CYS n 
1 16  SER n 
1 17  LEU n 
1 18  GLY n 
1 19  PHE n 
1 20  ASN n 
1 21  VAL n 
1 22  ARG n 
1 23  SER n 
1 24  SER n 
1 25  SER n 
1 26  GLY n 
1 27  ALA n 
1 28  THR n 
1 29  TYR n 
1 30  ALA n 
1 31  LEU n 
1 32  THR n 
1 33  ALA n 
1 34  GLY n 
1 35  HIS n 
1 36  CYS n 
1 37  THR n 
1 38  GLU n 
1 39  ILE n 
1 40  ALA n 
1 41  SER n 
1 42  THR n 
1 43  TRP n 
1 44  TYR n 
1 45  THR n 
1 46  ASN n 
1 47  SER n 
1 48  GLY n 
1 49  GLN n 
1 50  THR n 
1 51  SER n 
1 52  LEU n 
1 53  LEU n 
1 54  GLY n 
1 55  THR n 
1 56  ARG n 
1 57  ALA n 
1 58  GLY n 
1 59  THR n 
1 60  SER n 
1 61  PHE n 
1 62  PRO n 
1 63  GLY n 
1 64  ASN n 
1 65  ASP n 
1 66  TYR n 
1 67  GLY n 
1 68  LEU n 
1 69  ILE n 
1 70  ARG n 
1 71  HIS n 
1 72  SER n 
1 73  ASN n 
1 74  ALA n 
1 75  SER n 
1 76  ALA n 
1 77  ALA n 
1 78  ASP n 
1 79  GLY n 
1 80  ARG n 
1 81  VAL n 
1 82  TYR n 
1 83  LEU n 
1 84  TYR n 
1 85  ASN n 
1 86  GLY n 
1 87  SER n 
1 88  TYR n 
1 89  ARG n 
1 90  ASP n 
1 91  ILE n 
1 92  THR n 
1 93  GLY n 
1 94  ALA n 
1 95  GLY n 
1 96  ASN n 
1 97  ALA n 
1 98  TYR n 
1 99  VAL n 
1 100 GLY n 
1 101 GLN n 
1 102 THR n 
1 103 VAL n 
1 104 GLN n 
1 105 ARG n 
1 106 SER n 
1 107 GLY n 
1 108 SER n 
1 109 THR n 
1 110 THR n 
1 111 GLY n 
1 112 LEU n 
1 113 HIS n 
1 114 SER n 
1 115 GLY n 
1 116 ARG n 
1 117 VAL n 
1 118 THR n 
1 119 GLY n 
1 120 LEU n 
1 121 ASN n 
1 122 ALA n 
1 123 THR n 
1 124 VAL n 
1 125 ASN n 
1 126 TYR n 
1 127 GLY n 
1 128 GLY n 
1 129 GLY n 
1 130 ASP n 
1 131 ILE n 
1 132 VAL n 
1 133 SER n 
1 134 GLY n 
1 135 LEU n 
1 136 ILE n 
1 137 GLN n 
1 138 THR n 
1 139 ASN n 
1 140 VAL n 
1 141 CYS n 
1 142 ALA n 
1 143 GLU n 
1 144 PRO n 
1 145 GLY n 
1 146 ASP n 
1 147 SER n 
1 148 GLY n 
1 149 GLY n 
1 150 ALA n 
1 151 LEU n 
1 152 PHE n 
1 153 ALA n 
1 154 GLY n 
1 155 SER n 
1 156 THR n 
1 157 ALA n 
1 158 LEU n 
1 159 GLY n 
1 160 LEU n 
1 161 THR n 
1 162 SER n 
1 163 GLY n 
1 164 GLY n 
1 165 SER n 
1 166 GLY n 
1 167 ASN n 
1 168 CYS n 
1 169 ARG n 
1 170 THR n 
1 171 GLY n 
1 172 GLY n 
1 173 THR n 
1 174 THR n 
1 175 PHE n 
1 176 PHE n 
1 177 GLN n 
1 178 PRO n 
1 179 VAL n 
1 180 THR n 
1 181 GLU n 
1 182 ALA n 
1 183 LEU n 
1 184 SER n 
1 185 ALA n 
1 186 TYR n 
1 187 GLY n 
1 188 VAL n 
1 189 SER n 
1 190 ILE n 
1 191 LEU n 
# 
_entity_src_nat.entity_id                  1 
_entity_src_nat.pdbx_src_id                1 
_entity_src_nat.pdbx_alt_source_flag       sample 
_entity_src_nat.pdbx_beg_seq_num           ? 
_entity_src_nat.pdbx_end_seq_num           ? 
_entity_src_nat.common_name                ? 
_entity_src_nat.pdbx_organism_scientific   'Streptomyces fradiae' 
_entity_src_nat.pdbx_ncbi_taxonomy_id      1906 
_entity_src_nat.genus                      Streptomyces 
_entity_src_nat.species                    ? 
_entity_src_nat.strain                     'ATCC 14544' 
_entity_src_nat.tissue                     ? 
_entity_src_nat.tissue_fraction            ? 
_entity_src_nat.pdbx_secretion             ? 
_entity_src_nat.pdbx_fragment              ? 
_entity_src_nat.pdbx_variant               ? 
_entity_src_nat.pdbx_cell_line             ? 
_entity_src_nat.pdbx_atcc                  ? 
_entity_src_nat.pdbx_cellular_location     ? 
_entity_src_nat.pdbx_organ                 ? 
_entity_src_nat.pdbx_organelle             ? 
_entity_src_nat.pdbx_cell                  ? 
_entity_src_nat.pdbx_plasmid_name          ? 
_entity_src_nat.pdbx_plasmid_details       ? 
_entity_src_nat.details                    ? 
# 
loop_
_chem_comp.id 
_chem_comp.type 
_chem_comp.mon_nstd_flag 
_chem_comp.name 
_chem_comp.pdbx_synonyms 
_chem_comp.formula 
_chem_comp.formula_weight 
ALA 'L-peptide linking' y ALANINE         ? 'C3 H7 N O2'     89.093  
ARG 'L-peptide linking' y ARGININE        ? 'C6 H15 N4 O2 1' 175.209 
ASN 'L-peptide linking' y ASPARAGINE      ? 'C4 H8 N2 O3'    132.118 
ASP 'L-peptide linking' y 'ASPARTIC ACID' ? 'C4 H7 N O4'     133.103 
CYS 'L-peptide linking' y CYSTEINE        ? 'C3 H7 N O2 S'   121.158 
GLN 'L-peptide linking' y GLUTAMINE       ? 'C5 H10 N2 O3'   146.144 
GLU 'L-peptide linking' y 'GLUTAMIC ACID' ? 'C5 H9 N O4'     147.129 
GLY 'peptide linking'   y GLYCINE         ? 'C2 H5 N O2'     75.067  
HIS 'L-peptide linking' y HISTIDINE       ? 'C6 H10 N3 O2 1' 156.162 
HOH non-polymer         . WATER           ? 'H2 O'           18.015  
ILE 'L-peptide linking' y ISOLEUCINE      ? 'C6 H13 N O2'    131.173 
LEU 'L-peptide linking' y LEUCINE         ? 'C6 H13 N O2'    131.173 
PHE 'L-peptide linking' y PHENYLALANINE   ? 'C9 H11 N O2'    165.189 
PRO 'L-peptide linking' y PROLINE         ? 'C5 H9 N O2'     115.130 
SER 'L-peptide linking' y SERINE          ? 'C3 H7 N O3'     105.093 
THR 'L-peptide linking' y THREONINE       ? 'C4 H9 N O3'     119.119 
TRP 'L-peptide linking' y TRYPTOPHAN      ? 'C11 H12 N2 O2'  204.225 
TYR 'L-peptide linking' y TYROSINE        ? 'C9 H11 N O3'    181.189 
VAL 'L-peptide linking' y VALINE          ? 'C5 H11 N O2'    117.146 
# 
loop_
_pdbx_poly_seq_scheme.asym_id 
_pdbx_poly_seq_scheme.entity_id 
_pdbx_poly_seq_scheme.seq_id 
_pdbx_poly_seq_scheme.mon_id 
_pdbx_poly_seq_scheme.ndb_seq_num 
_pdbx_poly_seq_scheme.pdb_seq_num 
_pdbx_poly_seq_scheme.auth_seq_num 
_pdbx_poly_seq_scheme.pdb_mon_id 
_pdbx_poly_seq_scheme.auth_mon_id 
_pdbx_poly_seq_scheme.pdb_strand_id 
_pdbx_poly_seq_scheme.pdb_ins_code 
_pdbx_poly_seq_scheme.hetero 
A 1 1   ILE 1   1   1   ILE ILE A . n 
A 1 2   ALA 2   2   2   ALA ALA A . n 
A 1 3   GLY 3   3   3   GLY GLY A . n 
A 1 4   GLY 4   4   4   GLY GLY A . n 
A 1 5   GLU 5   5   5   GLU GLU A . n 
A 1 6   ALA 6   6   6   ALA ALA A . n 
A 1 7   ILE 7   7   7   ILE ILE A . n 
A 1 8   TYR 8   8   8   TYR TYR A . n 
A 1 9   ALA 9   9   9   ALA ALA A . n 
A 1 10  ALA 10  10  10  ALA ALA A . n 
A 1 11  GLY 11  11  11  GLY GLY A . n 
A 1 12  GLY 12  12  12  GLY GLY A . n 
A 1 13  GLY 13  13  13  GLY GLY A . n 
A 1 14  ARG 14  14  14  ARG ARG A . n 
A 1 15  CYS 15  15  15  CYS CYS A . n 
A 1 16  SER 16  16  16  SER SER A . n 
A 1 17  LEU 17  17  17  LEU LEU A . n 
A 1 18  GLY 18  18  18  GLY GLY A . n 
A 1 19  PHE 19  19  19  PHE PHE A . n 
A 1 20  ASN 20  20  20  ASN ASN A . n 
A 1 21  VAL 21  21  21  VAL VAL A . n 
A 1 22  ARG 22  22  22  ARG ARG A . n 
A 1 23  SER 23  23  23  SER SER A . n 
A 1 24  SER 24  24  24  SER SER A . n 
A 1 25  SER 25  25  25  SER SER A . n 
A 1 26  GLY 26  26  26  GLY GLY A . n 
A 1 27  ALA 27  27  27  ALA ALA A . n 
A 1 28  THR 28  28  28  THR THR A . n 
A 1 29  TYR 29  29  29  TYR TYR A . n 
A 1 30  ALA 30  30  30  ALA ALA A . n 
A 1 31  LEU 31  31  31  LEU LEU A . n 
A 1 32  THR 32  32  32  THR THR A . n 
A 1 33  ALA 33  33  33  ALA ALA A . n 
A 1 34  GLY 34  34  34  GLY GLY A . n 
A 1 35  HIS 35  35  35  HIS HIS A . n 
A 1 36  CYS 36  36  36  CYS CYS A . n 
A 1 37  THR 37  37  37  THR THR A . n 
A 1 38  GLU 38  38  38  GLU GLU A . n 
A 1 39  ILE 39  39  39  ILE ILE A . n 
A 1 40  ALA 40  40  40  ALA ALA A . n 
A 1 41  SER 41  41  41  SER SER A . n 
A 1 42  THR 42  42  42  THR THR A . n 
A 1 43  TRP 43  43  43  TRP TRP A . n 
A 1 44  TYR 44  44  44  TYR TYR A . n 
A 1 45  THR 45  45  45  THR THR A . n 
A 1 46  ASN 46  46  46  ASN ASN A . n 
A 1 47  SER 47  47  47  SER SER A . n 
A 1 48  GLY 48  48  48  GLY GLY A . n 
A 1 49  GLN 49  49  49  GLN GLN A . n 
A 1 50  THR 50  50  50  THR THR A . n 
A 1 51  SER 51  51  51  SER SER A . n 
A 1 52  LEU 52  52  52  LEU LEU A . n 
A 1 53  LEU 53  53  53  LEU LEU A . n 
A 1 54  GLY 54  54  54  GLY GLY A . n 
A 1 55  THR 55  55  55  THR THR A . n 
A 1 56  ARG 56  56  56  ARG ARG A . n 
A 1 57  ALA 57  57  57  ALA ALA A . n 
A 1 58  GLY 58  58  58  GLY GLY A . n 
A 1 59  THR 59  59  59  THR THR A . n 
A 1 60  SER 60  60  60  SER SER A . n 
A 1 61  PHE 61  61  61  PHE PHE A . n 
A 1 62  PRO 62  62  62  PRO PRO A . n 
A 1 63  GLY 63  63  63  GLY GLY A . n 
A 1 64  ASN 64  64  64  ASN ASN A . n 
A 1 65  ASP 65  65  65  ASP ASP A . n 
A 1 66  TYR 66  66  66  TYR TYR A . n 
A 1 67  GLY 67  67  67  GLY GLY A . n 
A 1 68  LEU 68  68  68  LEU LEU A . n 
A 1 69  ILE 69  69  69  ILE ILE A . n 
A 1 70  ARG 70  70  70  ARG ARG A . n 
A 1 71  HIS 71  71  71  HIS HIS A . n 
A 1 72  SER 72  72  72  SER SER A . n 
A 1 73  ASN 73  73  73  ASN ASN A . n 
A 1 74  ALA 74  74  74  ALA ALA A . n 
A 1 75  SER 75  75  75  SER SER A . n 
A 1 76  ALA 76  76  76  ALA ALA A . n 
A 1 77  ALA 77  77  77  ALA ALA A . n 
A 1 78  ASP 78  78  78  ASP ASP A . n 
A 1 79  GLY 79  79  79  GLY GLY A . n 
A 1 80  ARG 80  80  80  ARG ARG A . n 
A 1 81  VAL 81  81  81  VAL VAL A . n 
A 1 82  TYR 82  82  82  TYR TYR A . n 
A 1 83  LEU 83  83  83  LEU LEU A . n 
A 1 84  TYR 84  84  84  TYR TYR A . n 
A 1 85  ASN 85  85  85  ASN ASN A . n 
A 1 86  GLY 86  86  86  GLY GLY A . n 
A 1 87  SER 87  87  87  SER SER A . n 
A 1 88  TYR 88  88  88  TYR TYR A . n 
A 1 89  ARG 89  89  89  ARG ARG A . n 
A 1 90  ASP 90  90  90  ASP ASP A . n 
A 1 91  ILE 91  91  91  ILE ILE A . n 
A 1 92  THR 92  92  92  THR THR A . n 
A 1 93  GLY 93  93  93  GLY GLY A . n 
A 1 94  ALA 94  94  94  ALA ALA A . n 
A 1 95  GLY 95  95  95  GLY GLY A . n 
A 1 96  ASN 96  96  96  ASN ASN A . n 
A 1 97  ALA 97  97  97  ALA ALA A . n 
A 1 98  TYR 98  98  98  TYR TYR A . n 
A 1 99  VAL 99  99  99  VAL VAL A . n 
A 1 100 GLY 100 100 100 GLY GLY A . n 
A 1 101 GLN 101 101 101 GLN GLN A . n 
A 1 102 THR 102 102 102 THR THR A . n 
A 1 103 VAL 103 103 103 VAL VAL A . n 
A 1 104 GLN 104 104 104 GLN GLN A . n 
A 1 105 ARG 105 105 105 ARG ARG A . n 
A 1 106 SER 106 106 106 SER SER A . n 
A 1 107 GLY 107 107 107 GLY GLY A . n 
A 1 108 SER 108 108 108 SER SER A . n 
A 1 109 THR 109 109 109 THR THR A . n 
A 1 110 THR 110 110 110 THR THR A . n 
A 1 111 GLY 111 111 111 GLY GLY A . n 
A 1 112 LEU 112 112 112 LEU LEU A . n 
A 1 113 HIS 113 113 113 HIS HIS A . n 
A 1 114 SER 114 114 114 SER SER A . n 
A 1 115 GLY 115 115 115 GLY GLY A . n 
A 1 116 ARG 116 116 116 ARG ARG A . n 
A 1 117 VAL 117 117 117 VAL VAL A . n 
A 1 118 THR 118 118 118 THR THR A . n 
A 1 119 GLY 119 119 119 GLY GLY A . n 
A 1 120 LEU 120 120 120 LEU LEU A . n 
A 1 121 ASN 121 121 121 ASN ASN A . n 
A 1 122 ALA 122 122 122 ALA ALA A . n 
A 1 123 THR 123 123 123 THR THR A . n 
A 1 124 VAL 124 124 124 VAL VAL A . n 
A 1 125 ASN 125 125 125 ASN ASN A . n 
A 1 126 TYR 126 126 126 TYR TYR A . n 
A 1 127 GLY 127 127 127 GLY GLY A . n 
A 1 128 GLY 128 128 128 GLY GLY A . n 
A 1 129 GLY 129 129 129 GLY GLY A . n 
A 1 130 ASP 130 130 130 ASP ASP A . n 
A 1 131 ILE 131 131 131 ILE ILE A . n 
A 1 132 VAL 132 132 132 VAL VAL A . n 
A 1 133 SER 133 133 133 SER SER A . n 
A 1 134 GLY 134 134 134 GLY GLY A . n 
A 1 135 LEU 135 135 135 LEU LEU A . n 
A 1 136 ILE 136 136 136 ILE ILE A . n 
A 1 137 GLN 137 137 137 GLN GLN A . n 
A 1 138 THR 138 138 138 THR THR A . n 
A 1 139 ASN 139 139 139 ASN ASN A . n 
A 1 140 VAL 140 140 140 VAL VAL A . n 
A 1 141 CYS 141 141 141 CYS CYS A . n 
A 1 142 ALA 142 142 142 ALA ALA A . n 
A 1 143 GLU 143 143 143 GLU GLU A . n 
A 1 144 PRO 144 144 144 PRO PRO A . n 
A 1 145 GLY 145 145 145 GLY GLY A . n 
A 1 146 ASP 146 146 146 ASP ASP A . n 
A 1 147 SER 147 147 147 SER SER A . n 
A 1 148 GLY 148 148 148 GLY GLY A . n 
A 1 149 GLY 149 149 149 GLY GLY A . n 
A 1 150 ALA 150 150 150 ALA ALA A . n 
A 1 151 LEU 151 151 151 LEU LEU A . n 
A 1 152 PHE 152 152 152 PHE PHE A . n 
A 1 153 ALA 153 153 153 ALA ALA A . n 
A 1 154 GLY 154 154 154 GLY GLY A . n 
A 1 155 SER 155 155 155 SER SER A . n 
A 1 156 THR 156 156 156 THR THR A . n 
A 1 157 ALA 157 157 157 ALA ALA A . n 
A 1 158 LEU 158 158 158 LEU LEU A . n 
A 1 159 GLY 159 159 159 GLY GLY A . n 
A 1 160 LEU 160 160 160 LEU LEU A . n 
A 1 161 THR 161 161 161 THR THR A . n 
A 1 162 SER 162 162 162 SER SER A . n 
A 1 163 GLY 163 163 163 GLY GLY A . n 
A 1 164 GLY 164 164 164 GLY GLY A . n 
A 1 165 SER 165 165 165 SER SER A . n 
A 1 166 GLY 166 166 166 GLY GLY A . n 
A 1 167 ASN 167 167 167 ASN ASN A . n 
A 1 168 CYS 168 168 168 CYS CYS A . n 
A 1 169 ARG 169 169 169 ARG ARG A . n 
A 1 170 THR 170 170 170 THR THR A . n 
A 1 171 GLY 171 171 171 GLY GLY A . n 
A 1 172 GLY 172 172 172 GLY GLY A . n 
A 1 173 THR 173 173 173 THR THR A . n 
A 1 174 THR 174 174 174 THR THR A . n 
A 1 175 PHE 175 175 175 PHE PHE A . n 
A 1 176 PHE 176 176 176 PHE PHE A . n 
A 1 177 GLN 177 177 177 GLN GLN A . n 
A 1 178 PRO 178 178 178 PRO PRO A . n 
A 1 179 VAL 179 179 179 VAL VAL A . n 
A 1 180 THR 180 180 180 THR THR A . n 
A 1 181 GLU 181 181 181 GLU GLU A . n 
A 1 182 ALA 182 182 182 ALA ALA A . n 
A 1 183 LEU 183 183 183 LEU LEU A . n 
A 1 184 SER 184 184 184 SER SER A . n 
A 1 185 ALA 185 185 185 ALA ALA A . n 
A 1 186 TYR 186 186 186 TYR TYR A . n 
A 1 187 GLY 187 187 187 GLY GLY A . n 
A 1 188 VAL 188 188 188 VAL VAL A . n 
A 1 189 SER 189 189 189 SER SER A . n 
A 1 190 ILE 190 190 190 ILE ILE A . n 
A 1 191 LEU 191 191 191 LEU LEU A . n 
# 
loop_
_pdbx_nonpoly_scheme.asym_id 
_pdbx_nonpoly_scheme.entity_id 
_pdbx_nonpoly_scheme.mon_id 
_pdbx_nonpoly_scheme.ndb_seq_num 
_pdbx_nonpoly_scheme.pdb_seq_num 
_pdbx_nonpoly_scheme.auth_seq_num 
_pdbx_nonpoly_scheme.pdb_mon_id 
_pdbx_nonpoly_scheme.auth_mon_id 
_pdbx_nonpoly_scheme.pdb_strand_id 
_pdbx_nonpoly_scheme.pdb_ins_code 
B 2 HOH 1  192 1  HOH HOH A . 
B 2 HOH 2  193 2  HOH HOH A . 
B 2 HOH 3  194 3  HOH HOH A . 
B 2 HOH 4  195 4  HOH HOH A . 
B 2 HOH 5  196 5  HOH HOH A . 
B 2 HOH 6  197 6  HOH HOH A . 
B 2 HOH 7  198 7  HOH HOH A . 
B 2 HOH 8  199 8  HOH HOH A . 
B 2 HOH 9  200 9  HOH HOH A . 
B 2 HOH 10 201 10 HOH HOH A . 
B 2 HOH 11 202 11 HOH HOH A . 
B 2 HOH 12 203 12 HOH HOH A . 
B 2 HOH 13 204 13 HOH HOH A . 
B 2 HOH 14 205 14 HOH HOH A . 
B 2 HOH 15 206 15 HOH HOH A . 
B 2 HOH 16 207 16 HOH HOH A . 
B 2 HOH 17 208 17 HOH HOH A . 
B 2 HOH 18 209 18 HOH HOH A . 
B 2 HOH 19 210 19 HOH HOH A . 
B 2 HOH 20 211 20 HOH HOH A . 
B 2 HOH 21 212 21 HOH HOH A . 
B 2 HOH 22 213 22 HOH HOH A . 
B 2 HOH 23 214 23 HOH HOH A . 
B 2 HOH 24 215 24 HOH HOH A . 
B 2 HOH 25 216 25 HOH HOH A . 
B 2 HOH 26 217 26 HOH HOH A . 
B 2 HOH 27 218 27 HOH HOH A . 
B 2 HOH 28 219 28 HOH HOH A . 
B 2 HOH 29 220 29 HOH HOH A . 
B 2 HOH 30 221 30 HOH HOH A . 
B 2 HOH 31 222 31 HOH HOH A . 
B 2 HOH 32 223 32 HOH HOH A . 
B 2 HOH 33 224 33 HOH HOH A . 
B 2 HOH 34 225 34 HOH HOH A . 
B 2 HOH 35 226 35 HOH HOH A . 
B 2 HOH 36 227 36 HOH HOH A . 
B 2 HOH 37 228 37 HOH HOH A . 
B 2 HOH 38 229 38 HOH HOH A . 
B 2 HOH 39 230 39 HOH HOH A . 
B 2 HOH 40 231 40 HOH HOH A . 
B 2 HOH 41 232 41 HOH HOH A . 
B 2 HOH 42 233 42 HOH HOH A . 
B 2 HOH 43 234 43 HOH HOH A . 
B 2 HOH 44 235 44 HOH HOH A . 
B 2 HOH 45 236 45 HOH HOH A . 
B 2 HOH 46 237 46 HOH HOH A . 
B 2 HOH 47 238 47 HOH HOH A . 
B 2 HOH 48 239 48 HOH HOH A . 
B 2 HOH 49 240 49 HOH HOH A . 
B 2 HOH 50 241 50 HOH HOH A . 
B 2 HOH 51 242 51 HOH HOH A . 
B 2 HOH 52 243 52 HOH HOH A . 
B 2 HOH 53 244 53 HOH HOH A . 
B 2 HOH 54 245 54 HOH HOH A . 
B 2 HOH 55 246 55 HOH HOH A . 
B 2 HOH 56 247 56 HOH HOH A . 
B 2 HOH 57 248 57 HOH HOH A . 
B 2 HOH 58 249 58 HOH HOH A . 
B 2 HOH 59 250 59 HOH HOH A . 
B 2 HOH 60 251 60 HOH HOH A . 
B 2 HOH 61 252 61 HOH HOH A . 
B 2 HOH 62 253 62 HOH HOH A . 
B 2 HOH 63 254 63 HOH HOH A . 
B 2 HOH 64 255 64 HOH HOH A . 
B 2 HOH 65 256 65 HOH HOH A . 
B 2 HOH 66 257 66 HOH HOH A . 
B 2 HOH 67 258 67 HOH HOH A . 
B 2 HOH 68 259 68 HOH HOH A . 
B 2 HOH 69 260 69 HOH HOH A . 
B 2 HOH 70 261 70 HOH HOH A . 
B 2 HOH 71 262 71 HOH HOH A . 
B 2 HOH 72 263 72 HOH HOH A . 
B 2 HOH 73 264 73 HOH HOH A . 
B 2 HOH 74 265 74 HOH HOH A . 
B 2 HOH 75 266 75 HOH HOH A . 
B 2 HOH 76 267 76 HOH HOH A . 
B 2 HOH 77 268 77 HOH HOH A . 
B 2 HOH 78 269 78 HOH HOH A . 
B 2 HOH 79 270 79 HOH HOH A . 
B 2 HOH 80 271 80 HOH HOH A . 
B 2 HOH 81 272 81 HOH HOH A . 
B 2 HOH 82 273 82 HOH HOH A . 
B 2 HOH 83 274 83 HOH HOH A . 
B 2 HOH 84 275 84 HOH HOH A . 
B 2 HOH 85 276 85 HOH HOH A . 
B 2 HOH 86 277 86 HOH HOH A . 
# 
_software.name             PROLSQ 
_software.classification   refinement 
_software.version          . 
_software.citation_id      ? 
_software.pdbx_ordinal     1 
# 
_cell.entry_id           2SFA 
_cell.length_a           69.050 
_cell.length_b           72.760 
_cell.length_c           29.840 
_cell.angle_alpha        90.00 
_cell.angle_beta         90.00 
_cell.angle_gamma        90.00 
_cell.Z_PDB              4 
_cell.pdbx_unique_axis   ? 
# 
_symmetry.entry_id                         2SFA 
_symmetry.space_group_name_H-M             'P 21 21 21' 
_symmetry.pdbx_full_space_group_name_H-M   ? 
_symmetry.cell_setting                     ? 
_symmetry.Int_Tables_number                19 
# 
_exptl.entry_id          2SFA 
_exptl.method            'X-RAY DIFFRACTION' 
_exptl.crystals_number   ? 
# 
_exptl_crystal.id                    1 
_exptl_crystal.density_meas          ? 
_exptl_crystal.density_Matthews      1.97 
_exptl_crystal.density_percent_sol   37.59 
_exptl_crystal.description           ? 
# 
_diffrn.id                     1 
_diffrn.ambient_temp           ? 
_diffrn.ambient_temp_details   ? 
_diffrn.crystal_id             1 
# 
_diffrn_radiation.diffrn_id                        1 
_diffrn_radiation.wavelength_id                    1 
_diffrn_radiation.pdbx_monochromatic_or_laue_m_l   ? 
_diffrn_radiation.monochromator                    ? 
_diffrn_radiation.pdbx_diffrn_protocol             ? 
_diffrn_radiation.pdbx_scattering_type             x-ray 
# 
_diffrn_radiation_wavelength.id           1 
_diffrn_radiation_wavelength.wavelength   . 
_diffrn_radiation_wavelength.wt           1.0 
# 
_refine.entry_id                                 2SFA 
_refine.ls_number_reflns_obs                     16320 
_refine.ls_number_reflns_all                     ? 
_refine.pdbx_ls_sigma_I                          ? 
_refine.pdbx_ls_sigma_F                          2.0 
_refine.pdbx_data_cutoff_high_absF               ? 
_refine.pdbx_data_cutoff_low_absF                ? 
_refine.pdbx_data_cutoff_high_rms_absF           ? 
_refine.ls_d_res_low                             8.0 
_refine.ls_d_res_high                            1.6 
_refine.ls_percent_reflns_obs                    85.2 
_refine.ls_R_factor_obs                          ? 
_refine.ls_R_factor_all                          ? 
_refine.ls_R_factor_R_work                       0.182 
_refine.ls_R_factor_R_free                       ? 
_refine.ls_R_factor_R_free_error                 ? 
_refine.ls_R_factor_R_free_error_details         ? 
_refine.ls_percent_reflns_R_free                 ? 
_refine.ls_number_reflns_R_free                  ? 
_refine.ls_number_parameters                     ? 
_refine.ls_number_restraints                     ? 
_refine.occupancy_min                            ? 
_refine.occupancy_max                            ? 
_refine.B_iso_mean                               ? 
_refine.aniso_B[1][1]                            ? 
_refine.aniso_B[2][2]                            ? 
_refine.aniso_B[3][3]                            ? 
_refine.aniso_B[1][2]                            ? 
_refine.aniso_B[1][3]                            ? 
_refine.aniso_B[2][3]                            ? 
_refine.solvent_model_details                    ? 
_refine.solvent_model_param_ksol                 ? 
_refine.solvent_model_param_bsol                 ? 
_refine.pdbx_ls_cross_valid_method               ? 
_refine.details                                  ? 
_refine.pdbx_starting_model                      ? 
_refine.pdbx_method_to_determine_struct          ? 
_refine.pdbx_isotropic_thermal_model             ? 
_refine.pdbx_stereochemistry_target_values       ? 
_refine.pdbx_stereochem_target_val_spec_case     ? 
_refine.pdbx_R_Free_selection_details            ? 
_refine.pdbx_overall_ESU_R                       ? 
_refine.pdbx_overall_ESU_R_Free                  ? 
_refine.overall_SU_ML                            ? 
_refine.overall_SU_B                             ? 
_refine.pdbx_refine_id                           'X-RAY DIFFRACTION' 
_refine.pdbx_diffrn_id                           1 
_refine.pdbx_TLS_residual_ADP_flag               ? 
_refine.correlation_coeff_Fo_to_Fc               ? 
_refine.correlation_coeff_Fo_to_Fc_free          ? 
_refine.pdbx_solvent_vdw_probe_radii             ? 
_refine.pdbx_solvent_ion_probe_radii             ? 
_refine.pdbx_solvent_shrinkage_radii             ? 
_refine.pdbx_overall_phase_error                 ? 
_refine.overall_SU_R_Cruickshank_DPI             ? 
_refine.pdbx_overall_SU_R_free_Cruickshank_DPI   ? 
_refine.pdbx_overall_SU_R_Blow_DPI               ? 
_refine.pdbx_overall_SU_R_free_Blow_DPI          ? 
# 
_refine_hist.pdbx_refine_id                   'X-RAY DIFFRACTION' 
_refine_hist.cycle_id                         LAST 
_refine_hist.pdbx_number_atoms_protein        1337 
_refine_hist.pdbx_number_atoms_nucleic_acid   0 
_refine_hist.pdbx_number_atoms_ligand         0 
_refine_hist.number_atoms_solvent             86 
_refine_hist.number_atoms_total               1423 
_refine_hist.d_res_high                       1.6 
_refine_hist.d_res_low                        8.0 
# 
loop_
_refine_ls_restr.type 
_refine_ls_restr.dev_ideal 
_refine_ls_restr.dev_ideal_target 
_refine_ls_restr.weight 
_refine_ls_restr.number 
_refine_ls_restr.pdbx_refine_id 
_refine_ls_restr.pdbx_restraint_function 
p_bond_d            0.015 0.020 ? ? 'X-RAY DIFFRACTION' ? 
p_angle_d           0.033 0.030 ? ? 'X-RAY DIFFRACTION' ? 
p_angle_deg         ?     ?     ? ? 'X-RAY DIFFRACTION' ? 
p_planar_d          0.052 0.050 ? ? 'X-RAY DIFFRACTION' ? 
p_hb_or_metal_coord ?     ?     ? ? 'X-RAY DIFFRACTION' ? 
p_mcbond_it         0.703 1.000 ? ? 'X-RAY DIFFRACTION' ? 
p_mcangle_it        1.114 1.500 ? ? 'X-RAY DIFFRACTION' ? 
p_scbond_it         1.198 1.000 ? ? 'X-RAY DIFFRACTION' ? 
p_scangle_it        1.913 2.000 ? ? 'X-RAY DIFFRACTION' ? 
p_plane_restr       0.014 0.020 ? ? 'X-RAY DIFFRACTION' ? 
p_chiral_restr      0.192 0.150 ? ? 'X-RAY DIFFRACTION' ? 
p_singtor_nbd       0.165 0.500 ? ? 'X-RAY DIFFRACTION' ? 
p_multtor_nbd       0.213 0.500 ? ? 'X-RAY DIFFRACTION' ? 
p_xhyhbond_nbd      ?     ?     ? ? 'X-RAY DIFFRACTION' ? 
p_xyhbond_nbd       0.212 0.500 ? ? 'X-RAY DIFFRACTION' ? 
p_planar_tor        2.700 3.00  ? ? 'X-RAY DIFFRACTION' ? 
p_staggered_tor     14.70 15.0  ? ? 'X-RAY DIFFRACTION' ? 
p_orthonormal_tor   ?     ?     ? ? 'X-RAY DIFFRACTION' ? 
p_transverse_tor    17.70 20.0  ? ? 'X-RAY DIFFRACTION' ? 
p_special_tor       ?     ?     ? ? 'X-RAY DIFFRACTION' ? 
# 
_struct.entry_id                  2SFA 
_struct.title                     'SERINE PROTEINASE FROM STREPTOMYCES FRADIAE ATCC 14544' 
_struct.pdbx_model_details        ? 
_struct.pdbx_CASP_flag            ? 
_struct.pdbx_model_type_details   ? 
# 
_struct_keywords.entry_id        2SFA 
_struct_keywords.pdbx_keywords   HYDROLASE 
_struct_keywords.text            'HYDROLASE, SERINE PROTEASE' 
# 
loop_
_struct_asym.id 
_struct_asym.pdbx_blank_PDB_chainid_flag 
_struct_asym.pdbx_modified 
_struct_asym.entity_id 
_struct_asym.details 
A N N 1 ? 
B N N 2 ? 
# 
_struct_ref.id                         1 
_struct_ref.db_name                    UNP 
_struct_ref.db_code                    SFAS2_STRFR 
_struct_ref.entity_id                  1 
_struct_ref.pdbx_db_accession          P41140 
_struct_ref.pdbx_align_begin           1 
_struct_ref.pdbx_seq_one_letter_code   
;IAGGEAIYAAGGGRCSLGFNVRSSSGATYALTAGHCTEIASTWYTNSGQTSLLGTRAGTSFPGNDYGLIRHSNASAADGR
VYLYNGSYRDITGAGNAYVGQTVQRSGSTTGLHSGRVTGLNATVNYGGGDIVSGLIQTNVCAEPGDSGGALFAGSTALGL
TSGGSGNCRTGGTTFFQPVTEALSAYGVSIL
;
_struct_ref.pdbx_db_isoform            ? 
# 
_struct_ref_seq.align_id                      1 
_struct_ref_seq.ref_id                        1 
_struct_ref_seq.pdbx_PDB_id_code              2SFA 
_struct_ref_seq.pdbx_strand_id                A 
_struct_ref_seq.seq_align_beg                 1 
_struct_ref_seq.pdbx_seq_align_beg_ins_code   ? 
_struct_ref_seq.seq_align_end                 191 
_struct_ref_seq.pdbx_seq_align_end_ins_code   ? 
_struct_ref_seq.pdbx_db_accession             P41140 
_struct_ref_seq.db_align_beg                  1 
_struct_ref_seq.pdbx_db_align_beg_ins_code    ? 
_struct_ref_seq.db_align_end                  191 
_struct_ref_seq.pdbx_db_align_end_ins_code    ? 
_struct_ref_seq.pdbx_auth_seq_align_beg       1 
_struct_ref_seq.pdbx_auth_seq_align_end       191 
# 
_pdbx_struct_assembly.id                   1 
_pdbx_struct_assembly.details              author_defined_assembly 
_pdbx_struct_assembly.method_details       ? 
_pdbx_struct_assembly.oligomeric_details   monomeric 
_pdbx_struct_assembly.oligomeric_count     1 
# 
_pdbx_struct_assembly_gen.assembly_id       1 
_pdbx_struct_assembly_gen.oper_expression   1 
_pdbx_struct_assembly_gen.asym_id_list      A,B 
# 
_pdbx_struct_oper_list.id                   1 
_pdbx_struct_oper_list.type                 'identity operation' 
_pdbx_struct_oper_list.name                 1_555 
_pdbx_struct_oper_list.symmetry_operation   x,y,z 
_pdbx_struct_oper_list.matrix[1][1]         1.0000000000 
_pdbx_struct_oper_list.matrix[1][2]         0.0000000000 
_pdbx_struct_oper_list.matrix[1][3]         0.0000000000 
_pdbx_struct_oper_list.vector[1]            0.0000000000 
_pdbx_struct_oper_list.matrix[2][1]         0.0000000000 
_pdbx_struct_oper_list.matrix[2][2]         1.0000000000 
_pdbx_struct_oper_list.matrix[2][3]         0.0000000000 
_pdbx_struct_oper_list.vector[2]            0.0000000000 
_pdbx_struct_oper_list.matrix[3][1]         0.0000000000 
_pdbx_struct_oper_list.matrix[3][2]         0.0000000000 
_pdbx_struct_oper_list.matrix[3][3]         1.0000000000 
_pdbx_struct_oper_list.vector[3]            0.0000000000 
# 
_struct_biol.id   1 
# 
loop_
_struct_conf.conf_type_id 
_struct_conf.id 
_struct_conf.pdbx_PDB_helix_id 
_struct_conf.beg_label_comp_id 
_struct_conf.beg_label_asym_id 
_struct_conf.beg_label_seq_id 
_struct_conf.pdbx_beg_PDB_ins_code 
_struct_conf.end_label_comp_id 
_struct_conf.end_label_asym_id 
_struct_conf.end_label_seq_id 
_struct_conf.pdbx_end_PDB_ins_code 
_struct_conf.beg_auth_comp_id 
_struct_conf.beg_auth_asym_id 
_struct_conf.beg_auth_seq_id 
_struct_conf.end_auth_comp_id 
_struct_conf.end_auth_asym_id 
_struct_conf.end_auth_seq_id 
_struct_conf.pdbx_PDB_helix_class 
_struct_conf.details 
_struct_conf.pdbx_PDB_helix_length 
HELX_P HELX_P1 1 ALA A 33  ? GLU A 38  ? ALA A 33  GLU A 38  1 ? 6 
HELX_P HELX_P2 2 ASN A 73  ? ALA A 77  ? ASN A 73  ALA A 77  5 ? 5 
HELX_P HELX_P3 3 VAL A 179 ? GLY A 187 ? VAL A 179 GLY A 187 1 ? 9 
# 
_struct_conf_type.id          HELX_P 
_struct_conf_type.criteria    ? 
_struct_conf_type.reference   ? 
# 
loop_
_struct_conn.id 
_struct_conn.conn_type_id 
_struct_conn.pdbx_leaving_atom_flag 
_struct_conn.pdbx_PDB_id 
_struct_conn.ptnr1_label_asym_id 
_struct_conn.ptnr1_label_comp_id 
_struct_conn.ptnr1_label_seq_id 
_struct_conn.ptnr1_label_atom_id 
_struct_conn.pdbx_ptnr1_label_alt_id 
_struct_conn.pdbx_ptnr1_PDB_ins_code 
_struct_conn.pdbx_ptnr1_standard_comp_id 
_struct_conn.ptnr1_symmetry 
_struct_conn.ptnr2_label_asym_id 
_struct_conn.ptnr2_label_comp_id 
_struct_conn.ptnr2_label_seq_id 
_struct_conn.ptnr2_label_atom_id 
_struct_conn.pdbx_ptnr2_label_alt_id 
_struct_conn.pdbx_ptnr2_PDB_ins_code 
_struct_conn.ptnr1_auth_asym_id 
_struct_conn.ptnr1_auth_comp_id 
_struct_conn.ptnr1_auth_seq_id 
_struct_conn.ptnr2_auth_asym_id 
_struct_conn.ptnr2_auth_comp_id 
_struct_conn.ptnr2_auth_seq_id 
_struct_conn.ptnr2_symmetry 
_struct_conn.pdbx_ptnr3_label_atom_id 
_struct_conn.pdbx_ptnr3_label_seq_id 
_struct_conn.pdbx_ptnr3_label_comp_id 
_struct_conn.pdbx_ptnr3_label_asym_id 
_struct_conn.pdbx_ptnr3_label_alt_id 
_struct_conn.pdbx_ptnr3_PDB_ins_code 
_struct_conn.details 
_struct_conn.pdbx_dist_value 
_struct_conn.pdbx_value_order 
_struct_conn.pdbx_role 
disulf1 disulf ? ? A CYS 15  SG ? ? ? 1_555 A CYS 36  SG ? ? A CYS 15  A CYS 36  1_555 ? ? ? ? ? ? ? 1.997 ? ? 
disulf2 disulf ? ? A CYS 141 SG ? ? ? 1_555 A CYS 168 SG ? ? A CYS 141 A CYS 168 1_555 ? ? ? ? ? ? ? 2.068 ? ? 
# 
_struct_conn_type.id          disulf 
_struct_conn_type.criteria    ? 
_struct_conn_type.reference   ? 
# 
loop_
_pdbx_modification_feature.ordinal 
_pdbx_modification_feature.label_comp_id 
_pdbx_modification_feature.label_asym_id 
_pdbx_modification_feature.label_seq_id 
_pdbx_modification_feature.label_alt_id 
_pdbx_modification_feature.modified_residue_label_comp_id 
_pdbx_modification_feature.modified_residue_label_asym_id 
_pdbx_modification_feature.modified_residue_label_seq_id 
_pdbx_modification_feature.modified_residue_label_alt_id 
_pdbx_modification_feature.auth_comp_id 
_pdbx_modification_feature.auth_asym_id 
_pdbx_modification_feature.auth_seq_id 
_pdbx_modification_feature.PDB_ins_code 
_pdbx_modification_feature.symmetry 
_pdbx_modification_feature.modified_residue_auth_comp_id 
_pdbx_modification_feature.modified_residue_auth_asym_id 
_pdbx_modification_feature.modified_residue_auth_seq_id 
_pdbx_modification_feature.modified_residue_PDB_ins_code 
_pdbx_modification_feature.modified_residue_symmetry 
_pdbx_modification_feature.comp_id_linking_atom 
_pdbx_modification_feature.modified_residue_id_linking_atom 
_pdbx_modification_feature.modified_residue_id 
_pdbx_modification_feature.ref_pcm_id 
_pdbx_modification_feature.ref_comp_id 
_pdbx_modification_feature.type 
_pdbx_modification_feature.category 
1 CYS A 15  ? CYS A 36  ? CYS A 15  ? 1_555 CYS A 36  ? 1_555 SG SG . . . None 'Disulfide bridge' 
2 CYS A 141 ? CYS A 168 ? CYS A 141 ? 1_555 CYS A 168 ? 1_555 SG SG . . . None 'Disulfide bridge' 
# 
_struct_mon_prot_cis.pdbx_id                1 
_struct_mon_prot_cis.label_comp_id          PHE 
_struct_mon_prot_cis.label_seq_id           61 
_struct_mon_prot_cis.label_asym_id          A 
_struct_mon_prot_cis.label_alt_id           . 
_struct_mon_prot_cis.pdbx_PDB_ins_code      ? 
_struct_mon_prot_cis.auth_comp_id           PHE 
_struct_mon_prot_cis.auth_seq_id            61 
_struct_mon_prot_cis.auth_asym_id           A 
_struct_mon_prot_cis.pdbx_label_comp_id_2   PRO 
_struct_mon_prot_cis.pdbx_label_seq_id_2    62 
_struct_mon_prot_cis.pdbx_label_asym_id_2   A 
_struct_mon_prot_cis.pdbx_PDB_ins_code_2    ? 
_struct_mon_prot_cis.pdbx_auth_comp_id_2    PRO 
_struct_mon_prot_cis.pdbx_auth_seq_id_2     62 
_struct_mon_prot_cis.pdbx_auth_asym_id_2    A 
_struct_mon_prot_cis.pdbx_PDB_model_num     1 
_struct_mon_prot_cis.pdbx_omega_angle       3.61 
# 
loop_
_struct_sheet.id 
_struct_sheet.type 
_struct_sheet.number_strands 
_struct_sheet.details 
S1 ? 3 ? 
S2 ? 2 ? 
S3 ? 5 ? 
S4 ? 3 ? 
S5 ? 7 ? 
S6 ? 2 ? 
# 
loop_
_struct_sheet_order.sheet_id 
_struct_sheet_order.range_id_1 
_struct_sheet_order.range_id_2 
_struct_sheet_order.offset 
_struct_sheet_order.sense 
S1 1 2 ? parallel      
S1 2 3 ? anti-parallel 
S2 1 2 ? anti-parallel 
S3 1 2 ? anti-parallel 
S3 2 3 ? anti-parallel 
S3 3 4 ? anti-parallel 
S3 4 5 ? anti-parallel 
S4 1 2 ? parallel      
S4 2 3 ? anti-parallel 
S5 1 2 ? anti-parallel 
S5 2 3 ? anti-parallel 
S5 3 4 ? anti-parallel 
S5 4 5 ? anti-parallel 
S5 5 6 ? anti-parallel 
S5 6 7 ? anti-parallel 
S6 1 2 ? anti-parallel 
# 
loop_
_struct_sheet_range.sheet_id 
_struct_sheet_range.id 
_struct_sheet_range.beg_label_comp_id 
_struct_sheet_range.beg_label_asym_id 
_struct_sheet_range.beg_label_seq_id 
_struct_sheet_range.pdbx_beg_PDB_ins_code 
_struct_sheet_range.end_label_comp_id 
_struct_sheet_range.end_label_asym_id 
_struct_sheet_range.end_label_seq_id 
_struct_sheet_range.pdbx_end_PDB_ins_code 
_struct_sheet_range.beg_auth_comp_id 
_struct_sheet_range.beg_auth_asym_id 
_struct_sheet_range.beg_auth_seq_id 
_struct_sheet_range.end_auth_comp_id 
_struct_sheet_range.end_auth_asym_id 
_struct_sheet_range.end_auth_seq_id 
S1 1 ILE A 1   ? GLY A 3   ? ILE A 1   GLY A 3   
S1 2 ASP A 78  ? LEU A 83  ? ASP A 78  LEU A 83  
S1 3 SER A 87  ? ILE A 91  ? SER A 87  ILE A 91  
S2 1 GLY A 4   ? ALA A 9   ? GLY A 4   ALA A 9   
S2 2 GLY A 12  ? LEU A 17  ? GLY A 12  LEU A 17  
S3 1 GLY A 18  ? VAL A 21  ? GLY A 18  VAL A 21  
S3 2 SER A 24  ? THR A 32  ? SER A 24  THR A 32  
S3 3 GLY A 67  ? HIS A 71  ? GLY A 67  HIS A 71  
S3 4 LEU A 52  ? SER A 60  ? LEU A 52  SER A 60  
S3 5 SER A 41  ? THR A 45  ? SER A 41  THR A 45  
S4 1 GLY A 93  ? GLY A 95  ? GLY A 93  GLY A 95  
S4 2 SER A 155 ? ALA A 157 ? SER A 155 ALA A 157 
S4 3 LEU A 151 ? PHE A 152 ? LEU A 151 PHE A 152 
S5 1 GLY A 149 ? LEU A 151 ? GLY A 149 LEU A 151 
S5 2 LEU A 158 ? ASN A 167 ? LEU A 158 ASN A 167 
S5 3 GLY A 171 ? GLN A 177 ? GLY A 171 GLN A 177 
S5 4 ILE A 136 ? THR A 138 ? ILE A 136 THR A 138 
S5 5 ARG A 116 ? ASN A 121 ? ARG A 116 ASN A 121 
S5 6 GLN A 101 ? GLY A 107 ? GLN A 101 GLY A 107 
S5 7 GLY A 149 ? LEU A 151 ? GLY A 149 LEU A 151 
S6 1 ALA A 122 ? TYR A 126 ? ALA A 122 TYR A 126 
S6 2 ASP A 130 ? LEU A 135 ? ASP A 130 LEU A 135 
# 
_pdbx_entry_details.entry_id                   2SFA 
_pdbx_entry_details.compound_details           ? 
_pdbx_entry_details.source_details             ? 
_pdbx_entry_details.nonpolymer_details         ? 
_pdbx_entry_details.sequence_details           ? 
_pdbx_entry_details.has_ligand_of_interest     ? 
_pdbx_entry_details.has_protein_modification   Y 
# 
loop_
_pdbx_validate_close_contact.id 
_pdbx_validate_close_contact.PDB_model_num 
_pdbx_validate_close_contact.auth_atom_id_1 
_pdbx_validate_close_contact.auth_asym_id_1 
_pdbx_validate_close_contact.auth_comp_id_1 
_pdbx_validate_close_contact.auth_seq_id_1 
_pdbx_validate_close_contact.PDB_ins_code_1 
_pdbx_validate_close_contact.label_alt_id_1 
_pdbx_validate_close_contact.auth_atom_id_2 
_pdbx_validate_close_contact.auth_asym_id_2 
_pdbx_validate_close_contact.auth_comp_id_2 
_pdbx_validate_close_contact.auth_seq_id_2 
_pdbx_validate_close_contact.PDB_ins_code_2 
_pdbx_validate_close_contact.label_alt_id_2 
_pdbx_validate_close_contact.dist 
1 1 O  A HOH 243 ? ? O A HOH 262 ? ? 2.07 
2 1 NE A ARG 116 ? ? O A HOH 273 ? ? 2.19 
# 
loop_
_pdbx_validate_symm_contact.id 
_pdbx_validate_symm_contact.PDB_model_num 
_pdbx_validate_symm_contact.auth_atom_id_1 
_pdbx_validate_symm_contact.auth_asym_id_1 
_pdbx_validate_symm_contact.auth_comp_id_1 
_pdbx_validate_symm_contact.auth_seq_id_1 
_pdbx_validate_symm_contact.PDB_ins_code_1 
_pdbx_validate_symm_contact.label_alt_id_1 
_pdbx_validate_symm_contact.site_symmetry_1 
_pdbx_validate_symm_contact.auth_atom_id_2 
_pdbx_validate_symm_contact.auth_asym_id_2 
_pdbx_validate_symm_contact.auth_comp_id_2 
_pdbx_validate_symm_contact.auth_seq_id_2 
_pdbx_validate_symm_contact.PDB_ins_code_2 
_pdbx_validate_symm_contact.label_alt_id_2 
_pdbx_validate_symm_contact.site_symmetry_2 
_pdbx_validate_symm_contact.dist 
1 1 O A HOH 225 ? ? 1_555 O A HOH 228 ? ? 1_554 0.30 
2 1 O A HOH 248 ? ? 1_555 O A HOH 276 ? ? 1_554 0.31 
3 1 O A HOH 259 ? ? 1_555 O A HOH 277 ? ? 1_554 0.34 
4 1 O A HOH 211 ? ? 1_555 O A HOH 263 ? ? 1_554 0.88 
5 1 O A HOH 245 ? ? 1_555 O A HOH 254 ? ? 2_555 1.78 
# 
loop_
_pdbx_validate_rmsd_bond.id 
_pdbx_validate_rmsd_bond.PDB_model_num 
_pdbx_validate_rmsd_bond.auth_atom_id_1 
_pdbx_validate_rmsd_bond.auth_asym_id_1 
_pdbx_validate_rmsd_bond.auth_comp_id_1 
_pdbx_validate_rmsd_bond.auth_seq_id_1 
_pdbx_validate_rmsd_bond.PDB_ins_code_1 
_pdbx_validate_rmsd_bond.label_alt_id_1 
_pdbx_validate_rmsd_bond.auth_atom_id_2 
_pdbx_validate_rmsd_bond.auth_asym_id_2 
_pdbx_validate_rmsd_bond.auth_comp_id_2 
_pdbx_validate_rmsd_bond.auth_seq_id_2 
_pdbx_validate_rmsd_bond.PDB_ins_code_2 
_pdbx_validate_rmsd_bond.label_alt_id_2 
_pdbx_validate_rmsd_bond.bond_value 
_pdbx_validate_rmsd_bond.bond_target_value 
_pdbx_validate_rmsd_bond.bond_deviation 
_pdbx_validate_rmsd_bond.bond_standard_deviation 
_pdbx_validate_rmsd_bond.linker_flag 
1 1 N  A PRO 62 ? ? CA A PRO 62 ? ? 1.158 1.468 -0.310 0.017 N 
2 1 CD A PRO 62 ? ? N  A PRO 62 ? ? 1.956 1.474 0.482  0.014 N 
# 
loop_
_pdbx_validate_rmsd_angle.id 
_pdbx_validate_rmsd_angle.PDB_model_num 
_pdbx_validate_rmsd_angle.auth_atom_id_1 
_pdbx_validate_rmsd_angle.auth_asym_id_1 
_pdbx_validate_rmsd_angle.auth_comp_id_1 
_pdbx_validate_rmsd_angle.auth_seq_id_1 
_pdbx_validate_rmsd_angle.PDB_ins_code_1 
_pdbx_validate_rmsd_angle.label_alt_id_1 
_pdbx_validate_rmsd_angle.auth_atom_id_2 
_pdbx_validate_rmsd_angle.auth_asym_id_2 
_pdbx_validate_rmsd_angle.auth_comp_id_2 
_pdbx_validate_rmsd_angle.auth_seq_id_2 
_pdbx_validate_rmsd_angle.PDB_ins_code_2 
_pdbx_validate_rmsd_angle.label_alt_id_2 
_pdbx_validate_rmsd_angle.auth_atom_id_3 
_pdbx_validate_rmsd_angle.auth_asym_id_3 
_pdbx_validate_rmsd_angle.auth_comp_id_3 
_pdbx_validate_rmsd_angle.auth_seq_id_3 
_pdbx_validate_rmsd_angle.PDB_ins_code_3 
_pdbx_validate_rmsd_angle.label_alt_id_3 
_pdbx_validate_rmsd_angle.angle_value 
_pdbx_validate_rmsd_angle.angle_target_value 
_pdbx_validate_rmsd_angle.angle_deviation 
_pdbx_validate_rmsd_angle.angle_standard_deviation 
_pdbx_validate_rmsd_angle.linker_flag 
1  1 NE A ARG 14  ? ? CZ A ARG 14  ? ? NH1 A ARG 14  ? ? 117.19 120.30 -3.11  0.50 N 
2  1 CD A ARG 22  ? ? NE A ARG 22  ? ? CZ  A ARG 22  ? ? 132.11 123.60 8.51   1.40 N 
3  1 NE A ARG 22  ? ? CZ A ARG 22  ? ? NH1 A ARG 22  ? ? 125.88 120.30 5.58   0.50 N 
4  1 NE A ARG 22  ? ? CZ A ARG 22  ? ? NH2 A ARG 22  ? ? 116.61 120.30 -3.69  0.50 N 
5  1 NE A ARG 56  ? ? CZ A ARG 56  ? ? NH1 A ARG 56  ? ? 126.53 120.30 6.23   0.50 N 
6  1 CA A THR 59  ? ? CB A THR 59  ? ? CG2 A THR 59  ? ? 121.84 112.40 9.44   1.40 N 
7  1 C  A PHE 61  ? ? N  A PRO 62  ? ? CA  A PRO 62  ? ? 179.66 127.00 52.66  2.40 Y 
8  1 C  A PHE 61  ? ? N  A PRO 62  ? ? CD  A PRO 62  ? ? 97.26  120.60 -23.34 2.20 Y 
9  1 CA A PRO 62  ? ? N  A PRO 62  ? ? CD  A PRO 62  ? ? 83.07  111.50 -28.43 1.40 N 
10 1 CB A PRO 62  ? ? CA A PRO 62  ? ? C   A PRO 62  ? ? 128.58 112.00 16.58  2.50 N 
11 1 N  A PRO 62  ? ? CA A PRO 62  ? ? CB  A PRO 62  ? ? 140.21 102.60 37.61  1.10 N 
12 1 CA A PRO 62  ? ? CB A PRO 62  ? ? CG  A PRO 62  ? ? 83.03  104.00 -20.97 1.90 N 
13 1 N  A PRO 62  ? ? CA A PRO 62  ? ? C   A PRO 62  ? ? 90.80  112.10 -21.30 2.60 N 
14 1 CD A ARG 70  ? ? NE A ARG 70  ? ? CZ  A ARG 70  ? ? 113.99 123.60 -9.61  1.40 N 
15 1 NE A ARG 70  ? ? CZ A ARG 70  ? ? NH1 A ARG 70  ? ? 116.11 120.30 -4.19  0.50 N 
16 1 NE A ARG 105 ? ? CZ A ARG 105 ? ? NH1 A ARG 105 ? ? 125.48 120.30 5.18   0.50 N 
17 1 NE A ARG 116 ? ? CZ A ARG 116 ? ? NH1 A ARG 116 ? ? 126.26 120.30 5.96   0.50 N 
18 1 NE A ARG 116 ? ? CZ A ARG 116 ? ? NH2 A ARG 116 ? ? 116.96 120.30 -3.34  0.50 N 
19 1 NE A ARG 169 ? ? CZ A ARG 169 ? ? NH1 A ARG 169 ? ? 125.58 120.30 5.28   0.50 N 
# 
loop_
_pdbx_validate_torsion.id 
_pdbx_validate_torsion.PDB_model_num 
_pdbx_validate_torsion.auth_comp_id 
_pdbx_validate_torsion.auth_asym_id 
_pdbx_validate_torsion.auth_seq_id 
_pdbx_validate_torsion.PDB_ins_code 
_pdbx_validate_torsion.label_alt_id 
_pdbx_validate_torsion.phi 
_pdbx_validate_torsion.psi 
1 1 ASP A 65  ? ? -150.22 74.88  
2 1 SER A 162 ? ? -95.84  -60.69 
# 
_pdbx_validate_chiral.id              1 
_pdbx_validate_chiral.PDB_model_num   1 
_pdbx_validate_chiral.auth_atom_id    CA 
_pdbx_validate_chiral.label_alt_id    ? 
_pdbx_validate_chiral.auth_asym_id    A 
_pdbx_validate_chiral.auth_comp_id    PRO 
_pdbx_validate_chiral.auth_seq_id     62 
_pdbx_validate_chiral.PDB_ins_code    ? 
_pdbx_validate_chiral.details         PLANAR 
_pdbx_validate_chiral.omega           . 
# 
loop_
_chem_comp_atom.comp_id 
_chem_comp_atom.atom_id 
_chem_comp_atom.type_symbol 
_chem_comp_atom.pdbx_aromatic_flag 
_chem_comp_atom.pdbx_stereo_config 
_chem_comp_atom.pdbx_ordinal 
ALA N    N N N 1   
ALA CA   C N S 2   
ALA C    C N N 3   
ALA O    O N N 4   
ALA CB   C N N 5   
ALA OXT  O N N 6   
ALA H    H N N 7   
ALA H2   H N N 8   
ALA HA   H N N 9   
ALA HB1  H N N 10  
ALA HB2  H N N 11  
ALA HB3  H N N 12  
ALA HXT  H N N 13  
ARG N    N N N 14  
ARG CA   C N S 15  
ARG C    C N N 16  
ARG O    O N N 17  
ARG CB   C N N 18  
ARG CG   C N N 19  
ARG CD   C N N 20  
ARG NE   N N N 21  
ARG CZ   C N N 22  
ARG NH1  N N N 23  
ARG NH2  N N N 24  
ARG OXT  O N N 25  
ARG H    H N N 26  
ARG H2   H N N 27  
ARG HA   H N N 28  
ARG HB2  H N N 29  
ARG HB3  H N N 30  
ARG HG2  H N N 31  
ARG HG3  H N N 32  
ARG HD2  H N N 33  
ARG HD3  H N N 34  
ARG HE   H N N 35  
ARG HH11 H N N 36  
ARG HH12 H N N 37  
ARG HH21 H N N 38  
ARG HH22 H N N 39  
ARG HXT  H N N 40  
ASN N    N N N 41  
ASN CA   C N S 42  
ASN C    C N N 43  
ASN O    O N N 44  
ASN CB   C N N 45  
ASN CG   C N N 46  
ASN OD1  O N N 47  
ASN ND2  N N N 48  
ASN OXT  O N N 49  
ASN H    H N N 50  
ASN H2   H N N 51  
ASN HA   H N N 52  
ASN HB2  H N N 53  
ASN HB3  H N N 54  
ASN HD21 H N N 55  
ASN HD22 H N N 56  
ASN HXT  H N N 57  
ASP N    N N N 58  
ASP CA   C N S 59  
ASP C    C N N 60  
ASP O    O N N 61  
ASP CB   C N N 62  
ASP CG   C N N 63  
ASP OD1  O N N 64  
ASP OD2  O N N 65  
ASP OXT  O N N 66  
ASP H    H N N 67  
ASP H2   H N N 68  
ASP HA   H N N 69  
ASP HB2  H N N 70  
ASP HB3  H N N 71  
ASP HD2  H N N 72  
ASP HXT  H N N 73  
CYS N    N N N 74  
CYS CA   C N R 75  
CYS C    C N N 76  
CYS O    O N N 77  
CYS CB   C N N 78  
CYS SG   S N N 79  
CYS OXT  O N N 80  
CYS H    H N N 81  
CYS H2   H N N 82  
CYS HA   H N N 83  
CYS HB2  H N N 84  
CYS HB3  H N N 85  
CYS HG   H N N 86  
CYS HXT  H N N 87  
GLN N    N N N 88  
GLN CA   C N S 89  
GLN C    C N N 90  
GLN O    O N N 91  
GLN CB   C N N 92  
GLN CG   C N N 93  
GLN CD   C N N 94  
GLN OE1  O N N 95  
GLN NE2  N N N 96  
GLN OXT  O N N 97  
GLN H    H N N 98  
GLN H2   H N N 99  
GLN HA   H N N 100 
GLN HB2  H N N 101 
GLN HB3  H N N 102 
GLN HG2  H N N 103 
GLN HG3  H N N 104 
GLN HE21 H N N 105 
GLN HE22 H N N 106 
GLN HXT  H N N 107 
GLU N    N N N 108 
GLU CA   C N S 109 
GLU C    C N N 110 
GLU O    O N N 111 
GLU CB   C N N 112 
GLU CG   C N N 113 
GLU CD   C N N 114 
GLU OE1  O N N 115 
GLU OE2  O N N 116 
GLU OXT  O N N 117 
GLU H    H N N 118 
GLU H2   H N N 119 
GLU HA   H N N 120 
GLU HB2  H N N 121 
GLU HB3  H N N 122 
GLU HG2  H N N 123 
GLU HG3  H N N 124 
GLU HE2  H N N 125 
GLU HXT  H N N 126 
GLY N    N N N 127 
GLY CA   C N N 128 
GLY C    C N N 129 
GLY O    O N N 130 
GLY OXT  O N N 131 
GLY H    H N N 132 
GLY H2   H N N 133 
GLY HA2  H N N 134 
GLY HA3  H N N 135 
GLY HXT  H N N 136 
HIS N    N N N 137 
HIS CA   C N S 138 
HIS C    C N N 139 
HIS O    O N N 140 
HIS CB   C N N 141 
HIS CG   C Y N 142 
HIS ND1  N Y N 143 
HIS CD2  C Y N 144 
HIS CE1  C Y N 145 
HIS NE2  N Y N 146 
HIS OXT  O N N 147 
HIS H    H N N 148 
HIS H2   H N N 149 
HIS HA   H N N 150 
HIS HB2  H N N 151 
HIS HB3  H N N 152 
HIS HD1  H N N 153 
HIS HD2  H N N 154 
HIS HE1  H N N 155 
HIS HE2  H N N 156 
HIS HXT  H N N 157 
HOH O    O N N 158 
HOH H1   H N N 159 
HOH H2   H N N 160 
ILE N    N N N 161 
ILE CA   C N S 162 
ILE C    C N N 163 
ILE O    O N N 164 
ILE CB   C N S 165 
ILE CG1  C N N 166 
ILE CG2  C N N 167 
ILE CD1  C N N 168 
ILE OXT  O N N 169 
ILE H    H N N 170 
ILE H2   H N N 171 
ILE HA   H N N 172 
ILE HB   H N N 173 
ILE HG12 H N N 174 
ILE HG13 H N N 175 
ILE HG21 H N N 176 
ILE HG22 H N N 177 
ILE HG23 H N N 178 
ILE HD11 H N N 179 
ILE HD12 H N N 180 
ILE HD13 H N N 181 
ILE HXT  H N N 182 
LEU N    N N N 183 
LEU CA   C N S 184 
LEU C    C N N 185 
LEU O    O N N 186 
LEU CB   C N N 187 
LEU CG   C N N 188 
LEU CD1  C N N 189 
LEU CD2  C N N 190 
LEU OXT  O N N 191 
LEU H    H N N 192 
LEU H2   H N N 193 
LEU HA   H N N 194 
LEU HB2  H N N 195 
LEU HB3  H N N 196 
LEU HG   H N N 197 
LEU HD11 H N N 198 
LEU HD12 H N N 199 
LEU HD13 H N N 200 
LEU HD21 H N N 201 
LEU HD22 H N N 202 
LEU HD23 H N N 203 
LEU HXT  H N N 204 
PHE N    N N N 205 
PHE CA   C N S 206 
PHE C    C N N 207 
PHE O    O N N 208 
PHE CB   C N N 209 
PHE CG   C Y N 210 
PHE CD1  C Y N 211 
PHE CD2  C Y N 212 
PHE CE1  C Y N 213 
PHE CE2  C Y N 214 
PHE CZ   C Y N 215 
PHE OXT  O N N 216 
PHE H    H N N 217 
PHE H2   H N N 218 
PHE HA   H N N 219 
PHE HB2  H N N 220 
PHE HB3  H N N 221 
PHE HD1  H N N 222 
PHE HD2  H N N 223 
PHE HE1  H N N 224 
PHE HE2  H N N 225 
PHE HZ   H N N 226 
PHE HXT  H N N 227 
PRO N    N N N 228 
PRO CA   C N S 229 
PRO C    C N N 230 
PRO O    O N N 231 
PRO CB   C N N 232 
PRO CG   C N N 233 
PRO CD   C N N 234 
PRO OXT  O N N 235 
PRO H    H N N 236 
PRO HA   H N N 237 
PRO HB2  H N N 238 
PRO HB3  H N N 239 
PRO HG2  H N N 240 
PRO HG3  H N N 241 
PRO HD2  H N N 242 
PRO HD3  H N N 243 
PRO HXT  H N N 244 
SER N    N N N 245 
SER CA   C N S 246 
SER C    C N N 247 
SER O    O N N 248 
SER CB   C N N 249 
SER OG   O N N 250 
SER OXT  O N N 251 
SER H    H N N 252 
SER H2   H N N 253 
SER HA   H N N 254 
SER HB2  H N N 255 
SER HB3  H N N 256 
SER HG   H N N 257 
SER HXT  H N N 258 
THR N    N N N 259 
THR CA   C N S 260 
THR C    C N N 261 
THR O    O N N 262 
THR CB   C N R 263 
THR OG1  O N N 264 
THR CG2  C N N 265 
THR OXT  O N N 266 
THR H    H N N 267 
THR H2   H N N 268 
THR HA   H N N 269 
THR HB   H N N 270 
THR HG1  H N N 271 
THR HG21 H N N 272 
THR HG22 H N N 273 
THR HG23 H N N 274 
THR HXT  H N N 275 
TRP N    N N N 276 
TRP CA   C N S 277 
TRP C    C N N 278 
TRP O    O N N 279 
TRP CB   C N N 280 
TRP CG   C Y N 281 
TRP CD1  C Y N 282 
TRP CD2  C Y N 283 
TRP NE1  N Y N 284 
TRP CE2  C Y N 285 
TRP CE3  C Y N 286 
TRP CZ2  C Y N 287 
TRP CZ3  C Y N 288 
TRP CH2  C Y N 289 
TRP OXT  O N N 290 
TRP H    H N N 291 
TRP H2   H N N 292 
TRP HA   H N N 293 
TRP HB2  H N N 294 
TRP HB3  H N N 295 
TRP HD1  H N N 296 
TRP HE1  H N N 297 
TRP HE3  H N N 298 
TRP HZ2  H N N 299 
TRP HZ3  H N N 300 
TRP HH2  H N N 301 
TRP HXT  H N N 302 
TYR N    N N N 303 
TYR CA   C N S 304 
TYR C    C N N 305 
TYR O    O N N 306 
TYR CB   C N N 307 
TYR CG   C Y N 308 
TYR CD1  C Y N 309 
TYR CD2  C Y N 310 
TYR CE1  C Y N 311 
TYR CE2  C Y N 312 
TYR CZ   C Y N 313 
TYR OH   O N N 314 
TYR OXT  O N N 315 
TYR H    H N N 316 
TYR H2   H N N 317 
TYR HA   H N N 318 
TYR HB2  H N N 319 
TYR HB3  H N N 320 
TYR HD1  H N N 321 
TYR HD2  H N N 322 
TYR HE1  H N N 323 
TYR HE2  H N N 324 
TYR HH   H N N 325 
TYR HXT  H N N 326 
VAL N    N N N 327 
VAL CA   C N S 328 
VAL C    C N N 329 
VAL O    O N N 330 
VAL CB   C N N 331 
VAL CG1  C N N 332 
VAL CG2  C N N 333 
VAL OXT  O N N 334 
VAL H    H N N 335 
VAL H2   H N N 336 
VAL HA   H N N 337 
VAL HB   H N N 338 
VAL HG11 H N N 339 
VAL HG12 H N N 340 
VAL HG13 H N N 341 
VAL HG21 H N N 342 
VAL HG22 H N N 343 
VAL HG23 H N N 344 
VAL HXT  H N N 345 
# 
loop_
_chem_comp_bond.comp_id 
_chem_comp_bond.atom_id_1 
_chem_comp_bond.atom_id_2 
_chem_comp_bond.value_order 
_chem_comp_bond.pdbx_aromatic_flag 
_chem_comp_bond.pdbx_stereo_config 
_chem_comp_bond.pdbx_ordinal 
ALA N   CA   sing N N 1   
ALA N   H    sing N N 2   
ALA N   H2   sing N N 3   
ALA CA  C    sing N N 4   
ALA CA  CB   sing N N 5   
ALA CA  HA   sing N N 6   
ALA C   O    doub N N 7   
ALA C   OXT  sing N N 8   
ALA CB  HB1  sing N N 9   
ALA CB  HB2  sing N N 10  
ALA CB  HB3  sing N N 11  
ALA OXT HXT  sing N N 12  
ARG N   CA   sing N N 13  
ARG N   H    sing N N 14  
ARG N   H2   sing N N 15  
ARG CA  C    sing N N 16  
ARG CA  CB   sing N N 17  
ARG CA  HA   sing N N 18  
ARG C   O    doub N N 19  
ARG C   OXT  sing N N 20  
ARG CB  CG   sing N N 21  
ARG CB  HB2  sing N N 22  
ARG CB  HB3  sing N N 23  
ARG CG  CD   sing N N 24  
ARG CG  HG2  sing N N 25  
ARG CG  HG3  sing N N 26  
ARG CD  NE   sing N N 27  
ARG CD  HD2  sing N N 28  
ARG CD  HD3  sing N N 29  
ARG NE  CZ   sing N N 30  
ARG NE  HE   sing N N 31  
ARG CZ  NH1  sing N N 32  
ARG CZ  NH2  doub N N 33  
ARG NH1 HH11 sing N N 34  
ARG NH1 HH12 sing N N 35  
ARG NH2 HH21 sing N N 36  
ARG NH2 HH22 sing N N 37  
ARG OXT HXT  sing N N 38  
ASN N   CA   sing N N 39  
ASN N   H    sing N N 40  
ASN N   H2   sing N N 41  
ASN CA  C    sing N N 42  
ASN CA  CB   sing N N 43  
ASN CA  HA   sing N N 44  
ASN C   O    doub N N 45  
ASN C   OXT  sing N N 46  
ASN CB  CG   sing N N 47  
ASN CB  HB2  sing N N 48  
ASN CB  HB3  sing N N 49  
ASN CG  OD1  doub N N 50  
ASN CG  ND2  sing N N 51  
ASN ND2 HD21 sing N N 52  
ASN ND2 HD22 sing N N 53  
ASN OXT HXT  sing N N 54  
ASP N   CA   sing N N 55  
ASP N   H    sing N N 56  
ASP N   H2   sing N N 57  
ASP CA  C    sing N N 58  
ASP CA  CB   sing N N 59  
ASP CA  HA   sing N N 60  
ASP C   O    doub N N 61  
ASP C   OXT  sing N N 62  
ASP CB  CG   sing N N 63  
ASP CB  HB2  sing N N 64  
ASP CB  HB3  sing N N 65  
ASP CG  OD1  doub N N 66  
ASP CG  OD2  sing N N 67  
ASP OD2 HD2  sing N N 68  
ASP OXT HXT  sing N N 69  
CYS N   CA   sing N N 70  
CYS N   H    sing N N 71  
CYS N   H2   sing N N 72  
CYS CA  C    sing N N 73  
CYS CA  CB   sing N N 74  
CYS CA  HA   sing N N 75  
CYS C   O    doub N N 76  
CYS C   OXT  sing N N 77  
CYS CB  SG   sing N N 78  
CYS CB  HB2  sing N N 79  
CYS CB  HB3  sing N N 80  
CYS SG  HG   sing N N 81  
CYS OXT HXT  sing N N 82  
GLN N   CA   sing N N 83  
GLN N   H    sing N N 84  
GLN N   H2   sing N N 85  
GLN CA  C    sing N N 86  
GLN CA  CB   sing N N 87  
GLN CA  HA   sing N N 88  
GLN C   O    doub N N 89  
GLN C   OXT  sing N N 90  
GLN CB  CG   sing N N 91  
GLN CB  HB2  sing N N 92  
GLN CB  HB3  sing N N 93  
GLN CG  CD   sing N N 94  
GLN CG  HG2  sing N N 95  
GLN CG  HG3  sing N N 96  
GLN CD  OE1  doub N N 97  
GLN CD  NE2  sing N N 98  
GLN NE2 HE21 sing N N 99  
GLN NE2 HE22 sing N N 100 
GLN OXT HXT  sing N N 101 
GLU N   CA   sing N N 102 
GLU N   H    sing N N 103 
GLU N   H2   sing N N 104 
GLU CA  C    sing N N 105 
GLU CA  CB   sing N N 106 
GLU CA  HA   sing N N 107 
GLU C   O    doub N N 108 
GLU C   OXT  sing N N 109 
GLU CB  CG   sing N N 110 
GLU CB  HB2  sing N N 111 
GLU CB  HB3  sing N N 112 
GLU CG  CD   sing N N 113 
GLU CG  HG2  sing N N 114 
GLU CG  HG3  sing N N 115 
GLU CD  OE1  doub N N 116 
GLU CD  OE2  sing N N 117 
GLU OE2 HE2  sing N N 118 
GLU OXT HXT  sing N N 119 
GLY N   CA   sing N N 120 
GLY N   H    sing N N 121 
GLY N   H2   sing N N 122 
GLY CA  C    sing N N 123 
GLY CA  HA2  sing N N 124 
GLY CA  HA3  sing N N 125 
GLY C   O    doub N N 126 
GLY C   OXT  sing N N 127 
GLY OXT HXT  sing N N 128 
HIS N   CA   sing N N 129 
HIS N   H    sing N N 130 
HIS N   H2   sing N N 131 
HIS CA  C    sing N N 132 
HIS CA  CB   sing N N 133 
HIS CA  HA   sing N N 134 
HIS C   O    doub N N 135 
HIS C   OXT  sing N N 136 
HIS CB  CG   sing N N 137 
HIS CB  HB2  sing N N 138 
HIS CB  HB3  sing N N 139 
HIS CG  ND1  sing Y N 140 
HIS CG  CD2  doub Y N 141 
HIS ND1 CE1  doub Y N 142 
HIS ND1 HD1  sing N N 143 
HIS CD2 NE2  sing Y N 144 
HIS CD2 HD2  sing N N 145 
HIS CE1 NE2  sing Y N 146 
HIS CE1 HE1  sing N N 147 
HIS NE2 HE2  sing N N 148 
HIS OXT HXT  sing N N 149 
HOH O   H1   sing N N 150 
HOH O   H2   sing N N 151 
ILE N   CA   sing N N 152 
ILE N   H    sing N N 153 
ILE N   H2   sing N N 154 
ILE CA  C    sing N N 155 
ILE CA  CB   sing N N 156 
ILE CA  HA   sing N N 157 
ILE C   O    doub N N 158 
ILE C   OXT  sing N N 159 
ILE CB  CG1  sing N N 160 
ILE CB  CG2  sing N N 161 
ILE CB  HB   sing N N 162 
ILE CG1 CD1  sing N N 163 
ILE CG1 HG12 sing N N 164 
ILE CG1 HG13 sing N N 165 
ILE CG2 HG21 sing N N 166 
ILE CG2 HG22 sing N N 167 
ILE CG2 HG23 sing N N 168 
ILE CD1 HD11 sing N N 169 
ILE CD1 HD12 sing N N 170 
ILE CD1 HD13 sing N N 171 
ILE OXT HXT  sing N N 172 
LEU N   CA   sing N N 173 
LEU N   H    sing N N 174 
LEU N   H2   sing N N 175 
LEU CA  C    sing N N 176 
LEU CA  CB   sing N N 177 
LEU CA  HA   sing N N 178 
LEU C   O    doub N N 179 
LEU C   OXT  sing N N 180 
LEU CB  CG   sing N N 181 
LEU CB  HB2  sing N N 182 
LEU CB  HB3  sing N N 183 
LEU CG  CD1  sing N N 184 
LEU CG  CD2  sing N N 185 
LEU CG  HG   sing N N 186 
LEU CD1 HD11 sing N N 187 
LEU CD1 HD12 sing N N 188 
LEU CD1 HD13 sing N N 189 
LEU CD2 HD21 sing N N 190 
LEU CD2 HD22 sing N N 191 
LEU CD2 HD23 sing N N 192 
LEU OXT HXT  sing N N 193 
PHE N   CA   sing N N 194 
PHE N   H    sing N N 195 
PHE N   H2   sing N N 196 
PHE CA  C    sing N N 197 
PHE CA  CB   sing N N 198 
PHE CA  HA   sing N N 199 
PHE C   O    doub N N 200 
PHE C   OXT  sing N N 201 
PHE CB  CG   sing N N 202 
PHE CB  HB2  sing N N 203 
PHE CB  HB3  sing N N 204 
PHE CG  CD1  doub Y N 205 
PHE CG  CD2  sing Y N 206 
PHE CD1 CE1  sing Y N 207 
PHE CD1 HD1  sing N N 208 
PHE CD2 CE2  doub Y N 209 
PHE CD2 HD2  sing N N 210 
PHE CE1 CZ   doub Y N 211 
PHE CE1 HE1  sing N N 212 
PHE CE2 CZ   sing Y N 213 
PHE CE2 HE2  sing N N 214 
PHE CZ  HZ   sing N N 215 
PHE OXT HXT  sing N N 216 
PRO N   CA   sing N N 217 
PRO N   CD   sing N N 218 
PRO N   H    sing N N 219 
PRO CA  C    sing N N 220 
PRO CA  CB   sing N N 221 
PRO CA  HA   sing N N 222 
PRO C   O    doub N N 223 
PRO C   OXT  sing N N 224 
PRO CB  CG   sing N N 225 
PRO CB  HB2  sing N N 226 
PRO CB  HB3  sing N N 227 
PRO CG  CD   sing N N 228 
PRO CG  HG2  sing N N 229 
PRO CG  HG3  sing N N 230 
PRO CD  HD2  sing N N 231 
PRO CD  HD3  sing N N 232 
PRO OXT HXT  sing N N 233 
SER N   CA   sing N N 234 
SER N   H    sing N N 235 
SER N   H2   sing N N 236 
SER CA  C    sing N N 237 
SER CA  CB   sing N N 238 
SER CA  HA   sing N N 239 
SER C   O    doub N N 240 
SER C   OXT  sing N N 241 
SER CB  OG   sing N N 242 
SER CB  HB2  sing N N 243 
SER CB  HB3  sing N N 244 
SER OG  HG   sing N N 245 
SER OXT HXT  sing N N 246 
THR N   CA   sing N N 247 
THR N   H    sing N N 248 
THR N   H2   sing N N 249 
THR CA  C    sing N N 250 
THR CA  CB   sing N N 251 
THR CA  HA   sing N N 252 
THR C   O    doub N N 253 
THR C   OXT  sing N N 254 
THR CB  OG1  sing N N 255 
THR CB  CG2  sing N N 256 
THR CB  HB   sing N N 257 
THR OG1 HG1  sing N N 258 
THR CG2 HG21 sing N N 259 
THR CG2 HG22 sing N N 260 
THR CG2 HG23 sing N N 261 
THR OXT HXT  sing N N 262 
TRP N   CA   sing N N 263 
TRP N   H    sing N N 264 
TRP N   H2   sing N N 265 
TRP CA  C    sing N N 266 
TRP CA  CB   sing N N 267 
TRP CA  HA   sing N N 268 
TRP C   O    doub N N 269 
TRP C   OXT  sing N N 270 
TRP CB  CG   sing N N 271 
TRP CB  HB2  sing N N 272 
TRP CB  HB3  sing N N 273 
TRP CG  CD1  doub Y N 274 
TRP CG  CD2  sing Y N 275 
TRP CD1 NE1  sing Y N 276 
TRP CD1 HD1  sing N N 277 
TRP CD2 CE2  doub Y N 278 
TRP CD2 CE3  sing Y N 279 
TRP NE1 CE2  sing Y N 280 
TRP NE1 HE1  sing N N 281 
TRP CE2 CZ2  sing Y N 282 
TRP CE3 CZ3  doub Y N 283 
TRP CE3 HE3  sing N N 284 
TRP CZ2 CH2  doub Y N 285 
TRP CZ2 HZ2  sing N N 286 
TRP CZ3 CH2  sing Y N 287 
TRP CZ3 HZ3  sing N N 288 
TRP CH2 HH2  sing N N 289 
TRP OXT HXT  sing N N 290 
TYR N   CA   sing N N 291 
TYR N   H    sing N N 292 
TYR N   H2   sing N N 293 
TYR CA  C    sing N N 294 
TYR CA  CB   sing N N 295 
TYR CA  HA   sing N N 296 
TYR C   O    doub N N 297 
TYR C   OXT  sing N N 298 
TYR CB  CG   sing N N 299 
TYR CB  HB2  sing N N 300 
TYR CB  HB3  sing N N 301 
TYR CG  CD1  doub Y N 302 
TYR CG  CD2  sing Y N 303 
TYR CD1 CE1  sing Y N 304 
TYR CD1 HD1  sing N N 305 
TYR CD2 CE2  doub Y N 306 
TYR CD2 HD2  sing N N 307 
TYR CE1 CZ   doub Y N 308 
TYR CE1 HE1  sing N N 309 
TYR CE2 CZ   sing Y N 310 
TYR CE2 HE2  sing N N 311 
TYR CZ  OH   sing N N 312 
TYR OH  HH   sing N N 313 
TYR OXT HXT  sing N N 314 
VAL N   CA   sing N N 315 
VAL N   H    sing N N 316 
VAL N   H2   sing N N 317 
VAL CA  C    sing N N 318 
VAL CA  CB   sing N N 319 
VAL CA  HA   sing N N 320 
VAL C   O    doub N N 321 
VAL C   OXT  sing N N 322 
VAL CB  CG1  sing N N 323 
VAL CB  CG2  sing N N 324 
VAL CB  HB   sing N N 325 
VAL CG1 HG11 sing N N 326 
VAL CG1 HG12 sing N N 327 
VAL CG1 HG13 sing N N 328 
VAL CG2 HG21 sing N N 329 
VAL CG2 HG22 sing N N 330 
VAL CG2 HG23 sing N N 331 
VAL OXT HXT  sing N N 332 
# 
_atom_sites.entry_id                    2SFA 
_atom_sites.fract_transf_matrix[1][1]   0.00526072 
_atom_sites.fract_transf_matrix[1][2]   0.00240713 
_atom_sites.fract_transf_matrix[1][3]   0.01327625 
_atom_sites.fract_transf_matrix[2][1]   0.01218739 
_atom_sites.fract_transf_matrix[2][2]   0.00330191 
_atom_sites.fract_transf_matrix[2][3]   -0.00542793 
_atom_sites.fract_transf_matrix[3][1]   -0.00958058 
_atom_sites.fract_transf_matrix[3][2]   0.03205008 
_atom_sites.fract_transf_matrix[3][3]   -0.00201473 
_atom_sites.fract_transf_vector[1]      0.082306 
_atom_sites.fract_transf_vector[2]      0.174623 
_atom_sites.fract_transf_vector[3]      0.077802 
# 
loop_
_atom_type.symbol 
C 
N 
O 
S 
# 
loop_
_atom_site.group_PDB 
_atom_site.id 
_atom_site.type_symbol 
_atom_site.label_atom_id 
_atom_site.label_alt_id 
_atom_site.label_comp_id 
_atom_site.label_asym_id 
_atom_site.label_entity_id 
_atom_site.label_seq_id 
_atom_site.pdbx_PDB_ins_code 
_atom_site.Cartn_x 
_atom_site.Cartn_y 
_atom_site.Cartn_z 
_atom_site.occupancy 
_atom_site.B_iso_or_equiv 
_atom_site.pdbx_formal_charge 
_atom_site.auth_seq_id 
_atom_site.auth_comp_id 
_atom_site.auth_asym_id 
_atom_site.auth_atom_id 
_atom_site.pdbx_PDB_model_num 
ATOM   1    N N   . ILE A 1 1   ? 4.368   12.700  4.560   1.00 10.70 ? 1   ILE A N   1 
ATOM   2    C CA  . ILE A 1 1   ? 3.371   11.989  3.715   1.00 10.00 ? 1   ILE A CA  1 
ATOM   3    C C   . ILE A 1 1   ? 2.818   10.815  4.527   1.00 9.50  ? 1   ILE A C   1 
ATOM   4    O O   . ILE A 1 1   ? 3.560   10.100  5.230   1.00 9.30  ? 1   ILE A O   1 
ATOM   5    C CB  . ILE A 1 1   ? 4.033   11.620  2.336   1.00 10.60 ? 1   ILE A CB  1 
ATOM   6    C CG1 . ILE A 1 1   ? 2.933   11.096  1.380   1.00 10.60 ? 1   ILE A CG1 1 
ATOM   7    C CG2 . ILE A 1 1   ? 5.273   10.682  2.490   1.00 10.30 ? 1   ILE A CG2 1 
ATOM   8    C CD1 . ILE A 1 1   ? 3.294   10.775  -0.091  1.00 10.50 ? 1   ILE A CD1 1 
ATOM   9    N N   . ALA A 1 2   ? 1.499   10.665  4.421   1.00 8.30  ? 2   ALA A N   1 
ATOM   10   C CA  . ALA A 1 2   ? 0.818   9.587   5.170   1.00 7.90  ? 2   ALA A CA  1 
ATOM   11   C C   . ALA A 1 2   ? 0.376   8.466   4.252   1.00 7.70  ? 2   ALA A C   1 
ATOM   12   O O   . ALA A 1 2   ? 0.362   8.617   3.010   1.00 6.80  ? 2   ALA A O   1 
ATOM   13   C CB  . ALA A 1 2   ? -0.347  10.260  5.927   1.00 7.50  ? 2   ALA A CB  1 
ATOM   14   N N   . GLY A 1 3   ? -0.058  7.350   4.883   1.00 7.40  ? 3   GLY A N   1 
ATOM   15   C CA  . GLY A 1 3   ? -0.554  6.159   4.153   1.00 7.00  ? 3   GLY A CA  1 
ATOM   16   C C   . GLY A 1 3   ? -1.768  6.574   3.325   1.00 6.90  ? 3   GLY A C   1 
ATOM   17   O O   . GLY A 1 3   ? -2.521  7.428   3.794   1.00 7.40  ? 3   GLY A O   1 
ATOM   18   N N   . GLY A 1 4   ? -1.925  6.049   2.116   1.00 6.20  ? 4   GLY A N   1 
ATOM   19   C CA  . GLY A 1 4   ? -3.038  6.387   1.284   1.00 6.00  ? 4   GLY A CA  1 
ATOM   20   C C   . GLY A 1 4   ? -2.784  7.477   0.281   1.00 6.00  ? 4   GLY A C   1 
ATOM   21   O O   . GLY A 1 4   ? -3.489  7.533   -0.757  1.00 6.70  ? 4   GLY A O   1 
ATOM   22   N N   . GLU A 1 5   ? -1.818  8.334   0.561   1.00 6.80  ? 5   GLU A N   1 
ATOM   23   C CA  . GLU A 1 5   ? -1.467  9.463   -0.362  1.00 6.70  ? 5   GLU A CA  1 
ATOM   24   C C   . GLU A 1 5   ? -0.660  9.052   -1.583  1.00 7.10  ? 5   GLU A C   1 
ATOM   25   O O   . GLU A 1 5   ? 0.088   8.054   -1.588  1.00 7.30  ? 5   GLU A O   1 
ATOM   26   C CB  . GLU A 1 5   ? -0.745  10.583  0.388   1.00 6.50  ? 5   GLU A CB  1 
ATOM   27   C CG  . GLU A 1 5   ? -1.667  11.212  1.466   1.00 8.30  ? 5   GLU A CG  1 
ATOM   28   C CD  . GLU A 1 5   ? -1.036  12.365  2.194   1.00 10.00 ? 5   GLU A CD  1 
ATOM   29   O OE1 . GLU A 1 5   ? -0.156  12.252  3.028   1.00 11.50 ? 5   GLU A OE1 1 
ATOM   30   O OE2 . GLU A 1 5   ? -1.464  13.492  1.889   1.00 11.30 ? 5   GLU A OE2 1 
ATOM   31   N N   . ALA A 1 6   ? -0.826  9.815   -2.649  1.00 7.10  ? 6   ALA A N   1 
ATOM   32   C CA  . ALA A 1 6   ? -0.191  9.541   -3.937  1.00 7.60  ? 6   ALA A CA  1 
ATOM   33   C C   . ALA A 1 6   ? 1.350   9.651   -3.916  1.00 8.10  ? 6   ALA A C   1 
ATOM   34   O O   . ALA A 1 6   ? 1.934   10.506  -3.222  1.00 7.90  ? 6   ALA A O   1 
ATOM   35   C CB  . ALA A 1 6   ? -0.807  10.404  -5.052  1.00 8.10  ? 6   ALA A CB  1 
ATOM   36   N N   . ILE A 1 7   ? 1.948   8.738   -4.676  1.00 7.60  ? 7   ILE A N   1 
ATOM   37   C CA  . ILE A 1 7   ? 3.409   8.700   -4.910  1.00 8.50  ? 7   ILE A CA  1 
ATOM   38   C C   . ILE A 1 7   ? 3.557   8.606   -6.449  1.00 8.60  ? 7   ILE A C   1 
ATOM   39   O O   . ILE A 1 7   ? 2.747   7.963   -7.144  1.00 7.90  ? 7   ILE A O   1 
ATOM   40   C CB  . ILE A 1 7   ? 4.147   7.631   -4.071  1.00 8.90  ? 7   ILE A CB  1 
ATOM   41   C CG1 . ILE A 1 7   ? 3.547   6.242   -4.400  1.00 9.00  ? 7   ILE A CG1 1 
ATOM   42   C CG2 . ILE A 1 7   ? 4.119   8.025   -2.578  1.00 7.90  ? 7   ILE A CG2 1 
ATOM   43   C CD1 . ILE A 1 7   ? 4.416   5.048   -3.986  1.00 9.60  ? 7   ILE A CD1 1 
ATOM   44   N N   . TYR A 1 8   ? 4.560   9.369   -6.946  1.00 8.40  ? 8   TYR A N   1 
ATOM   45   C CA  . TYR A 1 8   ? 4.731   9.441   -8.408  1.00 8.80  ? 8   TYR A CA  1 
ATOM   46   C C   . TYR A 1 8   ? 6.146   9.003   -8.850  1.00 9.20  ? 8   TYR A C   1 
ATOM   47   O O   . TYR A 1 8   ? 7.144   9.464   -8.262  1.00 9.40  ? 8   TYR A O   1 
ATOM   48   C CB  . TYR A 1 8   ? 4.550   10.893  -8.858  1.00 8.90  ? 8   TYR A CB  1 
ATOM   49   C CG  . TYR A 1 8   ? 3.151   11.430  -8.616  1.00 9.60  ? 8   TYR A CG  1 
ATOM   50   C CD1 . TYR A 1 8   ? 2.781   12.034  -7.423  1.00 9.90  ? 8   TYR A CD1 1 
ATOM   51   C CD2 . TYR A 1 8   ? 2.232   11.355  -9.647  1.00 9.60  ? 8   TYR A CD2 1 
ATOM   52   C CE1 . TYR A 1 8   ? 1.503   12.546  -7.231  1.00 10.20 ? 8   TYR A CE1 1 
ATOM   53   C CE2 . TYR A 1 8   ? 0.943   11.847  -9.460  1.00 10.00 ? 8   TYR A CE2 1 
ATOM   54   C CZ  . TYR A 1 8   ? 0.603   12.435  -8.279  1.00 10.00 ? 8   TYR A CZ  1 
ATOM   55   O OH  . TYR A 1 8   ? -0.666  12.917  -8.103  1.00 12.00 ? 8   TYR A OH  1 
ATOM   56   N N   . ALA A 1 9   ? 6.120   8.173   -9.872  1.00 8.90  ? 9   ALA A N   1 
ATOM   57   C CA  . ALA A 1 9   ? 7.390   7.625   -10.408 1.00 10.00 ? 9   ALA A CA  1 
ATOM   58   C C   . ALA A 1 9   ? 8.011   8.649   -11.374 1.00 11.00 ? 9   ALA A C   1 
ATOM   59   O O   . ALA A 1 9   ? 7.283   9.271   -12.144 1.00 10.90 ? 9   ALA A O   1 
ATOM   60   C CB  . ALA A 1 9   ? 7.095   6.315   -11.132 1.00 8.90  ? 9   ALA A CB  1 
ATOM   61   N N   . ALA A 1 10  ? 9.339   8.741   -11.319 1.00 11.80 ? 10  ALA A N   1 
ATOM   62   C CA  . ALA A 1 10  ? 10.070  9.621   -12.261 1.00 13.20 ? 10  ALA A CA  1 
ATOM   63   C C   . ALA A 1 10  ? 9.697   9.230   -13.696 1.00 14.20 ? 10  ALA A C   1 
ATOM   64   O O   . ALA A 1 10  ? 9.842   8.042   -14.041 1.00 14.20 ? 10  ALA A O   1 
ATOM   65   C CB  . ALA A 1 10  ? 11.573  9.392   -12.049 1.00 13.70 ? 10  ALA A CB  1 
ATOM   66   N N   . GLY A 1 11  ? 9.209   10.169  -14.488 1.00 15.40 ? 11  GLY A N   1 
ATOM   67   C CA  . GLY A 1 11  ? 8.830   9.876   -15.889 1.00 17.20 ? 11  GLY A CA  1 
ATOM   68   C C   . GLY A 1 11  ? 7.463   9.228   -16.035 1.00 17.80 ? 11  GLY A C   1 
ATOM   69   O O   . GLY A 1 11  ? 7.179   8.576   -17.067 1.00 19.50 ? 11  GLY A O   1 
ATOM   70   N N   . GLY A 1 12  ? 6.596   9.375   -15.053 1.00 17.90 ? 12  GLY A N   1 
ATOM   71   C CA  . GLY A 1 12  ? 5.237   8.834   -15.124 1.00 17.80 ? 12  GLY A CA  1 
ATOM   72   C C   . GLY A 1 12  ? 4.972   7.564   -14.345 1.00 17.20 ? 12  GLY A C   1 
ATOM   73   O O   . GLY A 1 12  ? 5.820   6.666   -14.186 1.00 18.20 ? 12  GLY A O   1 
ATOM   74   N N   . GLY A 1 13  ? 3.720   7.506   -13.885 1.00 17.20 ? 13  GLY A N   1 
ATOM   75   C CA  . GLY A 1 13  ? 3.168   6.396   -13.075 1.00 15.40 ? 13  GLY A CA  1 
ATOM   76   C C   . GLY A 1 13  ? 2.844   6.926   -11.664 1.00 13.60 ? 13  GLY A C   1 
ATOM   77   O O   . GLY A 1 13  ? 3.628   7.640   -11.014 1.00 13.70 ? 13  GLY A O   1 
ATOM   78   N N   . ARG A 1 14  ? 1.622   6.594   -11.228 1.00 12.00 ? 14  ARG A N   1 
ATOM   79   C CA  . ARG A 1 14  ? 1.148   6.977   -9.889  1.00 10.10 ? 14  ARG A CA  1 
ATOM   80   C C   . ARG A 1 14  ? 0.717   5.737   -9.089  1.00 9.10  ? 14  ARG A C   1 
ATOM   81   O O   . ARG A 1 14  ? 0.082   4.814   -9.640  1.00 8.70  ? 14  ARG A O   1 
ATOM   82   C CB  . ARG A 1 14  ? -0.048  7.947   -9.954  1.00 10.60 ? 14  ARG A CB  1 
ATOM   83   C CG  . ARG A 1 14  ? -0.530  8.390   -8.570  1.00 11.90 ? 14  ARG A CG  1 
ATOM   84   C CD  . ARG A 1 14  ? -1.580  9.435   -8.605  1.00 13.00 ? 14  ARG A CD  1 
ATOM   85   N NE  . ARG A 1 14  ? -2.645  9.183   -9.575  1.00 14.30 ? 14  ARG A NE  1 
ATOM   86   C CZ  . ARG A 1 14  ? -3.763  8.472   -9.285  1.00 14.30 ? 14  ARG A CZ  1 
ATOM   87   N NH1 . ARG A 1 14  ? -3.912  8.058   -8.024  1.00 13.70 ? 14  ARG A NH1 1 
ATOM   88   N NH2 . ARG A 1 14  ? -4.616  8.181   -10.280 1.00 13.90 ? 14  ARG A NH2 1 
ATOM   89   N N   . CYS A 1 15  ? 1.048   5.735   -7.830  1.00 7.80  ? 15  CYS A N   1 
ATOM   90   C CA  . CYS A 1 15  ? 0.566   4.637   -6.941  1.00 7.40  ? 15  CYS A CA  1 
ATOM   91   C C   . CYS A 1 15  ? 0.163   5.351   -5.649  1.00 6.10  ? 15  CYS A C   1 
ATOM   92   O O   . CYS A 1 15  ? 0.073   6.582   -5.686  1.00 5.20  ? 15  CYS A O   1 
ATOM   93   C CB  . CYS A 1 15  ? 1.607   3.575   -6.724  1.00 8.80  ? 15  CYS A CB  1 
ATOM   94   S SG  . CYS A 1 15  ? 1.790   2.497   -8.168  1.00 10.70 ? 15  CYS A SG  1 
ATOM   95   N N   . SER A 1 16  ? -0.021  4.571   -4.617  1.00 5.80  ? 16  SER A N   1 
ATOM   96   C CA  . SER A 1 16  ? -0.322  5.144   -3.276  1.00 6.10  ? 16  SER A CA  1 
ATOM   97   C C   . SER A 1 16  ? 0.705   4.640   -2.260  1.00 6.20  ? 16  SER A C   1 
ATOM   98   O O   . SER A 1 16  ? 1.134   3.459   -2.441  1.00 7.10  ? 16  SER A O   1 
ATOM   99   C CB  . SER A 1 16  ? -1.742  4.780   -2.848  1.00 6.50  ? 16  SER A CB  1 
ATOM   100  O OG  . SER A 1 16  ? -2.688  5.284   -3.801  1.00 6.60  ? 16  SER A OG  1 
ATOM   101  N N   . LEU A 1 17  ? 1.007   5.399   -1.235  1.00 5.70  ? 17  LEU A N   1 
ATOM   102  C CA  . LEU A 1 17  ? 1.898   4.954   -0.156  1.00 6.30  ? 17  LEU A CA  1 
ATOM   103  C C   . LEU A 1 17  ? 1.048   4.024   0.753   1.00 6.50  ? 17  LEU A C   1 
ATOM   104  O O   . LEU A 1 17  ? -0.151  4.342   0.982   1.00 6.40  ? 17  LEU A O   1 
ATOM   105  C CB  . LEU A 1 17  ? 2.437   6.158   0.623   1.00 7.60  ? 17  LEU A CB  1 
ATOM   106  C CG  . LEU A 1 17  ? 3.600   5.897   1.589   1.00 8.70  ? 17  LEU A CG  1 
ATOM   107  C CD1 . LEU A 1 17  ? 4.483   7.140   1.711   1.00 10.10 ? 17  LEU A CD1 1 
ATOM   108  C CD2 . LEU A 1 17  ? 3.118   5.562   2.984   1.00 9.60  ? 17  LEU A CD2 1 
ATOM   109  N N   . GLY A 1 18  ? 1.662   2.983   1.246   1.00 5.70  ? 18  GLY A N   1 
ATOM   110  C CA  . GLY A 1 18  ? 0.981   2.006   2.138   1.00 5.50  ? 18  GLY A CA  1 
ATOM   111  C C   . GLY A 1 18  ? 1.118   2.499   3.571   1.00 6.30  ? 18  GLY A C   1 
ATOM   112  O O   . GLY A 1 18  ? 0.170   3.066   4.122   1.00 6.30  ? 18  GLY A O   1 
ATOM   113  N N   . PHE A 1 19  ? 2.312   2.252   4.113   1.00 6.30  ? 19  PHE A N   1 
ATOM   114  C CA  . PHE A 1 19  ? 2.645   2.665   5.476   1.00 7.70  ? 19  PHE A CA  1 
ATOM   115  C C   . PHE A 1 19  ? 4.152   3.071   5.533   1.00 8.00  ? 19  PHE A C   1 
ATOM   116  O O   . PHE A 1 19  ? 4.970   2.471   4.808   1.00 7.70  ? 19  PHE A O   1 
ATOM   117  C CB  . PHE A 1 19  ? 2.392   1.544   6.529   1.00 8.50  ? 19  PHE A CB  1 
ATOM   118  C CG  . PHE A 1 19  ? 1.048   0.889   6.421   1.00 9.30  ? 19  PHE A CG  1 
ATOM   119  C CD1 . PHE A 1 19  ? -0.057  1.487   7.091   1.00 9.80  ? 19  PHE A CD1 1 
ATOM   120  C CD2 . PHE A 1 19  ? 0.851   -0.290  5.701   1.00 9.30  ? 19  PHE A CD2 1 
ATOM   121  C CE1 . PHE A 1 19  ? -1.322  0.931   6.997   1.00 9.00  ? 19  PHE A CE1 1 
ATOM   122  C CE2 . PHE A 1 19  ? -0.430  -0.862  5.614   1.00 9.80  ? 19  PHE A CE2 1 
ATOM   123  C CZ  . PHE A 1 19  ? -1.512  -0.234  6.261   1.00 9.10  ? 19  PHE A CZ  1 
ATOM   124  N N   . ASN A 1 20  ? 4.409   3.975   6.447   1.00 7.80  ? 20  ASN A N   1 
ATOM   125  C CA  . ASN A 1 20  ? 5.797   4.422   6.696   1.00 8.00  ? 20  ASN A CA  1 
ATOM   126  C C   . ASN A 1 20  ? 6.350   3.443   7.737   1.00 8.60  ? 20  ASN A C   1 
ATOM   127  O O   . ASN A 1 20  ? 5.620   3.184   8.735   1.00 8.80  ? 20  ASN A O   1 
ATOM   128  C CB  . ASN A 1 20  ? 5.815   5.886   7.120   1.00 8.00  ? 20  ASN A CB  1 
ATOM   129  C CG  . ASN A 1 20  ? 5.524   6.775   5.932   1.00 8.50  ? 20  ASN A CG  1 
ATOM   130  O OD1 . ASN A 1 20  ? 6.260   6.596   4.933   1.00 9.20  ? 20  ASN A OD1 1 
ATOM   131  N ND2 . ASN A 1 20  ? 4.518   7.661   5.958   1.00 8.00  ? 20  ASN A ND2 1 
ATOM   132  N N   . VAL A 1 21  ? 7.558   2.983   7.561   1.00 7.80  ? 21  VAL A N   1 
ATOM   133  C CA  . VAL A 1 21  ? 8.178   1.990   8.465   1.00 8.60  ? 21  VAL A CA  1 
ATOM   134  C C   . VAL A 1 21  ? 9.620   2.409   8.776   1.00 9.10  ? 21  VAL A C   1 
ATOM   135  O O   . VAL A 1 21  ? 10.120  3.319   8.114   1.00 8.40  ? 21  VAL A O   1 
ATOM   136  C CB  . VAL A 1 21  ? 8.117   0.591   7.779   1.00 7.80  ? 21  VAL A CB  1 
ATOM   137  C CG1 . VAL A 1 21  ? 6.668   0.131   7.500   1.00 8.20  ? 21  VAL A CG1 1 
ATOM   138  C CG2 . VAL A 1 21  ? 8.903   0.589   6.476   1.00 7.10  ? 21  VAL A CG2 1 
ATOM   139  N N   . ARG A 1 22  ? 10.222  1.762   9.747   1.00 10.00 ? 22  ARG A N   1 
ATOM   140  C CA  . ARG A 1 22  ? 11.638  2.087   10.054  1.00 11.50 ? 22  ARG A CA  1 
ATOM   141  C C   . ARG A 1 22  ? 12.373  0.805   10.423  1.00 12.10 ? 22  ARG A C   1 
ATOM   142  O O   . ARG A 1 22  ? 11.784  -0.132  10.979  1.00 11.10 ? 22  ARG A O   1 
ATOM   143  C CB  . ARG A 1 22  ? 11.819  3.144   11.125  1.00 13.60 ? 22  ARG A CB  1 
ATOM   144  C CG  . ARG A 1 22  ? 11.220  2.885   12.468  1.00 15.30 ? 22  ARG A CG  1 
ATOM   145  C CD  . ARG A 1 22  ? 11.772  3.686   13.574  1.00 16.40 ? 22  ARG A CD  1 
ATOM   146  N NE  . ARG A 1 22  ? 11.237  4.980   13.782  1.00 17.30 ? 22  ARG A NE  1 
ATOM   147  C CZ  . ARG A 1 22  ? 10.248  5.422   14.552  1.00 17.60 ? 22  ARG A CZ  1 
ATOM   148  N NH1 . ARG A 1 22  ? 9.500   4.681   15.354  1.00 17.40 ? 22  ARG A NH1 1 
ATOM   149  N NH2 . ARG A 1 22  ? 9.975   6.743   14.488  1.00 18.00 ? 22  ARG A NH2 1 
ATOM   150  N N   . SER A 1 23  ? 13.665  0.784   10.097  1.00 12.90 ? 23  SER A N   1 
ATOM   151  C CA  . SER A 1 23  ? 14.504  -0.389  10.438  1.00 13.80 ? 23  SER A CA  1 
ATOM   152  C C   . SER A 1 23  ? 14.911  -0.245  11.912  1.00 14.30 ? 23  SER A C   1 
ATOM   153  O O   . SER A 1 23  ? 14.650  0.782   12.526  1.00 13.90 ? 23  SER A O   1 
ATOM   154  C CB  . SER A 1 23  ? 15.748  -0.455  9.556   1.00 14.10 ? 23  SER A CB  1 
ATOM   155  O OG  . SER A 1 23  ? 16.490  0.736   9.895   1.00 15.20 ? 23  SER A OG  1 
ATOM   156  N N   . SER A 1 24  ? 15.529  -1.313  12.407  1.00 15.60 ? 24  SER A N   1 
ATOM   157  C CA  . SER A 1 24  ? 15.979  -1.301  13.811  1.00 17.30 ? 24  SER A CA  1 
ATOM   158  C C   . SER A 1 24  ? 17.079  -0.275  14.016  1.00 17.70 ? 24  SER A C   1 
ATOM   159  O O   . SER A 1 24  ? 17.400  0.072   15.162  1.00 18.40 ? 24  SER A O   1 
ATOM   160  C CB  . SER A 1 24  ? 16.385  -2.664  14.312  1.00 18.70 ? 24  SER A CB  1 
ATOM   161  O OG  . SER A 1 24  ? 17.316  -3.259  13.440  1.00 20.90 ? 24  SER A OG  1 
ATOM   162  N N   . SER A 1 25  ? 17.619  0.216   12.914  1.00 18.10 ? 25  SER A N   1 
ATOM   163  C CA  . SER A 1 25  ? 18.683  1.244   13.030  1.00 18.60 ? 25  SER A CA  1 
ATOM   164  C C   . SER A 1 25  ? 18.051  2.618   12.926  1.00 18.20 ? 25  SER A C   1 
ATOM   165  O O   . SER A 1 25  ? 18.754  3.633   13.085  1.00 19.00 ? 25  SER A O   1 
ATOM   166  C CB  . SER A 1 25  ? 19.781  1.022   12.000  1.00 19.30 ? 25  SER A CB  1 
ATOM   167  O OG  . SER A 1 25  ? 19.398  1.667   10.814  1.00 20.90 ? 25  SER A OG  1 
ATOM   168  N N   . GLY A 1 26  ? 16.747  2.688   12.699  1.00 16.70 ? 26  GLY A N   1 
ATOM   169  C CA  . GLY A 1 26  ? 16.131  4.031   12.644  1.00 15.20 ? 26  GLY A CA  1 
ATOM   170  C C   . GLY A 1 26  ? 16.085  4.600   11.250  1.00 14.00 ? 26  GLY A C   1 
ATOM   171  O O   . GLY A 1 26  ? 15.655  5.763   11.141  1.00 14.50 ? 26  GLY A O   1 
ATOM   172  N N   . ALA A 1 27  ? 16.461  3.832   10.240  1.00 12.70 ? 27  ALA A N   1 
ATOM   173  C CA  . ALA A 1 27  ? 16.345  4.337   8.847   1.00 11.60 ? 27  ALA A CA  1 
ATOM   174  C C   . ALA A 1 27  ? 14.829  4.208   8.512   1.00 11.10 ? 27  ALA A C   1 
ATOM   175  O O   . ALA A 1 27  ? 14.236  3.192   8.910   1.00 10.30 ? 27  ALA A O   1 
ATOM   176  C CB  . ALA A 1 27  ? 17.139  3.482   7.870   1.00 11.00 ? 27  ALA A CB  1 
ATOM   177  N N   . THR A 1 28  ? 14.303  5.192   7.788   1.00 10.20 ? 28  THR A N   1 
ATOM   178  C CA  . THR A 1 28  ? 12.867  5.173   7.425   1.00 10.20 ? 28  THR A CA  1 
ATOM   179  C C   . THR A 1 28  ? 12.611  4.934   5.950   1.00 9.50  ? 28  THR A C   1 
ATOM   180  O O   . THR A 1 28  ? 13.363  5.326   5.055   1.00 9.50  ? 28  THR A O   1 
ATOM   181  C CB  . THR A 1 28  ? 12.149  6.477   7.960   1.00 10.90 ? 28  THR A CB  1 
ATOM   182  O OG1 . THR A 1 28  ? 12.642  7.578   7.144   1.00 12.80 ? 28  THR A OG1 1 
ATOM   183  C CG2 . THR A 1 28  ? 12.424  6.727   9.448   1.00 10.90 ? 28  THR A CG2 1 
ATOM   184  N N   . TYR A 1 29  ? 11.484  4.244   5.706   1.00 8.80  ? 29  TYR A N   1 
ATOM   185  C CA  . TYR A 1 29  ? 11.042  3.880   4.374   1.00 8.80  ? 29  TYR A CA  1 
ATOM   186  C C   . TYR A 1 29  ? 9.518   3.924   4.287   1.00 9.40  ? 29  TYR A C   1 
ATOM   187  O O   . TYR A 1 29  ? 8.885   3.936   5.339   1.00 9.80  ? 29  TYR A O   1 
ATOM   188  C CB  . TYR A 1 29  ? 11.368  2.378   4.109   1.00 10.40 ? 29  TYR A CB  1 
ATOM   189  C CG  . TYR A 1 29  ? 12.810  1.993   4.320   1.00 11.80 ? 29  TYR A CG  1 
ATOM   190  C CD1 . TYR A 1 29  ? 13.281  1.746   5.603   1.00 12.70 ? 29  TYR A CD1 1 
ATOM   191  C CD2 . TYR A 1 29  ? 13.654  1.854   3.220   1.00 11.70 ? 29  TYR A CD2 1 
ATOM   192  C CE1 . TYR A 1 29  ? 14.606  1.383   5.830   1.00 13.50 ? 29  TYR A CE1 1 
ATOM   193  C CE2 . TYR A 1 29  ? 14.964  1.516   3.393   1.00 12.90 ? 29  TYR A CE2 1 
ATOM   194  C CZ  . TYR A 1 29  ? 15.428  1.293   4.679   1.00 14.20 ? 29  TYR A CZ  1 
ATOM   195  O OH  . TYR A 1 29  ? 16.761  1.000   4.855   1.00 15.20 ? 29  TYR A OH  1 
ATOM   196  N N   . ALA A 1 30  ? 9.064   3.813   3.064   1.00 9.40  ? 30  ALA A N   1 
ATOM   197  C CA  . ALA A 1 30  ? 7.631   3.730   2.741   1.00 9.20  ? 30  ALA A CA  1 
ATOM   198  C C   . ALA A 1 30  ? 7.396   2.365   2.081   1.00 9.20  ? 30  ALA A C   1 
ATOM   199  O O   . ALA A 1 30  ? 8.192   1.971   1.184   1.00 8.70  ? 30  ALA A O   1 
ATOM   200  C CB  . ALA A 1 30  ? 7.226   4.845   1.798   1.00 10.10 ? 30  ALA A CB  1 
ATOM   201  N N   . LEU A 1 31  ? 6.354   1.676   2.518   1.00 9.00  ? 31  LEU A N   1 
ATOM   202  C CA  . LEU A 1 31  ? 5.957   0.389   1.923   1.00 8.90  ? 31  LEU A CA  1 
ATOM   203  C C   . LEU A 1 31  ? 4.884   0.727   0.857   1.00 8.70  ? 31  LEU A C   1 
ATOM   204  O O   . LEU A 1 31  ? 4.143   1.683   1.113   1.00 8.70  ? 31  LEU A O   1 
ATOM   205  C CB  . LEU A 1 31  ? 5.347   -0.543  2.958   1.00 10.30 ? 31  LEU A CB  1 
ATOM   206  C CG  . LEU A 1 31  ? 6.157   -1.491  3.785   1.00 11.10 ? 31  LEU A CG  1 
ATOM   207  C CD1 . LEU A 1 31  ? 5.237   -2.218  4.779   1.00 11.50 ? 31  LEU A CD1 1 
ATOM   208  C CD2 . LEU A 1 31  ? 6.871   -2.439  2.832   1.00 10.60 ? 31  LEU A CD2 1 
ATOM   209  N N   . THR A 1 32  ? 4.856   0.002   -0.219  1.00 7.20  ? 32  THR A N   1 
ATOM   210  C CA  . THR A 1 32  ? 3.884   0.195   -1.308  1.00 7.20  ? 32  THR A CA  1 
ATOM   211  C C   . THR A 1 32  ? 3.843   -1.136  -2.066  1.00 6.50  ? 32  THR A C   1 
ATOM   212  O O   . THR A 1 32  ? 4.418   -2.109  -1.566  1.00 7.40  ? 32  THR A O   1 
ATOM   213  C CB  . THR A 1 32  ? 4.232   1.435   -2.214  1.00 8.30  ? 32  THR A CB  1 
ATOM   214  O OG1 . THR A 1 32  ? 3.161   1.687   -3.191  1.00 9.30  ? 32  THR A OG1 1 
ATOM   215  C CG2 . THR A 1 32  ? 5.535   1.319   -3.065  1.00 8.20  ? 32  THR A CG2 1 
ATOM   216  N N   . ALA A 1 33  ? 3.192   -1.202  -3.197  1.00 5.70  ? 33  ALA A N   1 
ATOM   217  C CA  . ALA A 1 33  ? 3.094   -2.428  -3.974  1.00 6.50  ? 33  ALA A CA  1 
ATOM   218  C C   . ALA A 1 33  ? 4.438   -2.671  -4.727  1.00 7.10  ? 33  ALA A C   1 
ATOM   219  O O   . ALA A 1 33  ? 5.064   -1.669  -5.171  1.00 6.60  ? 33  ALA A O   1 
ATOM   220  C CB  . ALA A 1 33  ? 1.952   -2.343  -4.961  1.00 5.80  ? 33  ALA A CB  1 
ATOM   221  N N   . GLY A 1 34  ? 4.785   -3.915  -4.871  1.00 7.10  ? 34  GLY A N   1 
ATOM   222  C CA  . GLY A 1 34  ? 6.020   -4.331  -5.606  1.00 8.50  ? 34  GLY A CA  1 
ATOM   223  C C   . GLY A 1 34  ? 5.864   -4.020  -7.095  1.00 9.10  ? 34  GLY A C   1 
ATOM   224  O O   . GLY A 1 34  ? 6.807   -3.637  -7.808  1.00 8.70  ? 34  GLY A O   1 
ATOM   225  N N   . HIS A 1 35  ? 4.623   -4.123  -7.570  1.00 9.40  ? 35  HIS A N   1 
ATOM   226  C CA  . HIS A 1 35  ? 4.363   -3.818  -8.973  1.00 10.20 ? 35  HIS A CA  1 
ATOM   227  C C   . HIS A 1 35  ? 4.546   -2.322  -9.223  1.00 10.60 ? 35  HIS A C   1 
ATOM   228  O O   . HIS A 1 35  ? 4.647   -1.917  -10.411 1.00 11.90 ? 35  HIS A O   1 
ATOM   229  C CB  . HIS A 1 35  ? 3.037   -4.374  -9.502  1.00 10.10 ? 35  HIS A CB  1 
ATOM   230  C CG  . HIS A 1 35  ? 1.817   -3.618  -9.080  1.00 11.70 ? 35  HIS A CG  1 
ATOM   231  N ND1 . HIS A 1 35  ? 0.934   -4.083  -8.122  1.00 11.30 ? 35  HIS A ND1 1 
ATOM   232  C CD2 . HIS A 1 35  ? 1.297   -2.452  -9.555  1.00 11.80 ? 35  HIS A CD2 1 
ATOM   233  C CE1 . HIS A 1 35  ? -0.045  -3.182  -8.025  1.00 12.50 ? 35  HIS A CE1 1 
ATOM   234  N NE2 . HIS A 1 35  ? 0.131   -2.211  -8.879  1.00 12.50 ? 35  HIS A NE2 1 
ATOM   235  N N   . CYS A 1 36  ? 4.585   -1.518  -8.157  1.00 10.30 ? 36  CYS A N   1 
ATOM   236  C CA  . CYS A 1 36  ? 4.828   -0.074  -8.286  1.00 10.10 ? 36  CYS A CA  1 
ATOM   237  C C   . CYS A 1 36  ? 6.330   0.224   -8.325  1.00 10.00 ? 36  CYS A C   1 
ATOM   238  O O   . CYS A 1 36  ? 6.840   0.851   -9.281  1.00 9.50  ? 36  CYS A O   1 
ATOM   239  C CB  . CYS A 1 36  ? 4.123   0.768   -7.184  1.00 10.40 ? 36  CYS A CB  1 
ATOM   240  S SG  . CYS A 1 36  ? 2.313   0.719   -7.424  1.00 11.40 ? 36  CYS A SG  1 
ATOM   241  N N   . THR A 1 37  ? 7.030   -0.254  -7.299  1.00 10.60 ? 37  THR A N   1 
ATOM   242  C CA  . THR A 1 37  ? 8.501   0.016   -7.232  1.00 11.10 ? 37  THR A CA  1 
ATOM   243  C C   . THR A 1 37  ? 9.215   -0.562  -8.445  1.00 12.10 ? 37  THR A C   1 
ATOM   244  O O   . THR A 1 37  ? 10.293  -0.042  -8.787  1.00 11.90 ? 37  THR A O   1 
ATOM   245  C CB  . THR A 1 37  ? 9.172   -0.420  -5.887  1.00 10.20 ? 37  THR A CB  1 
ATOM   246  O OG1 . THR A 1 37  ? 8.936   -1.856  -5.763  1.00 10.00 ? 37  THR A OG1 1 
ATOM   247  C CG2 . THR A 1 37  ? 8.666   0.379   -4.712  1.00 9.90  ? 37  THR A CG2 1 
ATOM   248  N N   . GLU A 1 38  ? 8.601   -1.550  -9.100  1.00 12.80 ? 38  GLU A N   1 
ATOM   249  C CA  . GLU A 1 38  ? 9.326   -2.136  -10.235 1.00 15.00 ? 38  GLU A CA  1 
ATOM   250  C C   . GLU A 1 38  ? 9.443   -1.140  -11.376 1.00 15.40 ? 38  GLU A C   1 
ATOM   251  O O   . GLU A 1 38  ? 10.352  -1.300  -12.226 1.00 14.80 ? 38  GLU A O   1 
ATOM   252  C CB  . GLU A 1 38  ? 8.765   -3.455  -10.723 1.00 16.00 ? 38  GLU A CB  1 
ATOM   253  C CG  . GLU A 1 38  ? 7.570   -3.290  -11.658 1.00 19.80 ? 38  GLU A CG  1 
ATOM   254  C CD  . GLU A 1 38  ? 7.155   -4.578  -12.328 1.00 22.30 ? 38  GLU A CD  1 
ATOM   255  O OE1 . GLU A 1 38  ? 7.896   -5.545  -12.328 1.00 23.50 ? 38  GLU A OE1 1 
ATOM   256  O OE2 . GLU A 1 38  ? 6.011   -4.512  -12.867 1.00 24.20 ? 38  GLU A OE2 1 
ATOM   257  N N   . ILE A 1 39  ? 8.568   -0.127  -11.415 1.00 15.70 ? 39  ILE A N   1 
ATOM   258  C CA  . ILE A 1 39  ? 8.685   0.765   -12.562 1.00 16.90 ? 39  ILE A CA  1 
ATOM   259  C C   . ILE A 1 39  ? 9.750   1.846   -12.505 1.00 15.70 ? 39  ILE A C   1 
ATOM   260  O O   . ILE A 1 39  ? 10.097  2.323   -13.623 1.00 16.10 ? 39  ILE A O   1 
ATOM   261  C CB  . ILE A 1 39  ? 7.305   1.385   -13.017 1.00 18.90 ? 39  ILE A CB  1 
ATOM   262  C CG1 . ILE A 1 39  ? 6.915   2.507   -12.036 1.00 19.90 ? 39  ILE A CG1 1 
ATOM   263  C CG2 . ILE A 1 39  ? 6.238   0.305   -13.271 1.00 19.90 ? 39  ILE A CG2 1 
ATOM   264  C CD1 . ILE A 1 39  ? 5.781   3.387   -12.611 1.00 21.80 ? 39  ILE A CD1 1 
ATOM   265  N N   . ALA A 1 40  ? 10.211  2.273   -11.366 1.00 14.20 ? 40  ALA A N   1 
ATOM   266  C CA  . ALA A 1 40  ? 11.216  3.349   -11.327 1.00 13.20 ? 40  ALA A CA  1 
ATOM   267  C C   . ALA A 1 40  ? 11.916  3.346   -9.992  1.00 12.60 ? 40  ALA A C   1 
ATOM   268  O O   . ALA A 1 40  ? 11.356  2.898   -8.998  1.00 12.20 ? 40  ALA A O   1 
ATOM   269  C CB  . ALA A 1 40  ? 10.535  4.706   -11.561 1.00 12.90 ? 40  ALA A CB  1 
ATOM   270  N N   . SER A 1 41  ? 13.134  3.881   -10.035 1.00 12.20 ? 41  SER A N   1 
ATOM   271  C CA  . SER A 1 41  ? 13.930  3.986   -8.821  1.00 12.90 ? 41  SER A CA  1 
ATOM   272  C C   . SER A 1 41  ? 13.649  5.269   -8.039  1.00 11.10 ? 41  SER A C   1 
ATOM   273  O O   . SER A 1 41  ? 13.898  5.218   -6.832  1.00 11.70 ? 41  SER A O   1 
ATOM   274  C CB  . SER A 1 41  ? 15.442  3.892   -9.111  1.00 15.60 ? 41  SER A CB  1 
ATOM   275  O OG  . SER A 1 41  ? 15.798  4.962   -10.003 1.00 18.10 ? 41  SER A OG  1 
ATOM   276  N N   . THR A 1 42  ? 13.193  6.318   -8.665  1.00 10.20 ? 42  THR A N   1 
ATOM   277  C CA  . THR A 1 42  ? 12.996  7.609   -7.968  1.00 10.00 ? 42  THR A CA  1 
ATOM   278  C C   . THR A 1 42  ? 11.530  8.004   -7.965  1.00 9.00  ? 42  THR A C   1 
ATOM   279  O O   . THR A 1 42  ? 10.858  7.964   -9.001  1.00 9.60  ? 42  THR A O   1 
ATOM   280  C CB  . THR A 1 42  ? 13.901  8.757   -8.583  1.00 10.50 ? 42  THR A CB  1 
ATOM   281  O OG1 . THR A 1 42  ? 15.241  8.170   -8.818  1.00 11.40 ? 42  THR A OG1 1 
ATOM   282  C CG2 . THR A 1 42  ? 14.002  10.010  -7.727  1.00 10.10 ? 42  THR A CG2 1 
ATOM   283  N N   . TRP A 1 43  ? 11.143  8.419   -6.752  1.00 8.70  ? 43  TRP A N   1 
ATOM   284  C CA  . TRP A 1 43  ? 9.731   8.741   -6.430  1.00 7.80  ? 43  TRP A CA  1 
ATOM   285  C C   . TRP A 1 43  ? 9.564   10.114  -5.846  1.00 7.80  ? 43  TRP A C   1 
ATOM   286  O O   . TRP A 1 43  ? 10.455  10.586  -5.110  1.00 8.20  ? 43  TRP A O   1 
ATOM   287  C CB  . TRP A 1 43  ? 9.250   7.587   -5.485  1.00 7.00  ? 43  TRP A CB  1 
ATOM   288  C CG  . TRP A 1 43  ? 9.163   6.297   -6.245  1.00 8.10  ? 43  TRP A CG  1 
ATOM   289  C CD1 . TRP A 1 43  ? 10.147  5.369   -6.476  1.00 8.70  ? 43  TRP A CD1 1 
ATOM   290  C CD2 . TRP A 1 43  ? 7.986   5.773   -6.926  1.00 8.00  ? 43  TRP A CD2 1 
ATOM   291  N NE1 . TRP A 1 43  ? 9.680   4.319   -7.240  1.00 8.10  ? 43  TRP A NE1 1 
ATOM   292  C CE2 . TRP A 1 43  ? 8.364   4.561   -7.529  1.00 8.20  ? 43  TRP A CE2 1 
ATOM   293  C CE3 . TRP A 1 43  ? 6.661   6.200   -7.007  1.00 8.30  ? 43  TRP A CE3 1 
ATOM   294  C CZ2 . TRP A 1 43  ? 7.447   3.794   -8.243  1.00 9.50  ? 43  TRP A CZ2 1 
ATOM   295  C CZ3 . TRP A 1 43  ? 5.759   5.438   -7.731  1.00 8.30  ? 43  TRP A CZ3 1 
ATOM   296  C CH2 . TRP A 1 43  ? 6.130   4.242   -8.333  1.00 8.80  ? 43  TRP A CH2 1 
ATOM   297  N N   . TYR A 1 44  ? 8.464   10.750  -6.155  1.00 7.50  ? 44  TYR A N   1 
ATOM   298  C CA  . TYR A 1 44  ? 8.070   12.087  -5.787  1.00 8.20  ? 44  TYR A CA  1 
ATOM   299  C C   . TYR A 1 44  ? 6.701   12.106  -5.096  1.00 8.40  ? 44  TYR A C   1 
ATOM   300  O O   . TYR A 1 44  ? 5.921   11.154  -5.234  1.00 8.70  ? 44  TYR A O   1 
ATOM   301  C CB  . TYR A 1 44  ? 7.984   13.016  -7.060  1.00 9.60  ? 44  TYR A CB  1 
ATOM   302  C CG  . TYR A 1 44  ? 9.382   13.103  -7.700  1.00 10.70 ? 44  TYR A CG  1 
ATOM   303  C CD1 . TYR A 1 44  ? 9.769   12.122  -8.623  1.00 11.30 ? 44  TYR A CD1 1 
ATOM   304  C CD2 . TYR A 1 44  ? 10.283  14.072  -7.298  1.00 10.50 ? 44  TYR A CD2 1 
ATOM   305  C CE1 . TYR A 1 44  ? 11.069  12.146  -9.163  1.00 11.80 ? 44  TYR A CE1 1 
ATOM   306  C CE2 . TYR A 1 44  ? 11.575  14.128  -7.825  1.00 11.30 ? 44  TYR A CE2 1 
ATOM   307  C CZ  . TYR A 1 44  ? 11.960  13.137  -8.733  1.00 12.30 ? 44  TYR A CZ  1 
ATOM   308  O OH  . TYR A 1 44  ? 13.215  13.143  -9.266  1.00 12.50 ? 44  TYR A OH  1 
ATOM   309  N N   . THR A 1 45  ? 6.453   13.181  -4.384  1.00 8.90  ? 45  THR A N   1 
ATOM   310  C CA  . THR A 1 45  ? 5.156   13.286  -3.666  1.00 10.00 ? 45  THR A CA  1 
ATOM   311  C C   . THR A 1 45  ? 4.156   14.194  -4.373  1.00 10.10 ? 45  THR A C   1 
ATOM   312  O O   . THR A 1 45  ? 2.973   14.366  -3.886  1.00 9.40  ? 45  THR A O   1 
ATOM   313  C CB  . THR A 1 45  ? 5.458   13.697  -2.168  1.00 11.40 ? 45  THR A CB  1 
ATOM   314  O OG1 . THR A 1 45  ? 5.823   15.103  -2.309  1.00 12.60 ? 45  THR A OG1 1 
ATOM   315  C CG2 . THR A 1 45  ? 6.557   12.892  -1.486  1.00 11.60 ? 45  THR A CG2 1 
ATOM   316  N N   . ASN A 1 46  ? 4.574   14.759  -5.494  1.00 9.40  ? 46  ASN A N   1 
ATOM   317  C CA  . ASN A 1 46  ? 3.682   15.660  -6.273  1.00 9.70  ? 46  ASN A CA  1 
ATOM   318  C C   . ASN A 1 46  ? 3.750   15.293  -7.756  1.00 10.00 ? 46  ASN A C   1 
ATOM   319  O O   . ASN A 1 46  ? 4.765   14.752  -8.232  1.00 9.50  ? 46  ASN A O   1 
ATOM   320  C CB  . ASN A 1 46  ? 3.890   17.133  -6.016  1.00 10.10 ? 46  ASN A CB  1 
ATOM   321  C CG  . ASN A 1 46  ? 5.253   17.597  -6.508  1.00 11.50 ? 46  ASN A CG  1 
ATOM   322  O OD1 . ASN A 1 46  ? 6.216   16.828  -6.631  1.00 11.10 ? 46  ASN A OD1 1 
ATOM   323  N ND2 . ASN A 1 46  ? 5.270   18.900  -6.787  1.00 13.10 ? 46  ASN A ND2 1 
ATOM   324  N N   . SER A 1 47  ? 2.639   15.644  -8.408  1.00 9.50  ? 47  SER A N   1 
ATOM   325  C CA  . SER A 1 47  ? 2.467   15.309  -9.817  1.00 10.50 ? 47  SER A CA  1 
ATOM   326  C C   . SER A 1 47  ? 3.544   15.910  -10.708 1.00 10.30 ? 47  SER A C   1 
ATOM   327  O O   . SER A 1 47  ? 3.921   15.328  -11.738 1.00 10.40 ? 47  SER A O   1 
ATOM   328  C CB  . SER A 1 47  ? 1.067   15.752  -10.270 1.00 11.40 ? 47  SER A CB  1 
ATOM   329  O OG  . SER A 1 47  ? 0.909   15.258  -11.611 1.00 13.80 ? 47  SER A OG  1 
ATOM   330  N N   . GLY A 1 48  ? 3.952   17.101  -10.316 1.00 10.40 ? 48  GLY A N   1 
ATOM   331  C CA  . GLY A 1 48  ? 4.982   17.869  -11.056 1.00 11.10 ? 48  GLY A CA  1 
ATOM   332  C C   . GLY A 1 48  ? 6.368   17.260  -10.841 1.00 11.10 ? 48  GLY A C   1 
ATOM   333  O O   . GLY A 1 48  ? 7.357   17.663  -11.524 1.00 11.30 ? 48  GLY A O   1 
ATOM   334  N N   . GLN A 1 49  ? 6.472   16.320  -9.931  1.00 10.70 ? 49  GLN A N   1 
ATOM   335  C CA  . GLN A 1 49  ? 7.748   15.641  -9.662  1.00 12.30 ? 49  GLN A CA  1 
ATOM   336  C C   . GLN A 1 49  ? 8.900   16.567  -9.273  1.00 12.90 ? 49  GLN A C   1 
ATOM   337  O O   . GLN A 1 49  ? 10.056  16.421  -9.772  1.00 13.20 ? 49  GLN A O   1 
ATOM   338  C CB  . GLN A 1 49  ? 8.148   14.798  -10.883 1.00 11.60 ? 49  GLN A CB  1 
ATOM   339  C CG  . GLN A 1 49  ? 7.276   13.613  -11.150 1.00 12.20 ? 49  GLN A CG  1 
ATOM   340  C CD  . GLN A 1 49  ? 7.634   12.958  -12.443 1.00 13.80 ? 49  GLN A CD  1 
ATOM   341  O OE1 . GLN A 1 49  ? 8.761   12.865  -12.926 1.00 13.00 ? 49  GLN A OE1 1 
ATOM   342  N NE2 . GLN A 1 49  ? 6.552   12.492  -13.080 1.00 15.50 ? 49  GLN A NE2 1 
ATOM   343  N N   . THR A 1 50  ? 8.628   17.476  -8.370  1.00 12.90 ? 50  THR A N   1 
ATOM   344  C CA  . THR A 1 50  ? 9.657   18.390  -7.838  1.00 13.50 ? 50  THR A CA  1 
ATOM   345  C C   . THR A 1 50  ? 9.904   18.101  -6.368  1.00 13.70 ? 50  THR A C   1 
ATOM   346  O O   . THR A 1 50  ? 10.992  18.439  -5.835  1.00 14.20 ? 50  THR A O   1 
ATOM   347  C CB  . THR A 1 50  ? 9.283   19.854  -8.212  1.00 13.80 ? 50  THR A CB  1 
ATOM   348  O OG1 . THR A 1 50  ? 8.067   20.121  -7.430  1.00 15.50 ? 50  THR A OG1 1 
ATOM   349  C CG2 . THR A 1 50  ? 9.020   20.067  -9.712  1.00 13.70 ? 50  THR A CG2 1 
ATOM   350  N N   . SER A 1 51  ? 8.973   17.446  -5.642  1.00 13.60 ? 51  SER A N   1 
ATOM   351  C CA  . SER A 1 51  ? 9.241   17.134  -4.215  1.00 13.00 ? 51  SER A CA  1 
ATOM   352  C C   . SER A 1 51  ? 9.619   15.656  -4.126  1.00 11.70 ? 51  SER A C   1 
ATOM   353  O O   . SER A 1 51  ? 8.763   14.804  -4.355  1.00 9.90  ? 51  SER A O   1 
ATOM   354  C CB  . SER A 1 51  ? 8.112   17.369  -3.216  1.00 15.20 ? 51  SER A CB  1 
ATOM   355  O OG  . SER A 1 51  ? 7.137   18.177  -3.786  1.00 19.40 ? 51  SER A OG  1 
ATOM   356  N N   . LEU A 1 52  ? 10.874  15.426  -3.804  1.00 10.90 ? 52  LEU A N   1 
ATOM   357  C CA  . LEU A 1 52  ? 11.376  14.039  -3.760  1.00 11.00 ? 52  LEU A CA  1 
ATOM   358  C C   . LEU A 1 52  ? 10.894  13.265  -2.551  1.00 10.50 ? 52  LEU A C   1 
ATOM   359  O O   . LEU A 1 52  ? 11.002  13.764  -1.415  1.00 11.10 ? 52  LEU A O   1 
ATOM   360  C CB  . LEU A 1 52  ? 12.928  14.109  -3.847  1.00 11.90 ? 52  LEU A CB  1 
ATOM   361  C CG  . LEU A 1 52  ? 13.685  12.782  -3.852  1.00 12.90 ? 52  LEU A CG  1 
ATOM   362  C CD1 . LEU A 1 52  ? 13.682  12.120  -5.220  1.00 13.00 ? 52  LEU A CD1 1 
ATOM   363  C CD2 . LEU A 1 52  ? 15.145  12.981  -3.399  1.00 13.70 ? 52  LEU A CD2 1 
ATOM   364  N N   . LEU A 1 53  ? 10.428  12.050  -2.812  1.00 10.00 ? 53  LEU A N   1 
ATOM   365  C CA  . LEU A 1 53  ? 10.030  11.110  -1.740  1.00 10.30 ? 53  LEU A CA  1 
ATOM   366  C C   . LEU A 1 53  ? 11.281  10.314  -1.312  1.00 9.50  ? 53  LEU A C   1 
ATOM   367  O O   . LEU A 1 53  ? 11.656  10.217  -0.149  1.00 9.50  ? 53  LEU A O   1 
ATOM   368  C CB  . LEU A 1 53  ? 8.941   10.165  -2.276  1.00 11.50 ? 53  LEU A CB  1 
ATOM   369  C CG  . LEU A 1 53  ? 7.943   9.537   -1.329  1.00 12.40 ? 53  LEU A CG  1 
ATOM   370  C CD1 . LEU A 1 53  ? 7.539   8.124   -1.726  1.00 11.90 ? 53  LEU A CD1 1 
ATOM   371  C CD2 . LEU A 1 53  ? 8.398   9.668   0.098   1.00 12.80 ? 53  LEU A CD2 1 
ATOM   372  N N   . GLY A 1 54  ? 11.874  9.699   -2.358  1.00 9.50  ? 54  GLY A N   1 
ATOM   373  C CA  . GLY A 1 54  ? 13.062  8.870   -2.153  1.00 9.10  ? 54  GLY A CA  1 
ATOM   374  C C   . GLY A 1 54  ? 13.325  7.930   -3.321  1.00 8.80  ? 54  GLY A C   1 
ATOM   375  O O   . GLY A 1 54  ? 12.870  8.099   -4.442  1.00 8.90  ? 54  GLY A O   1 
ATOM   376  N N   . THR A 1 55  ? 14.165  6.930   -2.975  1.00 9.30  ? 55  THR A N   1 
ATOM   377  C CA  . THR A 1 55  ? 14.557  5.937   -4.035  1.00 9.60  ? 55  THR A CA  1 
ATOM   378  C C   . THR A 1 55  ? 14.262  4.517   -3.585  1.00 8.40  ? 55  THR A C   1 
ATOM   379  O O   . THR A 1 55  ? 14.264  4.158   -2.394  1.00 7.80  ? 55  THR A O   1 
ATOM   380  C CB  . THR A 1 55  ? 16.079  6.181   -4.433  1.00 10.50 ? 55  THR A CB  1 
ATOM   381  O OG1 . THR A 1 55  ? 16.776  6.016   -3.143  1.00 11.70 ? 55  THR A OG1 1 
ATOM   382  C CG2 . THR A 1 55  ? 16.327  7.629   -4.910  1.00 11.50 ? 55  THR A CG2 1 
ATOM   383  N N   . ARG A 1 56  ? 13.976  3.720   -4.591  1.00 8.80  ? 56  ARG A N   1 
ATOM   384  C CA  . ARG A 1 56  ? 13.608  2.302   -4.414  1.00 9.70  ? 56  ARG A CA  1 
ATOM   385  C C   . ARG A 1 56  ? 14.676  1.563   -3.627  1.00 10.90 ? 56  ARG A C   1 
ATOM   386  O O   . ARG A 1 56  ? 15.908  1.670   -3.900  1.00 10.80 ? 56  ARG A O   1 
ATOM   387  C CB  . ARG A 1 56  ? 13.355  1.688   -5.760  1.00 10.00 ? 56  ARG A CB  1 
ATOM   388  C CG  . ARG A 1 56  ? 13.279  0.162   -5.729  1.00 11.20 ? 56  ARG A CG  1 
ATOM   389  C CD  . ARG A 1 56  ? 13.029  -0.231  -7.137  1.00 12.70 ? 56  ARG A CD  1 
ATOM   390  N NE  . ARG A 1 56  ? 14.093  0.049   -8.046  1.00 14.40 ? 56  ARG A NE  1 
ATOM   391  C CZ  . ARG A 1 56  ? 13.997  0.024   -9.382  1.00 15.70 ? 56  ARG A CZ  1 
ATOM   392  N NH1 . ARG A 1 56  ? 12.882  -0.195  -10.099 1.00 16.00 ? 56  ARG A NH1 1 
ATOM   393  N NH2 . ARG A 1 56  ? 15.109  0.125   -10.135 1.00 16.40 ? 56  ARG A NH2 1 
ATOM   394  N N   . ALA A 1 57  ? 14.264  0.768   -2.660  1.00 10.30 ? 57  ALA A N   1 
ATOM   395  C CA  . ALA A 1 57  ? 15.116  -0.011  -1.774  1.00 11.30 ? 57  ALA A CA  1 
ATOM   396  C C   . ALA A 1 57  ? 14.815  -1.507  -1.859  1.00 12.10 ? 57  ALA A C   1 
ATOM   397  O O   . ALA A 1 57  ? 15.624  -2.324  -1.339  1.00 13.40 ? 57  ALA A O   1 
ATOM   398  C CB  . ALA A 1 57  ? 15.007  0.503   -0.333  1.00 10.30 ? 57  ALA A CB  1 
ATOM   399  N N   . GLY A 1 58  ? 13.724  -1.894  -2.521  1.00 11.40 ? 58  GLY A N   1 
ATOM   400  C CA  . GLY A 1 58  ? 13.432  -3.345  -2.616  1.00 11.20 ? 58  GLY A CA  1 
ATOM   401  C C   . GLY A 1 58  ? 12.099  -3.527  -3.334  1.00 10.70 ? 58  GLY A C   1 
ATOM   402  O O   . GLY A 1 58  ? 11.235  -2.646  -3.280  1.00 10.60 ? 58  GLY A O   1 
ATOM   403  N N   . THR A 1 59  ? 12.045  -4.672  -3.981  1.00 10.70 ? 59  THR A N   1 
ATOM   404  C CA  . THR A 1 59  ? 10.841  -5.082  -4.712  1.00 11.00 ? 59  THR A CA  1 
ATOM   405  C C   . THR A 1 59  ? 10.676  -6.586  -4.719  1.00 10.40 ? 59  THR A C   1 
ATOM   406  O O   . THR A 1 59  ? 11.561  -7.399  -5.002  1.00 11.00 ? 59  THR A O   1 
ATOM   407  C CB  . THR A 1 59  ? 10.537  -4.339  -6.040  1.00 12.20 ? 59  THR A CB  1 
ATOM   408  O OG1 . THR A 1 59  ? 9.952   -5.239  -7.034  1.00 14.90 ? 59  THR A OG1 1 
ATOM   409  C CG2 . THR A 1 59  ? 11.433  -3.302  -6.571  1.00 10.90 ? 59  THR A CG2 1 
ATOM   410  N N   . SER A 1 60  ? 9.467   -6.977  -4.388  1.00 9.90  ? 60  SER A N   1 
ATOM   411  C CA  . SER A 1 60  ? 9.003   -8.364  -4.316  1.00 10.10 ? 60  SER A CA  1 
ATOM   412  C C   . SER A 1 60  ? 7.684   -8.410  -5.081  1.00 10.50 ? 60  SER A C   1 
ATOM   413  O O   . SER A 1 60  ? 6.588   -8.180  -4.521  1.00 9.50  ? 60  SER A O   1 
ATOM   414  C CB  . SER A 1 60  ? 8.982   -8.875  -2.876  1.00 11.20 ? 60  SER A CB  1 
ATOM   415  O OG  . SER A 1 60  ? 8.782   -10.295 -2.942  1.00 14.20 ? 60  SER A OG  1 
ATOM   416  N N   . PHE A 1 61  ? 7.857   -8.646  -6.397  1.00 9.60  ? 61  PHE A N   1 
ATOM   417  C CA  . PHE A 1 61  ? 6.647   -8.694  -7.237  1.00 11.00 ? 61  PHE A CA  1 
ATOM   418  C C   . PHE A 1 61  ? 6.966   -9.576  -8.471  1.00 12.10 ? 61  PHE A C   1 
ATOM   419  O O   . PHE A 1 61  ? 8.049   -9.396  -9.008  1.00 12.40 ? 61  PHE A O   1 
ATOM   420  C CB  . PHE A 1 61  ? 6.067   -7.344  -7.627  1.00 10.20 ? 61  PHE A CB  1 
ATOM   421  C CG  . PHE A 1 61  ? 5.048   -7.441  -8.734  1.00 10.50 ? 61  PHE A CG  1 
ATOM   422  C CD1 . PHE A 1 61  ? 3.743   -7.821  -8.468  1.00 10.50 ? 61  PHE A CD1 1 
ATOM   423  C CD2 . PHE A 1 61  ? 5.393   -7.169  -10.055 1.00 10.80 ? 61  PHE A CD2 1 
ATOM   424  C CE1 . PHE A 1 61  ? 2.782   -7.919  -9.468  1.00 11.00 ? 61  PHE A CE1 1 
ATOM   425  C CE2 . PHE A 1 61  ? 4.441   -7.238  -11.096 1.00 10.90 ? 61  PHE A CE2 1 
ATOM   426  C CZ  . PHE A 1 61  ? 3.131   -7.623  -10.783 1.00 10.90 ? 61  PHE A CZ  1 
ATOM   427  N N   . PRO A 1 62  ? 6.070   -10.466 -8.816  1.00 13.40 ? 62  PRO A N   1 
ATOM   428  C CA  . PRO A 1 62  ? 5.273   -11.251 -9.116  1.00 11.20 ? 62  PRO A CA  1 
ATOM   429  C C   . PRO A 1 62  ? 5.461   -12.022 -7.686  1.00 6.60  ? 62  PRO A C   1 
ATOM   430  O O   . PRO A 1 62  ? 6.434   -11.842 -6.920  1.00 6.70  ? 62  PRO A O   1 
ATOM   431  C CB  . PRO A 1 62  ? 4.446   -11.668 -10.309 1.00 14.20 ? 62  PRO A CB  1 
ATOM   432  C CG  . PRO A 1 62  ? 5.856   -11.835 -10.986 1.00 15.70 ? 62  PRO A CG  1 
ATOM   433  C CD  . PRO A 1 62  ? 6.858   -10.957 -10.537 1.00 9.10  ? 62  PRO A CD  1 
ATOM   434  N N   . GLY A 1 63  ? 4.552   -12.938 -7.465  1.00 7.30  ? 63  GLY A N   1 
ATOM   435  C CA  . GLY A 1 63  ? 4.604   -13.854 -6.277  1.00 7.60  ? 63  GLY A CA  1 
ATOM   436  C C   . GLY A 1 63  ? 3.949   -13.126 -5.120  1.00 8.50  ? 63  GLY A C   1 
ATOM   437  O O   . GLY A 1 63  ? 2.828   -13.441 -4.734  1.00 9.00  ? 63  GLY A O   1 
ATOM   438  N N   . ASN A 1 64  ? 4.671   -12.185 -4.563  1.00 8.50  ? 64  ASN A N   1 
ATOM   439  C CA  . ASN A 1 64  ? 4.109   -11.282 -3.546  1.00 9.30  ? 64  ASN A CA  1 
ATOM   440  C C   . ASN A 1 64  ? 3.844   -9.971  -4.329  1.00 8.60  ? 64  ASN A C   1 
ATOM   441  O O   . ASN A 1 64  ? 4.044   -9.927  -5.550  1.00 9.20  ? 64  ASN A O   1 
ATOM   442  C CB  . ASN A 1 64  ? 5.103   -10.978 -2.455  1.00 11.10 ? 64  ASN A CB  1 
ATOM   443  C CG  . ASN A 1 64  ? 5.652   -12.215 -1.761  1.00 13.70 ? 64  ASN A CG  1 
ATOM   444  O OD1 . ASN A 1 64  ? 6.893   -12.355 -1.789  1.00 15.50 ? 64  ASN A OD1 1 
ATOM   445  N ND2 . ASN A 1 64  ? 4.777   -12.990 -1.153  1.00 13.50 ? 64  ASN A ND2 1 
ATOM   446  N N   . ASP A 1 65  ? 3.457   -8.974  -3.583  1.00 8.90  ? 65  ASP A N   1 
ATOM   447  C CA  . ASP A 1 65  ? 3.249   -7.637  -4.180  1.00 9.00  ? 65  ASP A CA  1 
ATOM   448  C C   . ASP A 1 65  ? 3.538   -6.580  -3.122  1.00 9.60  ? 65  ASP A C   1 
ATOM   449  O O   . ASP A 1 65  ? 2.638   -5.956  -2.566  1.00 9.80  ? 65  ASP A O   1 
ATOM   450  C CB  . ASP A 1 65  ? 1.968   -7.509  -4.945  1.00 9.00  ? 65  ASP A CB  1 
ATOM   451  C CG  . ASP A 1 65  ? 1.916   -6.295  -5.867  1.00 9.20  ? 65  ASP A CG  1 
ATOM   452  O OD1 . ASP A 1 65  ? 2.884   -5.483  -5.812  1.00 9.10  ? 65  ASP A OD1 1 
ATOM   453  O OD2 . ASP A 1 65  ? 0.943   -6.156  -6.630  1.00 9.10  ? 65  ASP A OD2 1 
ATOM   454  N N   . TYR A 1 66  ? 4.841   -6.389  -2.851  1.00 9.40  ? 66  TYR A N   1 
ATOM   455  C CA  . TYR A 1 66  ? 5.280   -5.370  -1.870  1.00 9.20  ? 66  TYR A CA  1 
ATOM   456  C C   . TYR A 1 66  ? 6.615   -4.769  -2.337  1.00 9.50  ? 66  TYR A C   1 
ATOM   457  O O   . TYR A 1 66  ? 7.316   -5.418  -3.157  1.00 9.90  ? 66  TYR A O   1 
ATOM   458  C CB  . TYR A 1 66  ? 5.308   -5.815  -0.427  1.00 9.80  ? 66  TYR A CB  1 
ATOM   459  C CG  . TYR A 1 66  ? 6.175   -7.001  -0.108  1.00 10.40 ? 66  TYR A CG  1 
ATOM   460  C CD1 . TYR A 1 66  ? 7.564   -6.841  -0.002  1.00 11.20 ? 66  TYR A CD1 1 
ATOM   461  C CD2 . TYR A 1 66  ? 5.626   -8.267  0.115   1.00 10.90 ? 66  TYR A CD2 1 
ATOM   462  C CE1 . TYR A 1 66  ? 8.370   -7.945  0.315   1.00 11.80 ? 66  TYR A CE1 1 
ATOM   463  C CE2 . TYR A 1 66  ? 6.414   -9.367  0.422   1.00 11.70 ? 66  TYR A CE2 1 
ATOM   464  C CZ  . TYR A 1 66  ? 7.803   -9.206  0.508   1.00 12.50 ? 66  TYR A CZ  1 
ATOM   465  O OH  . TYR A 1 66  ? 8.665   -10.241 0.810   1.00 13.50 ? 66  TYR A OH  1 
ATOM   466  N N   . GLY A 1 67  ? 6.871   -3.570  -1.893  1.00 8.30  ? 67  GLY A N   1 
ATOM   467  C CA  . GLY A 1 67  ? 8.100   -2.865  -2.290  1.00 8.70  ? 67  GLY A CA  1 
ATOM   468  C C   . GLY A 1 67  ? 8.419   -1.820  -1.241  1.00 8.90  ? 67  GLY A C   1 
ATOM   469  O O   . GLY A 1 67  ? 7.551   -1.397  -0.471  1.00 8.10  ? 67  GLY A O   1 
ATOM   470  N N   . LEU A 1 68  ? 9.673   -1.398  -1.224  1.00 9.00  ? 68  LEU A N   1 
ATOM   471  C CA  . LEU A 1 68  ? 10.188  -0.433  -0.254  1.00 9.20  ? 68  LEU A CA  1 
ATOM   472  C C   . LEU A 1 68  ? 10.888  0.743   -0.936  1.00 9.00  ? 68  LEU A C   1 
ATOM   473  O O   . LEU A 1 68  ? 11.630  0.543   -1.922  1.00 8.90  ? 68  LEU A O   1 
ATOM   474  C CB  . LEU A 1 68  ? 11.227  -1.251  0.555   1.00 10.10 ? 68  LEU A CB  1 
ATOM   475  C CG  . LEU A 1 68  ? 11.649  -0.655  1.852   1.00 10.30 ? 68  LEU A CG  1 
ATOM   476  C CD1 . LEU A 1 68  ? 10.495  -0.645  2.851   1.00 11.30 ? 68  LEU A CD1 1 
ATOM   477  C CD2 . LEU A 1 68  ? 12.735  -1.562  2.444   1.00 11.20 ? 68  LEU A CD2 1 
ATOM   478  N N   . ILE A 1 69  ? 10.626  1.901   -0.425  1.00 8.80  ? 69  ILE A N   1 
ATOM   479  C CA  . ILE A 1 69  ? 11.201  3.178   -0.889  1.00 9.90  ? 69  ILE A CA  1 
ATOM   480  C C   . ILE A 1 69  ? 11.888  3.811   0.303   1.00 10.40 ? 69  ILE A C   1 
ATOM   481  O O   . ILE A 1 69  ? 11.304  3.931   1.377   1.00 11.00 ? 69  ILE A O   1 
ATOM   482  C CB  . ILE A 1 69  ? 10.156  4.124   -1.526  1.00 10.70 ? 69  ILE A CB  1 
ATOM   483  C CG1 . ILE A 1 69  ? 9.592   3.510   -2.845  1.00 10.80 ? 69  ILE A CG1 1 
ATOM   484  C CG2 . ILE A 1 69  ? 10.741  5.569   -1.711  1.00 11.50 ? 69  ILE A CG2 1 
ATOM   485  C CD1 . ILE A 1 69  ? 8.232   4.118   -3.297  1.00 11.50 ? 69  ILE A CD1 1 
ATOM   486  N N   . ARG A 1 70  ? 13.139  4.133   0.149   1.00 10.80 ? 70  ARG A N   1 
ATOM   487  C CA  . ARG A 1 70  ? 13.893  4.760   1.270   1.00 12.10 ? 70  ARG A CA  1 
ATOM   488  C C   . ARG A 1 70  ? 13.531  6.235   1.297   1.00 11.70 ? 70  ARG A C   1 
ATOM   489  O O   . ARG A 1 70  ? 13.594  6.914   0.236   1.00 11.40 ? 70  ARG A O   1 
ATOM   490  C CB  . ARG A 1 70  ? 15.382  4.507   0.905   1.00 14.60 ? 70  ARG A CB  1 
ATOM   491  C CG  . ARG A 1 70  ? 16.386  5.140   1.852   1.00 18.40 ? 70  ARG A CG  1 
ATOM   492  C CD  . ARG A 1 70  ? 15.870  4.884   3.246   1.00 21.70 ? 70  ARG A CD  1 
ATOM   493  N NE  . ARG A 1 70  ? 16.745  5.508   4.261   1.00 25.00 ? 70  ARG A NE  1 
ATOM   494  C CZ  . ARG A 1 70  ? 18.016  5.023   4.269   1.00 26.80 ? 70  ARG A CZ  1 
ATOM   495  N NH1 . ARG A 1 70  ? 18.278  4.034   3.395   1.00 28.00 ? 70  ARG A NH1 1 
ATOM   496  N NH2 . ARG A 1 70  ? 18.894  5.570   5.108   1.00 27.40 ? 70  ARG A NH2 1 
ATOM   497  N N   . HIS A 1 71  ? 13.159  6.780   2.442   1.00 10.90 ? 71  HIS A N   1 
ATOM   498  C CA  . HIS A 1 71  ? 12.836  8.217   2.549   1.00 11.20 ? 71  HIS A CA  1 
ATOM   499  C C   . HIS A 1 71  ? 14.110  9.085   2.410   1.00 11.70 ? 71  HIS A C   1 
ATOM   500  O O   . HIS A 1 71  ? 15.123  8.871   3.128   1.00 11.30 ? 71  HIS A O   1 
ATOM   501  C CB  . HIS A 1 71  ? 12.293  8.625   3.982   1.00 11.10 ? 71  HIS A CB  1 
ATOM   502  C CG  . HIS A 1 71  ? 10.805  8.388   4.048   1.00 12.00 ? 71  HIS A CG  1 
ATOM   503  N ND1 . HIS A 1 71  ? 9.874   9.265   3.518   1.00 11.80 ? 71  HIS A ND1 1 
ATOM   504  C CD2 . HIS A 1 71  ? 10.117  7.322   4.543   1.00 12.20 ? 71  HIS A CD2 1 
ATOM   505  C CE1 . HIS A 1 71  ? 8.672   8.763   3.715   1.00 11.70 ? 71  HIS A CE1 1 
ATOM   506  N NE2 . HIS A 1 71  ? 8.780   7.607   4.316   1.00 12.00 ? 71  HIS A NE2 1 
ATOM   507  N N   . SER A 1 72  ? 13.971  10.112  1.585   1.00 12.00 ? 72  SER A N   1 
ATOM   508  C CA  . SER A 1 72  ? 15.141  11.061  1.465   1.00 13.60 ? 72  SER A CA  1 
ATOM   509  C C   . SER A 1 72  ? 15.065  12.027  2.657   1.00 13.90 ? 72  SER A C   1 
ATOM   510  O O   . SER A 1 72  ? 16.098  12.610  3.032   1.00 14.10 ? 72  SER A O   1 
ATOM   511  C CB  . SER A 1 72  ? 15.183  11.799  0.156   1.00 14.80 ? 72  SER A CB  1 
ATOM   512  O OG  . SER A 1 72  ? 14.017  12.574  -0.064  1.00 17.80 ? 72  SER A OG  1 
ATOM   513  N N   . ASN A 1 73  ? 13.856  12.148  3.248   1.00 13.10 ? 73  ASN A N   1 
ATOM   514  C CA  . ASN A 1 73  ? 13.655  13.036  4.416   1.00 13.50 ? 73  ASN A CA  1 
ATOM   515  C C   . ASN A 1 73  ? 12.838  12.300  5.489   1.00 12.20 ? 73  ASN A C   1 
ATOM   516  O O   . ASN A 1 73  ? 11.645  12.037  5.247   1.00 11.40 ? 73  ASN A O   1 
ATOM   517  C CB  . ASN A 1 73  ? 13.083  14.393  4.054   1.00 15.90 ? 73  ASN A CB  1 
ATOM   518  C CG  . ASN A 1 73  ? 12.761  15.210  5.300   1.00 17.70 ? 73  ASN A CG  1 
ATOM   519  O OD1 . ASN A 1 73  ? 13.418  15.152  6.347   1.00 18.80 ? 73  ASN A OD1 1 
ATOM   520  N ND2 . ASN A 1 73  ? 11.653  15.944  5.236   1.00 20.30 ? 73  ASN A ND2 1 
ATOM   521  N N   . ALA A 1 74  ? 13.523  12.026  6.573   1.00 11.40 ? 74  ALA A N   1 
ATOM   522  C CA  . ALA A 1 74  ? 12.946  11.267  7.680   1.00 11.30 ? 74  ALA A CA  1 
ATOM   523  C C   . ALA A 1 74  ? 11.704  11.942  8.236   1.00 11.30 ? 74  ALA A C   1 
ATOM   524  O O   . ALA A 1 74  ? 10.848  11.210  8.728   1.00 11.30 ? 74  ALA A O   1 
ATOM   525  C CB  . ALA A 1 74  ? 13.936  10.965  8.785   1.00 11.60 ? 74  ALA A CB  1 
ATOM   526  N N   . SER A 1 75  ? 11.628  13.245  8.106   1.00 11.20 ? 75  SER A N   1 
ATOM   527  C CA  . SER A 1 75  ? 10.456  13.972  8.585   1.00 12.40 ? 75  SER A CA  1 
ATOM   528  C C   . SER A 1 75  ? 9.209   13.688  7.770   1.00 12.10 ? 75  SER A C   1 
ATOM   529  O O   . SER A 1 75  ? 8.123   14.080  8.249   1.00 13.10 ? 75  SER A O   1 
ATOM   530  C CB  . SER A 1 75  ? 10.750  15.488  8.517   1.00 13.40 ? 75  SER A CB  1 
ATOM   531  O OG  . SER A 1 75  ? 11.536  15.723  9.694   1.00 15.80 ? 75  SER A OG  1 
ATOM   532  N N   . ALA A 1 76  ? 9.334   13.153  6.584   1.00 11.40 ? 76  ALA A N   1 
ATOM   533  C CA  . ALA A 1 76  ? 8.170   12.880  5.727   1.00 10.70 ? 76  ALA A CA  1 
ATOM   534  C C   . ALA A 1 76  ? 7.585   11.524  6.139   1.00 10.20 ? 76  ALA A C   1 
ATOM   535  O O   . ALA A 1 76  ? 6.554   11.143  5.584   1.00 10.90 ? 76  ALA A O   1 
ATOM   536  C CB  . ALA A 1 76  ? 8.588   12.826  4.254   1.00 10.80 ? 76  ALA A CB  1 
ATOM   537  N N   . ALA A 1 77  ? 8.256   10.849  7.039   1.00 10.00 ? 77  ALA A N   1 
ATOM   538  C CA  . ALA A 1 77  ? 7.808   9.509   7.460   1.00 11.30 ? 77  ALA A CA  1 
ATOM   539  C C   . ALA A 1 77  ? 6.778   9.655   8.590   1.00 11.60 ? 77  ALA A C   1 
ATOM   540  O O   . ALA A 1 77  ? 7.059   9.513   9.777   1.00 12.60 ? 77  ALA A O   1 
ATOM   541  C CB  . ALA A 1 77  ? 8.943   8.549   7.772   1.00 11.00 ? 77  ALA A CB  1 
ATOM   542  N N   . ASP A 1 78  ? 5.571   9.954   8.177   1.00 12.40 ? 78  ASP A N   1 
ATOM   543  C CA  . ASP A 1 78  ? 4.369   10.164  9.035   1.00 12.70 ? 78  ASP A CA  1 
ATOM   544  C C   . ASP A 1 78  ? 3.785   8.781   9.360   1.00 12.60 ? 78  ASP A C   1 
ATOM   545  O O   . ASP A 1 78  ? 3.429   8.026   8.441   1.00 12.50 ? 78  ASP A O   1 
ATOM   546  C CB  . ASP A 1 78  ? 3.437   11.087  8.221   1.00 13.40 ? 78  ASP A CB  1 
ATOM   547  C CG  . ASP A 1 78  ? 2.307   11.650  9.028   1.00 14.80 ? 78  ASP A CG  1 
ATOM   548  O OD1 . ASP A 1 78  ? 2.223   11.306  10.225  1.00 16.10 ? 78  ASP A OD1 1 
ATOM   549  O OD2 . ASP A 1 78  ? 1.483   12.433  8.533   1.00 15.70 ? 78  ASP A OD2 1 
ATOM   550  N N   . GLY A 1 79  ? 3.677   8.435   10.648  1.00 11.90 ? 79  GLY A N   1 
ATOM   551  C CA  . GLY A 1 79  ? 3.171   7.114   11.012  1.00 11.50 ? 79  GLY A CA  1 
ATOM   552  C C   . GLY A 1 79  ? 1.633   7.066   11.099  1.00 11.30 ? 79  GLY A C   1 
ATOM   553  O O   . GLY A 1 79  ? 1.117   6.449   12.030  1.00 11.50 ? 79  GLY A O   1 
ATOM   554  N N   . ARG A 1 80  ? 0.986   7.669   10.148  1.00 11.00 ? 80  ARG A N   1 
ATOM   555  C CA  . ARG A 1 80  ? -0.473  7.757   10.023  1.00 10.30 ? 80  ARG A CA  1 
ATOM   556  C C   . ARG A 1 80  ? -0.925  7.379   8.621   1.00 10.10 ? 80  ARG A C   1 
ATOM   557  O O   . ARG A 1 80  ? -0.168  7.236   7.673   1.00 10.10 ? 80  ARG A O   1 
ATOM   558  C CB  . ARG A 1 80  ? -0.947  9.208   10.312  1.00 10.70 ? 80  ARG A CB  1 
ATOM   559  C CG  . ARG A 1 80  ? -0.485  9.732   11.652  1.00 11.40 ? 80  ARG A CG  1 
ATOM   560  C CD  . ARG A 1 80  ? -0.892  11.120  11.990  1.00 12.20 ? 80  ARG A CD  1 
ATOM   561  N NE  . ARG A 1 80  ? -0.389  12.074  11.026  1.00 13.00 ? 80  ARG A NE  1 
ATOM   562  C CZ  . ARG A 1 80  ? -0.830  13.316  10.902  1.00 14.80 ? 80  ARG A CZ  1 
ATOM   563  N NH1 . ARG A 1 80  ? -1.797  13.741  11.749  1.00 15.50 ? 80  ARG A NH1 1 
ATOM   564  N NH2 . ARG A 1 80  ? -0.344  14.120  9.949   1.00 15.40 ? 80  ARG A NH2 1 
ATOM   565  N N   . VAL A 1 81  ? -2.251  7.219   8.521   1.00 9.10  ? 81  VAL A N   1 
ATOM   566  C CA  . VAL A 1 81  ? -2.952  6.983   7.255   1.00 9.00  ? 81  VAL A CA  1 
ATOM   567  C C   . VAL A 1 81  ? -3.891  8.221   7.118   1.00 8.00  ? 81  VAL A C   1 
ATOM   568  O O   . VAL A 1 81  ? -4.473  8.674   8.127   1.00 8.40  ? 81  VAL A O   1 
ATOM   569  C CB  . VAL A 1 81  ? -3.724  5.648   7.246   1.00 9.40  ? 81  VAL A CB  1 
ATOM   570  C CG1 . VAL A 1 81  ? -4.736  5.601   6.103   1.00 10.00 ? 81  VAL A CG1 1 
ATOM   571  C CG2 . VAL A 1 81  ? -2.801  4.446   7.186   1.00 10.20 ? 81  VAL A CG2 1 
ATOM   572  N N   . TYR A 1 82  ? -3.947  8.763   5.947   1.00 7.50  ? 82  TYR A N   1 
ATOM   573  C CA  . TYR A 1 82  ? -4.800  9.904   5.606   1.00 8.10  ? 82  TYR A CA  1 
ATOM   574  C C   . TYR A 1 82  ? -6.208  9.347   5.314   1.00 8.00  ? 82  TYR A C   1 
ATOM   575  O O   . TYR A 1 82  ? -6.363  8.377   4.537   1.00 8.30  ? 82  TYR A O   1 
ATOM   576  C CB  . TYR A 1 82  ? -4.253  10.653  4.370   1.00 7.90  ? 82  TYR A CB  1 
ATOM   577  C CG  . TYR A 1 82  ? -5.094  11.854  3.996   1.00 7.40  ? 82  TYR A CG  1 
ATOM   578  C CD1 . TYR A 1 82  ? -5.438  12.826  4.948   1.00 8.10  ? 82  TYR A CD1 1 
ATOM   579  C CD2 . TYR A 1 82  ? -5.485  12.039  2.674   1.00 7.50  ? 82  TYR A CD2 1 
ATOM   580  C CE1 . TYR A 1 82  ? -6.191  13.936  4.592   1.00 7.70  ? 82  TYR A CE1 1 
ATOM   581  C CE2 . TYR A 1 82  ? -6.223  13.166  2.309   1.00 7.30  ? 82  TYR A CE2 1 
ATOM   582  C CZ  . TYR A 1 82  ? -6.568  14.103  3.275   1.00 7.90  ? 82  TYR A CZ  1 
ATOM   583  O OH  . TYR A 1 82  ? -7.339  15.157  2.869   1.00 9.40  ? 82  TYR A OH  1 
ATOM   584  N N   . LEU A 1 83  ? -7.215  9.988   5.905   1.00 8.50  ? 83  LEU A N   1 
ATOM   585  C CA  . LEU A 1 83  ? -8.610  9.515   5.742   1.00 8.20  ? 83  LEU A CA  1 
ATOM   586  C C   . LEU A 1 83  ? -9.378  10.231  4.668   1.00 9.00  ? 83  LEU A C   1 
ATOM   587  O O   . LEU A 1 83  ? -10.583 9.948   4.474   1.00 9.80  ? 83  LEU A O   1 
ATOM   588  C CB  . LEU A 1 83  ? -9.270  9.481   7.125   1.00 8.20  ? 83  LEU A CB  1 
ATOM   589  C CG  . LEU A 1 83  ? -8.626  8.620   8.217   1.00 8.30  ? 83  LEU A CG  1 
ATOM   590  C CD1 . LEU A 1 83  ? -9.455  8.852   9.500   1.00 8.90  ? 83  LEU A CD1 1 
ATOM   591  C CD2 . LEU A 1 83  ? -8.610  7.144   7.858   1.00 8.20  ? 83  LEU A CD2 1 
ATOM   592  N N   . TYR A 1 84  ? -8.795  11.172  3.968   1.00 9.40  ? 84  TYR A N   1 
ATOM   593  C CA  . TYR A 1 84  ? -9.398  11.872  2.855   1.00 9.90  ? 84  TYR A CA  1 
ATOM   594  C C   . TYR A 1 84  ? -10.484 12.848  3.180   1.00 11.40 ? 84  TYR A C   1 
ATOM   595  O O   . TYR A 1 84  ? -11.083 13.379  2.237   1.00 12.40 ? 84  TYR A O   1 
ATOM   596  C CB  . TYR A 1 84  ? -9.794  10.842  1.752   1.00 9.80  ? 84  TYR A CB  1 
ATOM   597  C CG  . TYR A 1 84  ? -8.514  10.489  0.981   1.00 10.10 ? 84  TYR A CG  1 
ATOM   598  C CD1 . TYR A 1 84  ? -8.120  11.324  -0.079  1.00 10.00 ? 84  TYR A CD1 1 
ATOM   599  C CD2 . TYR A 1 84  ? -7.699  9.412   1.324   1.00 9.80  ? 84  TYR A CD2 1 
ATOM   600  C CE1 . TYR A 1 84  ? -6.940  11.108  -0.769  1.00 10.00 ? 84  TYR A CE1 1 
ATOM   601  C CE2 . TYR A 1 84  ? -6.519  9.146   0.616   1.00 9.80  ? 84  TYR A CE2 1 
ATOM   602  C CZ  . TYR A 1 84  ? -6.137  10.020  -0.427  1.00 10.30 ? 84  TYR A CZ  1 
ATOM   603  O OH  . TYR A 1 84  ? -4.961  9.782   -1.105  1.00 9.70  ? 84  TYR A OH  1 
ATOM   604  N N   . ASN A 1 85  ? -10.711 13.133  4.448   1.00 12.00 ? 85  ASN A N   1 
ATOM   605  C CA  . ASN A 1 85  ? -11.767 14.132  4.806   1.00 13.10 ? 85  ASN A CA  1 
ATOM   606  C C   . ASN A 1 85  ? -11.086 15.245  5.618   1.00 13.00 ? 85  ASN A C   1 
ATOM   607  O O   . ASN A 1 85  ? -11.742 16.057  6.284   1.00 12.70 ? 85  ASN A O   1 
ATOM   608  C CB  . ASN A 1 85  ? -12.869 13.401  5.578   1.00 14.00 ? 85  ASN A CB  1 
ATOM   609  C CG  . ASN A 1 85  ? -12.357 13.009  6.950   1.00 15.10 ? 85  ASN A CG  1 
ATOM   610  O OD1 . ASN A 1 85  ? -13.148 12.955  7.925   1.00 18.10 ? 85  ASN A OD1 1 
ATOM   611  N ND2 . ASN A 1 85  ? -11.067 12.764  7.105   1.00 14.10 ? 85  ASN A ND2 1 
ATOM   612  N N   . GLY A 1 86  ? -9.756  15.236  5.544   1.00 12.40 ? 86  GLY A N   1 
ATOM   613  C CA  . GLY A 1 86  ? -8.930  16.217  6.291   1.00 11.70 ? 86  GLY A CA  1 
ATOM   614  C C   . GLY A 1 86  ? -8.399  15.598  7.563   1.00 11.60 ? 86  GLY A C   1 
ATOM   615  O O   . GLY A 1 86  ? -7.670  16.257  8.312   1.00 12.60 ? 86  GLY A O   1 
ATOM   616  N N   . SER A 1 87  ? -8.753  14.353  7.863   1.00 11.10 ? 87  SER A N   1 
ATOM   617  C CA  . SER A 1 87  ? -8.325  13.678  9.078   1.00 10.90 ? 87  SER A CA  1 
ATOM   618  C C   . SER A 1 87  ? -7.337  12.542  8.766   1.00 9.90  ? 87  SER A C   1 
ATOM   619  O O   . SER A 1 87  ? -7.320  12.052  7.648   1.00 8.80  ? 87  SER A O   1 
ATOM   620  C CB  . SER A 1 87  ? -9.538  12.951  9.741   1.00 13.00 ? 87  SER A CB  1 
ATOM   621  O OG  . SER A 1 87  ? -10.265 13.898  10.478  1.00 16.30 ? 87  SER A OG  1 
ATOM   622  N N   . TYR A 1 88  ? -6.651  12.214  9.854   1.00 10.30 ? 88  TYR A N   1 
ATOM   623  C CA  . TYR A 1 88  ? -5.639  11.150  9.794   1.00 11.30 ? 88  TYR A CA  1 
ATOM   624  C C   . TYR A 1 88  ? -5.890  10.175  10.959  1.00 12.00 ? 88  TYR A C   1 
ATOM   625  O O   . TYR A 1 88  ? -6.386  10.585  12.008  1.00 12.60 ? 88  TYR A O   1 
ATOM   626  C CB  . TYR A 1 88  ? -4.191  11.662  9.966   1.00 11.60 ? 88  TYR A CB  1 
ATOM   627  C CG  . TYR A 1 88  ? -3.715  12.596  8.881   1.00 11.80 ? 88  TYR A CG  1 
ATOM   628  C CD1 . TYR A 1 88  ? -4.082  13.916  8.894   1.00 11.70 ? 88  TYR A CD1 1 
ATOM   629  C CD2 . TYR A 1 88  ? -2.859  12.162  7.865   1.00 12.50 ? 88  TYR A CD2 1 
ATOM   630  C CE1 . TYR A 1 88  ? -3.660  14.810  7.913   1.00 12.40 ? 88  TYR A CE1 1 
ATOM   631  C CE2 . TYR A 1 88  ? -2.394  13.047  6.884   1.00 12.10 ? 88  TYR A CE2 1 
ATOM   632  C CZ  . TYR A 1 88  ? -2.815  14.380  6.899   1.00 12.40 ? 88  TYR A CZ  1 
ATOM   633  O OH  . TYR A 1 88  ? -2.418  15.253  5.922   1.00 11.70 ? 88  TYR A OH  1 
ATOM   634  N N   . ARG A 1 89  ? -5.500  8.954   10.714  1.00 11.90 ? 89  ARG A N   1 
ATOM   635  C CA  . ARG A 1 89  ? -5.606  7.907   11.764  1.00 12.30 ? 89  ARG A CA  1 
ATOM   636  C C   . ARG A 1 89  ? -4.178  7.466   12.094  1.00 12.20 ? 89  ARG A C   1 
ATOM   637  O O   . ARG A 1 89  ? -3.378  7.116   11.199  1.00 11.50 ? 89  ARG A O   1 
ATOM   638  C CB  . ARG A 1 89  ? -6.444  6.761   11.216  1.00 13.60 ? 89  ARG A CB  1 
ATOM   639  C CG  . ARG A 1 89  ? -6.473  5.470   12.029  1.00 15.40 ? 89  ARG A CG  1 
ATOM   640  C CD  . ARG A 1 89  ? -7.496  5.421   13.080  1.00 16.20 ? 89  ARG A CD  1 
ATOM   641  N NE  . ARG A 1 89  ? -8.853  5.714   12.609  1.00 17.20 ? 89  ARG A NE  1 
ATOM   642  C CZ  . ARG A 1 89  ? -9.663  4.954   11.872  1.00 17.20 ? 89  ARG A CZ  1 
ATOM   643  N NH1 . ARG A 1 89  ? -9.363  3.710   11.520  1.00 17.20 ? 89  ARG A NH1 1 
ATOM   644  N NH2 . ARG A 1 89  ? -10.856 5.401   11.445  1.00 18.40 ? 89  ARG A NH2 1 
ATOM   645  N N   . ASP A 1 90  ? -3.776  7.474   13.347  1.00 12.70 ? 90  ASP A N   1 
ATOM   646  C CA  . ASP A 1 90  ? -2.444  6.990   13.727  1.00 13.10 ? 90  ASP A CA  1 
ATOM   647  C C   . ASP A 1 90  ? -2.483  5.463   13.660  1.00 13.20 ? 90  ASP A C   1 
ATOM   648  O O   . ASP A 1 90  ? -3.422  4.825   14.181  1.00 13.00 ? 90  ASP A O   1 
ATOM   649  C CB  . ASP A 1 90  ? -2.089  7.485   15.114  1.00 15.60 ? 90  ASP A CB  1 
ATOM   650  C CG  . ASP A 1 90  ? -0.791  6.901   15.605  1.00 18.00 ? 90  ASP A CG  1 
ATOM   651  O OD1 . ASP A 1 90  ? 0.164   6.720   14.865  1.00 18.80 ? 90  ASP A OD1 1 
ATOM   652  O OD2 . ASP A 1 90  ? -0.719  6.558   16.813  1.00 20.00 ? 90  ASP A OD2 1 
ATOM   653  N N   . ILE A 1 91  ? -1.537  4.842   13.008  1.00 12.60 ? 91  ILE A N   1 
ATOM   654  C CA  . ILE A 1 91  ? -1.407  3.388   12.904  1.00 12.80 ? 91  ILE A CA  1 
ATOM   655  C C   . ILE A 1 91  ? -0.478  2.922   14.018  1.00 13.60 ? 91  ILE A C   1 
ATOM   656  O O   . ILE A 1 91  ? 0.645   3.449   14.121  1.00 13.50 ? 91  ILE A O   1 
ATOM   657  C CB  . ILE A 1 91  ? -0.917  2.904   11.510  1.00 12.30 ? 91  ILE A CB  1 
ATOM   658  C CG1 . ILE A 1 91  ? -1.975  3.360   10.488  1.00 12.80 ? 91  ILE A CG1 1 
ATOM   659  C CG2 . ILE A 1 91  ? -0.660  1.370   11.532  1.00 12.60 ? 91  ILE A CG2 1 
ATOM   660  C CD1 . ILE A 1 91  ? -3.369  2.649   10.603  1.00 12.50 ? 91  ILE A CD1 1 
ATOM   661  N N   . THR A 1 92  ? -0.956  2.004   14.835  1.00 13.40 ? 92  THR A N   1 
ATOM   662  C CA  . THR A 1 92  ? -0.077  1.638   15.962  1.00 15.40 ? 92  THR A CA  1 
ATOM   663  C C   . THR A 1 92  ? 0.578   0.288   15.831  1.00 15.40 ? 92  THR A C   1 
ATOM   664  O O   . THR A 1 92  ? 1.518   0.048   16.646  1.00 17.00 ? 92  THR A O   1 
ATOM   665  C CB  . THR A 1 92  ? -0.836  1.812   17.347  1.00 16.20 ? 92  THR A CB  1 
ATOM   666  O OG1 . THR A 1 92  ? -1.952  0.880   17.353  1.00 16.80 ? 92  THR A OG1 1 
ATOM   667  C CG2 . THR A 1 92  ? -1.288  3.257   17.607  1.00 16.80 ? 92  THR A CG2 1 
ATOM   668  N N   . GLY A 1 93  ? 0.156   -0.561  14.919  1.00 14.40 ? 93  GLY A N   1 
ATOM   669  C CA  . GLY A 1 93  ? 0.836   -1.889  14.889  1.00 13.50 ? 93  GLY A CA  1 
ATOM   670  C C   . GLY A 1 93  ? 0.315   -2.578  13.632  1.00 13.00 ? 93  GLY A C   1 
ATOM   671  O O   . GLY A 1 93  ? -0.392  -1.863  12.901  1.00 12.50 ? 93  GLY A O   1 
ATOM   672  N N   . ALA A 1 94  ? 0.699   -3.818  13.484  1.00 12.70 ? 94  ALA A N   1 
ATOM   673  C CA  . ALA A 1 94  ? 0.286   -4.634  12.318  1.00 13.20 ? 94  ALA A CA  1 
ATOM   674  C C   . ALA A 1 94  ? -0.471  -5.847  12.875  1.00 13.60 ? 94  ALA A C   1 
ATOM   675  O O   . ALA A 1 94  ? -0.180  -6.173  14.057  1.00 14.20 ? 94  ALA A O   1 
ATOM   676  C CB  . ALA A 1 94  ? 1.462   -5.112  11.483  1.00 12.50 ? 94  ALA A CB  1 
ATOM   677  N N   . GLY A 1 95  ? -1.338  -6.458  12.094  1.00 12.90 ? 95  GLY A N   1 
ATOM   678  C CA  . GLY A 1 95  ? -2.079  -7.630  12.602  1.00 13.00 ? 95  GLY A CA  1 
ATOM   679  C C   . GLY A 1 95  ? -2.411  -8.484  11.378  1.00 14.00 ? 95  GLY A C   1 
ATOM   680  O O   . GLY A 1 95  ? -2.017  -8.142  10.251  1.00 14.10 ? 95  GLY A O   1 
ATOM   681  N N   . ASN A 1 96  ? -3.114  -9.554  11.663  1.00 14.20 ? 96  ASN A N   1 
ATOM   682  C CA  . ASN A 1 96  ? -3.553  -10.546 10.681  1.00 14.70 ? 96  ASN A CA  1 
ATOM   683  C C   . ASN A 1 96  ? -5.000  -10.239 10.262  1.00 13.80 ? 96  ASN A C   1 
ATOM   684  O O   . ASN A 1 96  ? -5.726  -9.513  10.928  1.00 14.50 ? 96  ASN A O   1 
ATOM   685  C CB  . ASN A 1 96  ? -3.348  -11.945 11.268  1.00 17.60 ? 96  ASN A CB  1 
ATOM   686  C CG  . ASN A 1 96  ? -4.205  -12.220 12.499  1.00 20.90 ? 96  ASN A CG  1 
ATOM   687  O OD1 . ASN A 1 96  ? -5.389  -12.644 12.429  1.00 22.70 ? 96  ASN A OD1 1 
ATOM   688  N ND2 . ASN A 1 96  ? -3.620  -12.016 13.693  1.00 22.40 ? 96  ASN A ND2 1 
ATOM   689  N N   . ALA A 1 97  ? -5.411  -10.789 9.155   1.00 13.00 ? 97  ALA A N   1 
ATOM   690  C CA  . ALA A 1 97  ? -6.749  -10.607 8.587   1.00 12.30 ? 97  ALA A CA  1 
ATOM   691  C C   . ALA A 1 97  ? -7.499  -11.919 8.848   1.00 11.90 ? 97  ALA A C   1 
ATOM   692  O O   . ALA A 1 97  ? -6.888  -12.975 9.042   1.00 11.10 ? 97  ALA A O   1 
ATOM   693  C CB  . ALA A 1 97  ? -6.615  -10.332 7.084   1.00 11.70 ? 97  ALA A CB  1 
ATOM   694  N N   . TYR A 1 98  ? -8.815  -11.826 8.800   1.00 12.10 ? 98  TYR A N   1 
ATOM   695  C CA  . TYR A 1 98  ? -9.706  -13.006 8.977   1.00 12.00 ? 98  TYR A CA  1 
ATOM   696  C C   . TYR A 1 98  ? -11.010 -12.736 8.201   1.00 11.20 ? 98  TYR A C   1 
ATOM   697  O O   . TYR A 1 98  ? -11.444 -11.561 8.098   1.00 10.80 ? 98  TYR A O   1 
ATOM   698  C CB  . TYR A 1 98  ? -9.928  -13.298 10.463  1.00 12.50 ? 98  TYR A CB  1 
ATOM   699  C CG  . TYR A 1 98  ? -10.594 -12.186 11.238  1.00 13.20 ? 98  TYR A CG  1 
ATOM   700  C CD1 . TYR A 1 98  ? -12.001 -12.086 11.191  1.00 13.70 ? 98  TYR A CD1 1 
ATOM   701  C CD2 . TYR A 1 98  ? -9.892  -11.259 11.995  1.00 13.20 ? 98  TYR A CD2 1 
ATOM   702  C CE1 . TYR A 1 98  ? -12.640 -11.072 11.878  1.00 14.30 ? 98  TYR A CE1 1 
ATOM   703  C CE2 . TYR A 1 98  ? -10.503 -10.221 12.690  1.00 13.50 ? 98  TYR A CE2 1 
ATOM   704  C CZ  . TYR A 1 98  ? -11.891 -10.148 12.616  1.00 14.90 ? 98  TYR A CZ  1 
ATOM   705  O OH  . TYR A 1 98  ? -12.626 -9.164  13.261  1.00 16.00 ? 98  TYR A OH  1 
ATOM   706  N N   . VAL A 1 99  ? -11.604 -13.821 7.709   1.00 11.00 ? 99  VAL A N   1 
ATOM   707  C CA  . VAL A 1 99  ? -12.875 -13.697 6.946   1.00 11.20 ? 99  VAL A CA  1 
ATOM   708  C C   . VAL A 1 99  ? -13.948 -13.147 7.893   1.00 11.40 ? 99  VAL A C   1 
ATOM   709  O O   . VAL A 1 99  ? -14.106 -13.618 9.049   1.00 11.00 ? 99  VAL A O   1 
ATOM   710  C CB  . VAL A 1 99  ? -13.291 -14.992 6.250   1.00 12.00 ? 99  VAL A CB  1 
ATOM   711  C CG1 . VAL A 1 99  ? -14.646 -14.905 5.585   1.00 12.20 ? 99  VAL A CG1 1 
ATOM   712  C CG2 . VAL A 1 99  ? -12.252 -15.392 5.191   1.00 13.10 ? 99  VAL A CG2 1 
ATOM   713  N N   . GLY A 1 100 ? -14.576 -12.098 7.404   1.00 11.10 ? 100 GLY A N   1 
ATOM   714  C CA  . GLY A 1 100 ? -15.618 -11.397 8.137   1.00 11.20 ? 100 GLY A CA  1 
ATOM   715  C C   . GLY A 1 100 ? -15.099 -10.153 8.785   1.00 11.50 ? 100 GLY A C   1 
ATOM   716  O O   . GLY A 1 100 ? -15.874 -9.364  9.378   1.00 11.70 ? 100 GLY A O   1 
ATOM   717  N N   . GLN A 1 101 ? -13.776 -9.944  8.702   1.00 11.00 ? 101 GLN A N   1 
ATOM   718  C CA  . GLN A 1 101 ? -13.229 -8.722  9.337   1.00 11.00 ? 101 GLN A CA  1 
ATOM   719  C C   . GLN A 1 101 ? -13.700 -7.468  8.592   1.00 10.30 ? 101 GLN A C   1 
ATOM   720  O O   . GLN A 1 101 ? -13.755 -7.440  7.356   1.00 9.90  ? 101 GLN A O   1 
ATOM   721  C CB  . GLN A 1 101 ? -11.711 -8.856  9.338   1.00 11.30 ? 101 GLN A CB  1 
ATOM   722  C CG  . GLN A 1 101 ? -10.971 -7.680  9.994   1.00 11.80 ? 101 GLN A CG  1 
ATOM   723  C CD  . GLN A 1 101 ? -9.474  -7.986  10.032  1.00 11.70 ? 101 GLN A CD  1 
ATOM   724  O OE1 . GLN A 1 101 ? -8.965  -8.597  9.080   1.00 12.50 ? 101 GLN A OE1 1 
ATOM   725  N NE2 . GLN A 1 101 ? -8.836  -7.631  11.106  1.00 12.10 ? 101 GLN A NE2 1 
ATOM   726  N N   . THR A 1 102 ? -14.023 -6.419  9.354   1.00 10.40 ? 102 THR A N   1 
ATOM   727  C CA  . THR A 1 102 ? -14.380 -5.153  8.663   1.00 10.90 ? 102 THR A CA  1 
ATOM   728  C C   . THR A 1 102 ? -13.112 -4.284  8.561   1.00 10.30 ? 102 THR A C   1 
ATOM   729  O O   . THR A 1 102 ? -12.338 -4.042  9.494   1.00 10.00 ? 102 THR A O   1 
ATOM   730  C CB  . THR A 1 102 ? -15.712 -4.487  8.943   1.00 13.40 ? 102 THR A CB  1 
ATOM   731  O OG1 . THR A 1 102 ? -15.546 -3.073  9.315   1.00 15.20 ? 102 THR A OG1 1 
ATOM   732  C CG2 . THR A 1 102 ? -16.731 -5.257  9.759   1.00 12.00 ? 102 THR A CG2 1 
ATOM   733  N N   . VAL A 1 103 ? -12.917 -3.876  7.293   1.00 10.10 ? 103 VAL A N   1 
ATOM   734  C CA  . VAL A 1 103 ? -11.706 -3.124  6.907   1.00 9.60  ? 103 VAL A CA  1 
ATOM   735  C C   . VAL A 1 103 ? -11.968 -1.848  6.134   1.00 9.50  ? 103 VAL A C   1 
ATOM   736  O O   . VAL A 1 103 ? -13.027 -1.584  5.560   1.00 9.70  ? 103 VAL A O   1 
ATOM   737  C CB  . VAL A 1 103 ? -10.805 -4.115  6.085   1.00 9.20  ? 103 VAL A CB  1 
ATOM   738  C CG1 . VAL A 1 103 ? -10.283 -5.220  6.978   1.00 9.50  ? 103 VAL A CG1 1 
ATOM   739  C CG2 . VAL A 1 103 ? -11.514 -4.703  4.870   1.00 8.40  ? 103 VAL A CG2 1 
ATOM   740  N N   . GLN A 1 104 ? -10.893 -1.033  6.141   1.00 9.30  ? 104 GLN A N   1 
ATOM   741  C CA  . GLN A 1 104 ? -10.880 0.257   5.455   1.00 9.00  ? 104 GLN A CA  1 
ATOM   742  C C   . GLN A 1 104 ? -9.618  0.270   4.566   1.00 8.50  ? 104 GLN A C   1 
ATOM   743  O O   . GLN A 1 104 ? -8.596  -0.243  5.023   1.00 7.60  ? 104 GLN A O   1 
ATOM   744  C CB  . GLN A 1 104 ? -10.912 1.515   6.303   1.00 10.70 ? 104 GLN A CB  1 
ATOM   745  C CG  . GLN A 1 104 ? -12.196 1.541   7.147   1.00 13.10 ? 104 GLN A CG  1 
ATOM   746  C CD  . GLN A 1 104 ? -12.357 2.849   7.878   1.00 14.30 ? 104 GLN A CD  1 
ATOM   747  O OE1 . GLN A 1 104 ? -11.673 3.039   8.882   1.00 16.40 ? 104 GLN A OE1 1 
ATOM   748  N NE2 . GLN A 1 104 ? -13.272 3.675   7.393   1.00 14.90 ? 104 GLN A NE2 1 
ATOM   749  N N   . ARG A 1 105 ? -9.855  0.833   3.407   1.00 7.70  ? 105 ARG A N   1 
ATOM   750  C CA  . ARG A 1 105 ? -8.762  0.988   2.420   1.00 7.50  ? 105 ARG A CA  1 
ATOM   751  C C   . ARG A 1 105 ? -8.628  2.496   2.117   1.00 7.70  ? 105 ARG A C   1 
ATOM   752  O O   . ARG A 1 105 ? -9.675  3.140   1.866   1.00 7.40  ? 105 ARG A O   1 
ATOM   753  C CB  . ARG A 1 105 ? -9.044  0.239   1.104   1.00 7.10  ? 105 ARG A CB  1 
ATOM   754  C CG  . ARG A 1 105 ? -7.878  0.448   0.082   1.00 7.00  ? 105 ARG A CG  1 
ATOM   755  C CD  . ARG A 1 105 ? -8.234  0.106   -1.321  1.00 6.70  ? 105 ARG A CD  1 
ATOM   756  N NE  . ARG A 1 105 ? -9.437  0.751   -1.776  1.00 6.40  ? 105 ARG A NE  1 
ATOM   757  C CZ  . ARG A 1 105 ? -9.621  2.043   -2.008  1.00 7.00  ? 105 ARG A CZ  1 
ATOM   758  N NH1 . ARG A 1 105 ? -8.701  2.983   -1.885  1.00 6.60  ? 105 ARG A NH1 1 
ATOM   759  N NH2 . ARG A 1 105 ? -10.867 2.471   -2.410  1.00 7.30  ? 105 ARG A NH2 1 
ATOM   760  N N   . SER A 1 106 ? -7.398  3.004   2.138   1.00 6.70  ? 106 SER A N   1 
ATOM   761  C CA  . SER A 1 106 ? -7.068  4.394   1.805   1.00 7.00  ? 106 SER A CA  1 
ATOM   762  C C   . SER A 1 106 ? -6.199  4.398   0.500   1.00 7.10  ? 106 SER A C   1 
ATOM   763  O O   . SER A 1 106 ? -5.166  3.712   0.468   1.00 7.70  ? 106 SER A O   1 
ATOM   764  C CB  . SER A 1 106 ? -6.378  5.135   2.932   1.00 7.30  ? 106 SER A CB  1 
ATOM   765  O OG  . SER A 1 106 ? -6.262  6.507   2.559   1.00 8.20  ? 106 SER A OG  1 
ATOM   766  N N   . GLY A 1 107 ? -6.624  5.082   -0.537  1.00 6.80  ? 107 GLY A N   1 
ATOM   767  C CA  . GLY A 1 107 ? -5.857  5.125   -1.821  1.00 7.00  ? 107 GLY A CA  1 
ATOM   768  C C   . GLY A 1 107 ? -5.989  6.495   -2.455  1.00 7.90  ? 107 GLY A C   1 
ATOM   769  O O   . GLY A 1 107 ? -6.934  7.294   -2.175  1.00 7.20  ? 107 GLY A O   1 
ATOM   770  N N   . SER A 1 108 ? -5.069  6.822   -3.380  1.00 7.60  ? 108 SER A N   1 
ATOM   771  C CA  . SER A 1 108 ? -5.059  8.174   -3.976  1.00 7.70  ? 108 SER A CA  1 
ATOM   772  C C   . SER A 1 108 ? -6.010  8.383   -5.105  1.00 7.50  ? 108 SER A C   1 
ATOM   773  O O   . SER A 1 108 ? -6.190  9.546   -5.517  1.00 8.00  ? 108 SER A O   1 
ATOM   774  C CB  . SER A 1 108 ? -3.622  8.623   -4.361  1.00 7.90  ? 108 SER A CB  1 
ATOM   775  O OG  . SER A 1 108 ? -3.127  7.943   -5.485  1.00 8.20  ? 108 SER A OG  1 
ATOM   776  N N   . THR A 1 109 ? -6.621  7.337   -5.661  1.00 7.60  ? 109 THR A N   1 
ATOM   777  C CA  . THR A 1 109 ? -7.592  7.561   -6.746  1.00 7.70  ? 109 THR A CA  1 
ATOM   778  C C   . THR A 1 109 ? -9.009  7.729   -6.151  1.00 7.40  ? 109 THR A C   1 
ATOM   779  O O   . THR A 1 109 ? -9.714  8.691   -6.506  1.00 8.20  ? 109 THR A O   1 
ATOM   780  C CB  . THR A 1 109 ? -7.633  6.470   -7.872  1.00 7.30  ? 109 THR A CB  1 
ATOM   781  O OG1 . THR A 1 109 ? -6.317  6.406   -8.452  1.00 8.50  ? 109 THR A OG1 1 
ATOM   782  C CG2 . THR A 1 109 ? -8.695  6.737   -8.955  1.00 7.30  ? 109 THR A CG2 1 
ATOM   783  N N   . THR A 1 110 ? -9.375  6.836   -5.265  1.00 6.90  ? 110 THR A N   1 
ATOM   784  C CA  . THR A 1 110 ? -10.763 6.819   -4.722  1.00 6.90  ? 110 THR A CA  1 
ATOM   785  C C   . THR A 1 110 ? -10.945 7.170   -3.291  1.00 7.00  ? 110 THR A C   1 
ATOM   786  O O   . THR A 1 110 ? -12.105 7.080   -2.775  1.00 7.50  ? 110 THR A O   1 
ATOM   787  C CB  . THR A 1 110 ? -11.378 5.375   -5.055  1.00 7.30  ? 110 THR A CB  1 
ATOM   788  O OG1 . THR A 1 110 ? -10.632 4.471   -4.209  1.00 7.70  ? 110 THR A OG1 1 
ATOM   789  C CG2 . THR A 1 110 ? -11.304 5.058   -6.540  1.00 7.20  ? 110 THR A CG2 1 
ATOM   790  N N   . GLY A 1 111 ? -9.929  7.598   -2.582  1.00 6.50  ? 111 GLY A N   1 
ATOM   791  C CA  . GLY A 1 111 ? -10.080 8.000   -1.190  1.00 7.20  ? 111 GLY A CA  1 
ATOM   792  C C   . GLY A 1 111 ? -10.267 6.781   -0.282  1.00 8.40  ? 111 GLY A C   1 
ATOM   793  O O   . GLY A 1 111 ? -9.680  5.696   -0.474  1.00 9.20  ? 111 GLY A O   1 
ATOM   794  N N   . LEU A 1 112 ? -11.072 6.988   0.767   1.00 8.00  ? 112 LEU A N   1 
ATOM   795  C CA  . LEU A 1 112 ? -11.317 5.989   1.800   1.00 7.90  ? 112 LEU A CA  1 
ATOM   796  C C   . LEU A 1 112 ? -12.620 5.220   1.577   1.00 8.20  ? 112 LEU A C   1 
ATOM   797  O O   . LEU A 1 112 ? -13.709 5.793   1.437   1.00 8.30  ? 112 LEU A O   1 
ATOM   798  C CB  . LEU A 1 112 ? -11.343 6.771   3.134   1.00 8.80  ? 112 LEU A CB  1 
ATOM   799  C CG  . LEU A 1 112 ? -11.550 5.854   4.359   1.00 9.20  ? 112 LEU A CG  1 
ATOM   800  C CD1 . LEU A 1 112 ? -10.202 5.220   4.740   1.00 8.40  ? 112 LEU A CD1 1 
ATOM   801  C CD2 . LEU A 1 112 ? -12.090 6.715   5.482   1.00 9.50  ? 112 LEU A CD2 1 
ATOM   802  N N   . HIS A 1 113 ? -12.514 3.915   1.558   1.00 8.20  ? 113 HIS A N   1 
ATOM   803  C CA  . HIS A 1 113 ? -13.717 3.059   1.339   1.00 8.80  ? 113 HIS A CA  1 
ATOM   804  C C   . HIS A 1 113 ? -13.686 1.964   2.360   1.00 10.00 ? 113 HIS A C   1 
ATOM   805  O O   . HIS A 1 113 ? -12.579 1.622   2.823   1.00 10.50 ? 113 HIS A O   1 
ATOM   806  C CB  . HIS A 1 113 ? -13.681 2.448   -0.081  1.00 9.00  ? 113 HIS A CB  1 
ATOM   807  C CG  . HIS A 1 113 ? -14.135 3.501   -1.046  1.00 9.80  ? 113 HIS A CG  1 
ATOM   808  N ND1 . HIS A 1 113 ? -13.370 4.577   -1.426  1.00 10.00 ? 113 HIS A ND1 1 
ATOM   809  C CD2 . HIS A 1 113 ? -15.324 3.621   -1.665  1.00 9.20  ? 113 HIS A CD2 1 
ATOM   810  C CE1 . HIS A 1 113 ? -14.128 5.341   -2.232  1.00 9.70  ? 113 HIS A CE1 1 
ATOM   811  N NE2 . HIS A 1 113 ? -15.283 4.763   -2.417  1.00 10.50 ? 113 HIS A NE2 1 
ATOM   812  N N   . SER A 1 114 ? -14.823 1.379   2.736   1.00 10.60 ? 114 SER A N   1 
ATOM   813  C CA  . SER A 1 114 ? -14.756 0.276   3.713   1.00 11.30 ? 114 SER A CA  1 
ATOM   814  C C   . SER A 1 114 ? -15.514 -0.925  3.206   1.00 10.60 ? 114 SER A C   1 
ATOM   815  O O   . SER A 1 114 ? -16.248 -0.885  2.204   1.00 10.10 ? 114 SER A O   1 
ATOM   816  C CB  . SER A 1 114 ? -15.114 0.690   5.113   1.00 14.70 ? 114 SER A CB  1 
ATOM   817  O OG  . SER A 1 114 ? -16.046 1.718   5.138   1.00 16.50 ? 114 SER A OG  1 
ATOM   818  N N   . GLY A 1 115 ? -15.245 -2.030  3.892   1.00 10.20 ? 115 GLY A N   1 
ATOM   819  C CA  . GLY A 1 115 ? -15.916 -3.276  3.425   1.00 10.40 ? 115 GLY A CA  1 
ATOM   820  C C   . GLY A 1 115 ? -15.507 -4.390  4.413   1.00 10.50 ? 115 GLY A C   1 
ATOM   821  O O   . GLY A 1 115 ? -15.216 -4.115  5.585   1.00 9.80  ? 115 GLY A O   1 
ATOM   822  N N   . ARG A 1 116 ? -15.492 -5.570  3.832   1.00 10.70 ? 116 ARG A N   1 
ATOM   823  C CA  . ARG A 1 116 ? -15.195 -6.774  4.643   1.00 11.90 ? 116 ARG A CA  1 
ATOM   824  C C   . ARG A 1 116 ? -14.244 -7.738  3.927   1.00 9.90  ? 116 ARG A C   1 
ATOM   825  O O   . ARG A 1 116 ? -14.295 -7.795  2.696   1.00 8.90  ? 116 ARG A O   1 
ATOM   826  C CB  . ARG A 1 116 ? -16.590 -7.446  4.767   1.00 14.20 ? 116 ARG A CB  1 
ATOM   827  C CG  . ARG A 1 116 ? -16.730 -8.571  5.776   1.00 18.00 ? 116 ARG A CG  1 
ATOM   828  C CD  . ARG A 1 116 ? -17.954 -9.373  5.351   1.00 20.50 ? 116 ARG A CD  1 
ATOM   829  N NE  . ARG A 1 116 ? -18.104 -10.645 6.007   1.00 23.40 ? 116 ARG A NE  1 
ATOM   830  C CZ  . ARG A 1 116 ? -17.784 -11.859 5.519   1.00 25.10 ? 116 ARG A CZ  1 
ATOM   831  N NH1 . ARG A 1 116 ? -17.312 -12.119 4.305   1.00 24.50 ? 116 ARG A NH1 1 
ATOM   832  N NH2 . ARG A 1 116 ? -18.007 -12.942 6.341   1.00 26.60 ? 116 ARG A NH2 1 
ATOM   833  N N   . VAL A 1 117 ? -13.467 -8.454  4.704   1.00 8.90  ? 117 VAL A N   1 
ATOM   834  C CA  . VAL A 1 117 ? -12.583 -9.531  4.170   1.00 9.00  ? 117 VAL A CA  1 
ATOM   835  C C   . VAL A 1 117 ? -13.550 -10.692 3.847   1.00 9.00  ? 117 VAL A C   1 
ATOM   836  O O   . VAL A 1 117 ? -14.322 -11.135 4.705   1.00 9.20  ? 117 VAL A O   1 
ATOM   837  C CB  . VAL A 1 117 ? -11.469 -9.918  5.134   1.00 8.50  ? 117 VAL A CB  1 
ATOM   838  C CG1 . VAL A 1 117 ? -10.666 -11.132 4.636   1.00 8.00  ? 117 VAL A CG1 1 
ATOM   839  C CG2 . VAL A 1 117 ? -10.596 -8.713  5.457   1.00 8.10  ? 117 VAL A CG2 1 
ATOM   840  N N   . THR A 1 118 ? -13.554 -11.141 2.650   1.00 8.50  ? 118 THR A N   1 
ATOM   841  C CA  . THR A 1 118 ? -14.443 -12.199 2.178   1.00 9.70  ? 118 THR A CA  1 
ATOM   842  C C   . THR A 1 118 ? -13.675 -13.446 1.839   1.00 10.60 ? 118 THR A C   1 
ATOM   843  O O   . THR A 1 118 ? -14.272 -14.492 1.520   1.00 11.70 ? 118 THR A O   1 
ATOM   844  C CB  . THR A 1 118 ? -15.324 -11.674 0.971   1.00 9.60  ? 118 THR A CB  1 
ATOM   845  O OG1 . THR A 1 118 ? -14.360 -11.397 -0.094  1.00 11.30 ? 118 THR A OG1 1 
ATOM   846  C CG2 . THR A 1 118 ? -16.210 -10.485 1.305   1.00 8.80  ? 118 THR A CG2 1 
ATOM   847  N N   . GLY A 1 119 ? -12.334 -13.418 1.857   1.00 10.70 ? 119 GLY A N   1 
ATOM   848  C CA  . GLY A 1 119 ? -11.586 -14.658 1.495   1.00 9.50  ? 119 GLY A CA  1 
ATOM   849  C C   . GLY A 1 119 ? -10.099 -14.462 1.764   1.00 9.70  ? 119 GLY A C   1 
ATOM   850  O O   . GLY A 1 119 ? -9.638  -13.328 1.935   1.00 9.60  ? 119 GLY A O   1 
ATOM   851  N N   . LEU A 1 120 ? -9.424  -15.600 1.821   1.00 9.60  ? 120 LEU A N   1 
ATOM   852  C CA  . LEU A 1 120 ? -7.963  -15.634 2.049   1.00 9.50  ? 120 LEU A CA  1 
ATOM   853  C C   . LEU A 1 120 ? -7.372  -16.525 0.973   1.00 9.70  ? 120 LEU A C   1 
ATOM   854  O O   . LEU A 1 120 ? -8.148  -17.132 0.209   1.00 9.60  ? 120 LEU A O   1 
ATOM   855  C CB  . LEU A 1 120 ? -7.714  -16.067 3.484   1.00 9.70  ? 120 LEU A CB  1 
ATOM   856  C CG  . LEU A 1 120 ? -8.167  -15.127 4.608   1.00 10.60 ? 120 LEU A CG  1 
ATOM   857  C CD1 . LEU A 1 120 ? -7.961  -15.853 5.931   1.00 11.10 ? 120 LEU A CD1 1 
ATOM   858  C CD2 . LEU A 1 120 ? -7.352  -13.828 4.614   1.00 10.90 ? 120 LEU A CD2 1 
ATOM   859  N N   . ASN A 1 121 ? -6.059  -16.596 0.914   1.00 10.00 ? 121 ASN A N   1 
ATOM   860  C CA  . ASN A 1 121 ? -5.340  -17.420 -0.058  1.00 10.80 ? 121 ASN A CA  1 
ATOM   861  C C   . ASN A 1 121 ? -5.735  -17.077 -1.488  1.00 11.40 ? 121 ASN A C   1 
ATOM   862  O O   . ASN A 1 121 ? -5.727  -18.045 -2.310  1.00 12.00 ? 121 ASN A O   1 
ATOM   863  C CB  . ASN A 1 121 ? -5.626  -18.915 0.191   1.00 11.60 ? 121 ASN A CB  1 
ATOM   864  C CG  . ASN A 1 121 ? -5.284  -19.340 1.587   1.00 13.50 ? 121 ASN A CG  1 
ATOM   865  O OD1 . ASN A 1 121 ? -6.179  -19.956 2.217   1.00 15.80 ? 121 ASN A OD1 1 
ATOM   866  N ND2 . ASN A 1 121 ? -4.117  -19.081 2.151   1.00 12.20 ? 121 ASN A ND2 1 
ATOM   867  N N   . ALA A 1 122 ? -6.050  -15.835 -1.779  1.00 11.70 ? 122 ALA A N   1 
ATOM   868  C CA  . ALA A 1 122 ? -6.493  -15.459 -3.137  1.00 12.10 ? 122 ALA A CA  1 
ATOM   869  C C   . ALA A 1 122 ? -5.266  -15.249 -4.040  1.00 13.00 ? 122 ALA A C   1 
ATOM   870  O O   . ALA A 1 122 ? -4.165  -14.919 -3.633  1.00 12.70 ? 122 ALA A O   1 
ATOM   871  C CB  . ALA A 1 122 ? -7.446  -14.297 -3.106  1.00 11.50 ? 122 ALA A CB  1 
ATOM   872  N N   . THR A 1 123 ? -5.533  -15.480 -5.329  1.00 14.20 ? 123 THR A N   1 
ATOM   873  C CA  . THR A 1 123 ? -4.540  -15.345 -6.392  1.00 15.60 ? 123 THR A CA  1 
ATOM   874  C C   . THR A 1 123 ? -5.055  -14.389 -7.470  1.00 15.50 ? 123 THR A C   1 
ATOM   875  O O   . THR A 1 123 ? -6.250  -14.463 -7.737  1.00 16.10 ? 123 THR A O   1 
ATOM   876  C CB  . THR A 1 123 ? -4.175  -16.670 -7.160  1.00 16.30 ? 123 THR A CB  1 
ATOM   877  O OG1 . THR A 1 123 ? -3.622  -17.552 -6.156  1.00 17.60 ? 123 THR A OG1 1 
ATOM   878  C CG2 . THR A 1 123 ? -3.154  -16.431 -8.293  1.00 17.00 ? 123 THR A CG2 1 
ATOM   879  N N   . VAL A 1 124 ? -4.158  -13.598 -8.012  1.00 15.10 ? 124 VAL A N   1 
ATOM   880  C CA  . VAL A 1 124 ? -4.556  -12.695 -9.110  1.00 15.40 ? 124 VAL A CA  1 
ATOM   881  C C   . VAL A 1 124 ? -3.482  -12.926 -10.206 1.00 14.50 ? 124 VAL A C   1 
ATOM   882  O O   . VAL A 1 124 ? -2.347  -13.195 -9.875  1.00 14.10 ? 124 VAL A O   1 
ATOM   883  C CB  . VAL A 1 124 ? -4.726  -11.269 -8.634  1.00 16.70 ? 124 VAL A CB  1 
ATOM   884  C CG1 . VAL A 1 124 ? -3.474  -10.816 -7.885  1.00 17.30 ? 124 VAL A CG1 1 
ATOM   885  C CG2 . VAL A 1 124 ? -5.066  -10.334 -9.796  1.00 18.30 ? 124 VAL A CG2 1 
ATOM   886  N N   . ASN A 1 125 ? -3.956  -12.875 -11.420 1.00 13.90 ? 125 ASN A N   1 
ATOM   887  C CA  . ASN A 1 125 ? -3.151  -13.053 -12.617 1.00 13.60 ? 125 ASN A CA  1 
ATOM   888  C C   . ASN A 1 125 ? -3.235  -11.780 -13.465 1.00 14.00 ? 125 ASN A C   1 
ATOM   889  O O   . ASN A 1 125 ? -4.309  -11.536 -14.085 1.00 13.90 ? 125 ASN A O   1 
ATOM   890  C CB  . ASN A 1 125 ? -3.654  -14.296 -13.358 1.00 13.90 ? 125 ASN A CB  1 
ATOM   891  C CG  . ASN A 1 125 ? -2.703  -14.732 -14.471 1.00 14.10 ? 125 ASN A CG  1 
ATOM   892  O OD1 . ASN A 1 125 ? -2.815  -15.916 -14.879 1.00 15.10 ? 125 ASN A OD1 1 
ATOM   893  N ND2 . ASN A 1 125 ? -1.813  -13.881 -14.952 1.00 12.90 ? 125 ASN A ND2 1 
ATOM   894  N N   . TYR A 1 126 ? -2.118  -11.044 -13.524 1.00 13.60 ? 126 TYR A N   1 
ATOM   895  C CA  . TYR A 1 126 ? -1.985  -9.810  -14.290 1.00 13.10 ? 126 TYR A CA  1 
ATOM   896  C C   . TYR A 1 126 ? -1.481  -10.051 -15.708 1.00 13.20 ? 126 TYR A C   1 
ATOM   897  O O   . TYR A 1 126 ? -1.243  -9.081  -16.455 1.00 12.60 ? 126 TYR A O   1 
ATOM   898  C CB  . TYR A 1 126 ? -1.103  -8.835  -13.512 1.00 13.40 ? 126 TYR A CB  1 
ATOM   899  C CG  . TYR A 1 126 ? -1.671  -8.351  -12.196 1.00 13.50 ? 126 TYR A CG  1 
ATOM   900  C CD1 . TYR A 1 126 ? -2.955  -7.785  -12.121 1.00 13.90 ? 126 TYR A CD1 1 
ATOM   901  C CD2 . TYR A 1 126 ? -0.924  -8.436  -11.012 1.00 14.00 ? 126 TYR A CD2 1 
ATOM   902  C CE1 . TYR A 1 126 ? -3.507  -7.323  -10.914 1.00 13.80 ? 126 TYR A CE1 1 
ATOM   903  C CE2 . TYR A 1 126 ? -1.459  -7.987  -9.804  1.00 14.10 ? 126 TYR A CE2 1 
ATOM   904  C CZ  . TYR A 1 126 ? -2.749  -7.432  -9.757  1.00 13.80 ? 126 TYR A CZ  1 
ATOM   905  O OH  . TYR A 1 126 ? -3.256  -6.965  -8.576  1.00 13.60 ? 126 TYR A OH  1 
ATOM   906  N N   . GLY A 1 127 ? -1.326  -11.305 -16.065 1.00 12.90 ? 127 GLY A N   1 
ATOM   907  C CA  . GLY A 1 127 ? -0.824  -11.710 -17.386 1.00 12.90 ? 127 GLY A CA  1 
ATOM   908  C C   . GLY A 1 127 ? 0.699   -11.578 -17.417 1.00 13.20 ? 127 GLY A C   1 
ATOM   909  O O   . GLY A 1 127 ? 1.345   -11.094 -16.481 1.00 13.00 ? 127 GLY A O   1 
ATOM   910  N N   . GLY A 1 128 ? 1.285   -12.006 -18.523 1.00 13.80 ? 128 GLY A N   1 
ATOM   911  C CA  . GLY A 1 128 ? 2.736   -11.932 -18.738 1.00 14.40 ? 128 GLY A CA  1 
ATOM   912  C C   . GLY A 1 128 ? 3.610   -12.547 -17.644 1.00 14.70 ? 128 GLY A C   1 
ATOM   913  O O   . GLY A 1 128 ? 4.774   -12.103 -17.428 1.00 15.00 ? 128 GLY A O   1 
ATOM   914  N N   . GLY A 1 129 ? 3.030   -13.552 -16.988 1.00 14.20 ? 129 GLY A N   1 
ATOM   915  C CA  . GLY A 1 129 ? 3.668   -14.262 -15.873 1.00 14.30 ? 129 GLY A CA  1 
ATOM   916  C C   . GLY A 1 129 ? 3.451   -13.590 -14.511 1.00 14.20 ? 129 GLY A C   1 
ATOM   917  O O   . GLY A 1 129 ? 3.919   -14.170 -13.487 1.00 14.80 ? 129 GLY A O   1 
ATOM   918  N N   . ASP A 1 130 ? 2.804   -12.455 -14.461 1.00 13.30 ? 130 ASP A N   1 
ATOM   919  C CA  . ASP A 1 130 ? 2.573   -11.729 -13.216 1.00 13.20 ? 130 ASP A CA  1 
ATOM   920  C C   . ASP A 1 130 ? 1.476   -12.320 -12.356 1.00 12.70 ? 130 ASP A C   1 
ATOM   921  O O   . ASP A 1 130 ? 0.415   -11.694 -12.263 1.00 13.50 ? 130 ASP A O   1 
ATOM   922  C CB  . ASP A 1 130 ? 2.322   -10.232 -13.491 1.00 14.60 ? 130 ASP A CB  1 
ATOM   923  C CG  . ASP A 1 130 ? 3.580   -9.558  -14.041 1.00 16.20 ? 130 ASP A CG  1 
ATOM   924  O OD1 . ASP A 1 130 ? 4.708   -10.080 -13.865 1.00 17.00 ? 130 ASP A OD1 1 
ATOM   925  O OD2 . ASP A 1 130 ? 3.437   -8.489  -14.641 1.00 16.50 ? 130 ASP A OD2 1 
ATOM   926  N N   . ILE A 1 131 ? 1.746   -13.440 -11.717 1.00 12.00 ? 131 ILE A N   1 
ATOM   927  C CA  . ILE A 1 131 ? 0.735   -14.037 -10.812 1.00 11.30 ? 131 ILE A CA  1 
ATOM   928  C C   . ILE A 1 131 ? 1.160   -13.728 -9.368  1.00 10.50 ? 131 ILE A C   1 
ATOM   929  O O   . ILE A 1 131 ? 2.317   -14.045 -9.029  1.00 10.70 ? 131 ILE A O   1 
ATOM   930  C CB  . ILE A 1 131 ? 0.637   -15.577 -10.990 1.00 11.60 ? 131 ILE A CB  1 
ATOM   931  C CG1 . ILE A 1 131 ? 0.311   -15.909 -12.463 1.00 13.20 ? 131 ILE A CG1 1 
ATOM   932  C CG2 . ILE A 1 131 ? -0.310  -16.296 -10.017 1.00 11.80 ? 131 ILE A CG2 1 
ATOM   933  C CD1 . ILE A 1 131 ? 0.027   -17.424 -12.670 1.00 14.80 ? 131 ILE A CD1 1 
ATOM   934  N N   . VAL A 1 132 ? 0.231   -13.185 -8.610  1.00 9.80  ? 132 VAL A N   1 
ATOM   935  C CA  . VAL A 1 132 ? 0.405   -12.851 -7.189  1.00 8.60  ? 132 VAL A CA  1 
ATOM   936  C C   . VAL A 1 132 ? -0.558  -13.766 -6.409  1.00 8.30  ? 132 VAL A C   1 
ATOM   937  O O   . VAL A 1 132 ? -1.713  -13.961 -6.790  1.00 8.90  ? 132 VAL A O   1 
ATOM   938  C CB  . VAL A 1 132 ? 0.199   -11.371 -6.876  1.00 8.10  ? 132 VAL A CB  1 
ATOM   939  C CG1 . VAL A 1 132 ? 0.488   -11.096 -5.413  1.00 7.00  ? 132 VAL A CG1 1 
ATOM   940  C CG2 . VAL A 1 132 ? 0.990   -10.414 -7.778  1.00 9.10  ? 132 VAL A CG2 1 
ATOM   941  N N   . SER A 1 133 ? -0.029  -14.320 -5.360  1.00 8.70  ? 133 SER A N   1 
ATOM   942  C CA  . SER A 1 133 ? -0.829  -15.269 -4.525  1.00 9.90  ? 133 SER A CA  1 
ATOM   943  C C   . SER A 1 133 ? -0.739  -14.935 -3.059  1.00 9.10  ? 133 SER A C   1 
ATOM   944  O O   . SER A 1 133 ? -0.050  -13.991 -2.633  1.00 8.00  ? 133 SER A O   1 
ATOM   945  C CB  . SER A 1 133 ? -0.297  -16.669 -4.877  1.00 12.60 ? 133 SER A CB  1 
ATOM   946  O OG  . SER A 1 133 ? 0.904   -16.712 -4.106  1.00 15.20 ? 133 SER A OG  1 
ATOM   947  N N   . GLY A 1 134 ? -1.485  -15.682 -2.261  1.00 8.10  ? 134 GLY A N   1 
ATOM   948  C CA  . GLY A 1 134 ? -1.572  -15.527 -0.814  1.00 8.60  ? 134 GLY A CA  1 
ATOM   949  C C   . GLY A 1 134 ? -2.224  -14.209 -0.412  1.00 8.50  ? 134 GLY A C   1 
ATOM   950  O O   . GLY A 1 134 ? -1.928  -13.621 0.658   1.00 8.40  ? 134 GLY A O   1 
ATOM   951  N N   . LEU A 1 135 ? -3.090  -13.718 -1.282  1.00 8.70  ? 135 LEU A N   1 
ATOM   952  C CA  . LEU A 1 135 ? -3.736  -12.421 -1.034  1.00 9.00  ? 135 LEU A CA  1 
ATOM   953  C C   . LEU A 1 135 ? -5.029  -12.503 -0.224  1.00 9.40  ? 135 LEU A C   1 
ATOM   954  O O   . LEU A 1 135 ? -5.752  -13.499 -0.264  1.00 10.50 ? 135 LEU A O   1 
ATOM   955  C CB  . LEU A 1 135 ? -3.979  -11.791 -2.417  1.00 9.40  ? 135 LEU A CB  1 
ATOM   956  C CG  . LEU A 1 135 ? -2.814  -11.396 -3.307  1.00 9.70  ? 135 LEU A CG  1 
ATOM   957  C CD1 . LEU A 1 135 ? -3.346  -11.079 -4.704  1.00 10.80 ? 135 LEU A CD1 1 
ATOM   958  C CD2 . LEU A 1 135 ? -2.238  -10.088 -2.717  1.00 11.10 ? 135 LEU A CD2 1 
ATOM   959  N N   . ILE A 1 136 ? -5.321  -11.402 0.405   1.00 9.60  ? 136 ILE A N   1 
ATOM   960  C CA  . ILE A 1 136 ? -6.565  -11.196 1.197   1.00 9.60  ? 136 ILE A CA  1 
ATOM   961  C C   . ILE A 1 136 ? -7.612  -10.706 0.198   1.00 10.00 ? 136 ILE A C   1 
ATOM   962  O O   . ILE A 1 136 ? -7.356  -9.691  -0.493  1.00 10.80 ? 136 ILE A O   1 
ATOM   963  C CB  . ILE A 1 136 ? -6.326  -10.078 2.270   1.00 9.90  ? 136 ILE A CB  1 
ATOM   964  C CG1 . ILE A 1 136 ? -5.311  -10.499 3.352   1.00 9.90  ? 136 ILE A CG1 1 
ATOM   965  C CG2 . ILE A 1 136 ? -7.665  -9.596  2.922   1.00 9.90  ? 136 ILE A CG2 1 
ATOM   966  C CD1 . ILE A 1 136 ? -4.814  -9.277  4.209   1.00 10.70 ? 136 ILE A CD1 1 
ATOM   967  N N   . GLN A 1 137 ? -8.753  -11.344 0.109   1.00 9.70  ? 137 GLN A N   1 
ATOM   968  C CA  . GLN A 1 137 ? -9.805  -10.890 -0.835  1.00 9.40  ? 137 GLN A CA  1 
ATOM   969  C C   . GLN A 1 137 ? -10.828 -10.065 -0.043  1.00 8.40  ? 137 GLN A C   1 
ATOM   970  O O   . GLN A 1 137 ? -11.113 -10.474 1.108   1.00 7.40  ? 137 GLN A O   1 
ATOM   971  C CB  . GLN A 1 137 ? -10.457 -12.092 -1.490  1.00 11.70 ? 137 GLN A CB  1 
ATOM   972  C CG  . GLN A 1 137 ? -11.525 -11.670 -2.478  1.00 15.00 ? 137 GLN A CG  1 
ATOM   973  C CD  . GLN A 1 137 ? -12.075 -12.885 -3.170  1.00 18.40 ? 137 GLN A CD  1 
ATOM   974  O OE1 . GLN A 1 137 ? -11.435 -13.905 -3.396  1.00 20.20 ? 137 GLN A OE1 1 
ATOM   975  N NE2 . GLN A 1 137 ? -13.330 -12.790 -3.579  1.00 20.70 ? 137 GLN A NE2 1 
ATOM   976  N N   . THR A 1 138 ? -11.330 -9.019  -0.632  1.00 7.70  ? 138 THR A N   1 
ATOM   977  C CA  . THR A 1 138 ? -12.283 -8.141  0.072   1.00 8.00  ? 138 THR A CA  1 
ATOM   978  C C   . THR A 1 138 ? -13.343 -7.640  -0.915  1.00 8.10  ? 138 THR A C   1 
ATOM   979  O O   . THR A 1 138 ? -13.138 -7.776  -2.137  1.00 7.70  ? 138 THR A O   1 
ATOM   980  C CB  . THR A 1 138 ? -11.615 -6.890  0.757   1.00 8.20  ? 138 THR A CB  1 
ATOM   981  O OG1 . THR A 1 138 ? -11.406 -5.898  -0.315  1.00 7.90  ? 138 THR A OG1 1 
ATOM   982  C CG2 . THR A 1 138 ? -10.355 -7.108  1.607   1.00 7.40  ? 138 THR A CG2 1 
ATOM   983  N N   . ASN A 1 139 ? -14.389 -7.009  -0.343  1.00 7.00  ? 139 ASN A N   1 
ATOM   984  C CA  . ASN A 1 139 ? -15.398 -6.427  -1.220  1.00 7.50  ? 139 ASN A CA  1 
ATOM   985  C C   . ASN A 1 139 ? -15.197 -4.914  -1.277  1.00 7.50  ? 139 ASN A C   1 
ATOM   986  O O   . ASN A 1 139 ? -16.130 -4.210  -1.702  1.00 6.70  ? 139 ASN A O   1 
ATOM   987  C CB  . ASN A 1 139 ? -16.846 -6.778  -0.825  1.00 8.90  ? 139 ASN A CB  1 
ATOM   988  C CG  . ASN A 1 139 ? -17.212 -6.267  0.561   1.00 9.70  ? 139 ASN A CG  1 
ATOM   989  O OD1 . ASN A 1 139 ? -16.462 -5.523  1.195   1.00 9.90  ? 139 ASN A OD1 1 
ATOM   990  N ND2 . ASN A 1 139 ? -18.400 -6.637  1.066   1.00 9.70  ? 139 ASN A ND2 1 
ATOM   991  N N   . VAL A 1 140 ? -14.049 -4.417  -0.895  1.00 8.20  ? 140 VAL A N   1 
ATOM   992  C CA  . VAL A 1 140 ? -13.762 -2.951  -0.959  1.00 9.00  ? 140 VAL A CA  1 
ATOM   993  C C   . VAL A 1 140 ? -13.416 -2.607  -2.418  1.00 8.90  ? 140 VAL A C   1 
ATOM   994  O O   . VAL A 1 140 ? -12.625 -3.355  -3.030  1.00 9.40  ? 140 VAL A O   1 
ATOM   995  C CB  . VAL A 1 140 ? -12.626 -2.562  0.015   1.00 8.80  ? 140 VAL A CB  1 
ATOM   996  C CG1 . VAL A 1 140 ? -12.346 -1.043  -0.023  1.00 8.70  ? 140 VAL A CG1 1 
ATOM   997  C CG2 . VAL A 1 140 ? -12.848 -3.005  1.432   1.00 8.60  ? 140 VAL A CG2 1 
ATOM   998  N N   . CYS A 1 141 ? -13.984 -1.570  -3.001  1.00 9.50  ? 141 CYS A N   1 
ATOM   999  C CA  . CYS A 1 141 ? -13.642 -1.203  -4.409  1.00 9.60  ? 141 CYS A CA  1 
ATOM   1000 C C   . CYS A 1 141 ? -12.265 -0.473  -4.386  1.00 9.00  ? 141 CYS A C   1 
ATOM   1001 O O   . CYS A 1 141 ? -11.797 0.031   -3.371  1.00 8.60  ? 141 CYS A O   1 
ATOM   1002 C CB  . CYS A 1 141 ? -14.679 -0.239  -5.031  1.00 10.00 ? 141 CYS A CB  1 
ATOM   1003 S SG  . CYS A 1 141 ? -14.830 1.313   -4.079  1.00 11.00 ? 141 CYS A SG  1 
ATOM   1004 N N   . ALA A 1 142 ? -11.701 -0.413  -5.595  1.00 9.30  ? 142 ALA A N   1 
ATOM   1005 C CA  . ALA A 1 142 ? -10.433 0.318   -5.787  1.00 9.20  ? 142 ALA A CA  1 
ATOM   1006 C C   . ALA A 1 142 ? -10.302 0.562   -7.287  1.00 10.10 ? 142 ALA A C   1 
ATOM   1007 O O   . ALA A 1 142 ? -10.875 -0.153  -8.134  1.00 9.80  ? 142 ALA A O   1 
ATOM   1008 C CB  . ALA A 1 142 ? -9.237  -0.449  -5.223  1.00 9.00  ? 142 ALA A CB  1 
ATOM   1009 N N   . GLU A 1 143 ? -9.507  1.564   -7.619  1.00 10.30 ? 143 GLU A N   1 
ATOM   1010 C CA  . GLU A 1 143 ? -9.238  1.897   -9.038  1.00 10.40 ? 143 GLU A CA  1 
ATOM   1011 C C   . GLU A 1 143 ? -7.731  2.095   -9.216  1.00 10.30 ? 143 GLU A C   1 
ATOM   1012 O O   . GLU A 1 143 ? -6.982  2.245   -8.241  1.00 11.30 ? 143 GLU A O   1 
ATOM   1013 C CB  . GLU A 1 143 ? -10.061 3.123   -9.386  1.00 11.80 ? 143 GLU A CB  1 
ATOM   1014 C CG  . GLU A 1 143 ? -11.551 2.791   -9.511  1.00 14.50 ? 143 GLU A CG  1 
ATOM   1015 C CD  . GLU A 1 143 ? -12.538 3.896   -9.658  1.00 16.60 ? 143 GLU A CD  1 
ATOM   1016 O OE1 . GLU A 1 143 ? -11.992 4.954   -10.061 1.00 17.90 ? 143 GLU A OE1 1 
ATOM   1017 O OE2 . GLU A 1 143 ? -13.754 3.732   -9.395  1.00 17.80 ? 143 GLU A OE2 1 
ATOM   1018 N N   . PRO A 1 144 ? -7.307  2.017   -10.464 1.00 10.60 ? 144 PRO A N   1 
ATOM   1019 C CA  . PRO A 1 144 ? -5.868  2.195   -10.763 1.00 11.10 ? 144 PRO A CA  1 
ATOM   1020 C C   . PRO A 1 144 ? -5.438  3.528   -10.147 1.00 10.80 ? 144 PRO A C   1 
ATOM   1021 O O   . PRO A 1 144 ? -6.108  4.603   -10.314 1.00 11.50 ? 144 PRO A O   1 
ATOM   1022 C CB  . PRO A 1 144 ? -5.788  2.087   -12.264 1.00 11.30 ? 144 PRO A CB  1 
ATOM   1023 C CG  . PRO A 1 144 ? -7.084  1.461   -12.721 1.00 11.40 ? 144 PRO A CG  1 
ATOM   1024 C CD  . PRO A 1 144 ? -8.116  1.790   -11.655 1.00 10.90 ? 144 PRO A CD  1 
ATOM   1025 N N   . GLY A 1 145 ? -4.327  3.448   -9.434  1.00 9.90  ? 145 GLY A N   1 
ATOM   1026 C CA  . GLY A 1 145 ? -3.764  4.615   -8.735  1.00 8.80  ? 145 GLY A CA  1 
ATOM   1027 C C   . GLY A 1 145 ? -3.812  4.333   -7.233  1.00 8.60  ? 145 GLY A C   1 
ATOM   1028 O O   . GLY A 1 145 ? -2.996  4.853   -6.473  1.00 8.30  ? 145 GLY A O   1 
ATOM   1029 N N   . ASP A 1 146 ? -4.777  3.475   -6.841  1.00 9.10  ? 146 ASP A N   1 
ATOM   1030 C CA  . ASP A 1 146 ? -4.978  3.072   -5.438  1.00 7.70  ? 146 ASP A CA  1 
ATOM   1031 C C   . ASP A 1 146 ? -3.959  2.008   -4.981  1.00 8.10  ? 146 ASP A C   1 
ATOM   1032 O O   . ASP A 1 146 ? -3.770  1.795   -3.751  1.00 7.50  ? 146 ASP A O   1 
ATOM   1033 C CB  . ASP A 1 146 ? -6.409  2.559   -5.198  1.00 7.40  ? 146 ASP A CB  1 
ATOM   1034 C CG  . ASP A 1 146 ? -7.513  3.590   -5.151  1.00 7.10  ? 146 ASP A CG  1 
ATOM   1035 O OD1 . ASP A 1 146 ? -7.289  4.768   -4.792  1.00 6.70  ? 146 ASP A OD1 1 
ATOM   1036 O OD2 . ASP A 1 146 ? -8.679  3.249   -5.505  1.00 8.20  ? 146 ASP A OD2 1 
ATOM   1037 N N   . SER A 1 147 ? -3.365  1.339   -5.947  1.00 7.80  ? 147 SER A N   1 
ATOM   1038 C CA  . SER A 1 147 ? -2.387  0.262   -5.715  1.00 8.50  ? 147 SER A CA  1 
ATOM   1039 C C   . SER A 1 147 ? -1.319  0.724   -4.720  1.00 7.00  ? 147 SER A C   1 
ATOM   1040 O O   . SER A 1 147 ? -0.857  1.857   -4.876  1.00 7.90  ? 147 SER A O   1 
ATOM   1041 C CB  . SER A 1 147 ? -1.712  -0.233  -6.979  1.00 10.40 ? 147 SER A CB  1 
ATOM   1042 O OG  . SER A 1 147 ? -2.588  -0.506  -8.046  1.00 12.90 ? 147 SER A OG  1 
ATOM   1043 N N   . GLY A 1 148 ? -0.940  -0.145  -3.823  1.00 6.00  ? 148 GLY A N   1 
ATOM   1044 C CA  . GLY A 1 148 ? 0.047   0.125   -2.808  1.00 6.60  ? 148 GLY A CA  1 
ATOM   1045 C C   . GLY A 1 148 ? -0.502  0.799   -1.565  1.00 6.10  ? 148 GLY A C   1 
ATOM   1046 O O   . GLY A 1 148 ? 0.237   0.899   -0.600  1.00 6.90  ? 148 GLY A O   1 
ATOM   1047 N N   . GLY A 1 149 ? -1.740  1.245   -1.597  1.00 6.70  ? 149 GLY A N   1 
ATOM   1048 C CA  . GLY A 1 149 ? -2.390  1.965   -0.471  1.00 6.50  ? 149 GLY A CA  1 
ATOM   1049 C C   . GLY A 1 149 ? -2.647  1.022   0.721   1.00 6.90  ? 149 GLY A C   1 
ATOM   1050 O O   . GLY A 1 149 ? -2.484  -0.204  0.614   1.00 8.30  ? 149 GLY A O   1 
ATOM   1051 N N   . ALA A 1 150 ? -3.034  1.604   1.820   1.00 7.00  ? 150 ALA A N   1 
ATOM   1052 C CA  . ALA A 1 150 ? -3.272  0.968   3.095   1.00 7.20  ? 150 ALA A CA  1 
ATOM   1053 C C   . ALA A 1 150 ? -4.627  0.287   3.273   1.00 7.40  ? 150 ALA A C   1 
ATOM   1054 O O   . ALA A 1 150 ? -5.671  0.849   2.942   1.00 7.60  ? 150 ALA A O   1 
ATOM   1055 C CB  . ALA A 1 150 ? -3.203  2.021   4.239   1.00 7.20  ? 150 ALA A CB  1 
ATOM   1056 N N   . LEU A 1 151 ? -4.535  -0.901  3.808   1.00 7.10  ? 151 LEU A N   1 
ATOM   1057 C CA  . LEU A 1 151 ? -5.686  -1.706  4.229   1.00 7.20  ? 151 LEU A CA  1 
ATOM   1058 C C   . LEU A 1 151 ? -5.434  -1.758  5.767   1.00 6.80  ? 151 LEU A C   1 
ATOM   1059 O O   . LEU A 1 151 ? -4.373  -2.210  6.188   1.00 6.80  ? 151 LEU A O   1 
ATOM   1060 C CB  . LEU A 1 151 ? -5.849  -3.029  3.563   1.00 7.70  ? 151 LEU A CB  1 
ATOM   1061 C CG  . LEU A 1 151 ? -7.085  -3.817  4.098   1.00 8.30  ? 151 LEU A CG  1 
ATOM   1062 C CD1 . LEU A 1 151 ? -8.330  -3.376  3.331   1.00 9.60  ? 151 LEU A CD1 1 
ATOM   1063 C CD2 . LEU A 1 151 ? -6.772  -5.300  3.953   1.00 7.90  ? 151 LEU A CD2 1 
ATOM   1064 N N   . PHE A 1 152 ? -6.413  -1.254  6.509   1.00 7.40  ? 152 PHE A N   1 
ATOM   1065 C CA  . PHE A 1 152 ? -6.288  -1.204  7.985   1.00 7.80  ? 152 PHE A CA  1 
ATOM   1066 C C   . PHE A 1 152 ? -7.664  -1.426  8.652   1.00 8.20  ? 152 PHE A C   1 
ATOM   1067 O O   . PHE A 1 152 ? -8.694  -1.355  7.975   1.00 8.10  ? 152 PHE A O   1 
ATOM   1068 C CB  . PHE A 1 152 ? -5.662  0.149   8.393   1.00 7.80  ? 152 PHE A CB  1 
ATOM   1069 C CG  . PHE A 1 152 ? -6.466  1.340   7.957   1.00 8.20  ? 152 PHE A CG  1 
ATOM   1070 C CD1 . PHE A 1 152 ? -6.482  1.746   6.628   1.00 8.50  ? 152 PHE A CD1 1 
ATOM   1071 C CD2 . PHE A 1 152 ? -7.212  2.052   8.920   1.00 9.40  ? 152 PHE A CD2 1 
ATOM   1072 C CE1 . PHE A 1 152 ? -7.219  2.876   6.240   1.00 8.50  ? 152 PHE A CE1 1 
ATOM   1073 C CE2 . PHE A 1 152 ? -7.957  3.176   8.533   1.00 9.20  ? 152 PHE A CE2 1 
ATOM   1074 C CZ  . PHE A 1 152 ? -7.972  3.570   7.205   1.00 8.60  ? 152 PHE A CZ  1 
ATOM   1075 N N   . ALA A 1 153 ? -7.551  -1.737  9.940   1.00 8.50  ? 153 ALA A N   1 
ATOM   1076 C CA  . ALA A 1 153 ? -8.789  -1.930  10.756  1.00 9.40  ? 153 ALA A CA  1 
ATOM   1077 C C   . ALA A 1 153 ? -8.459  -1.217  12.093  1.00 9.60  ? 153 ALA A C   1 
ATOM   1078 O O   . ALA A 1 153 ? -7.550  -1.588  12.822  1.00 9.30  ? 153 ALA A O   1 
ATOM   1079 C CB  . ALA A 1 153 ? -9.200  -3.369  10.875  1.00 9.60  ? 153 ALA A CB  1 
ATOM   1080 N N   . GLY A 1 154 ? -9.182  -0.115  12.297  1.00 10.10 ? 154 GLY A N   1 
ATOM   1081 C CA  . GLY A 1 154 ? -8.906  0.659   13.555  1.00 11.10 ? 154 GLY A CA  1 
ATOM   1082 C C   . GLY A 1 154 ? -7.519  1.277   13.392  1.00 11.70 ? 154 GLY A C   1 
ATOM   1083 O O   . GLY A 1 154 ? -7.323  1.983   12.385  1.00 12.90 ? 154 GLY A O   1 
ATOM   1084 N N   . SER A 1 155 ? -6.632  1.000   14.295  1.00 11.50 ? 155 SER A N   1 
ATOM   1085 C CA  . SER A 1 155 ? -5.259  1.478   14.288  1.00 11.50 ? 155 SER A CA  1 
ATOM   1086 C C   . SER A 1 155 ? -4.288  0.397   13.810  1.00 10.80 ? 155 SER A C   1 
ATOM   1087 O O   . SER A 1 155 ? -3.060  0.575   14.054  1.00 11.10 ? 155 SER A O   1 
ATOM   1088 C CB  . SER A 1 155 ? -4.835  1.718   15.780  1.00 13.40 ? 155 SER A CB  1 
ATOM   1089 O OG  . SER A 1 155 ? -4.965  3.135   15.922  1.00 16.70 ? 155 SER A OG  1 
ATOM   1090 N N   . THR A 1 156 ? -4.776  -0.670  13.272  1.00 9.90  ? 156 THR A N   1 
ATOM   1091 C CA  . THR A 1 156 ? -3.954  -1.787  12.860  1.00 10.00 ? 156 THR A CA  1 
ATOM   1092 C C   . THR A 1 156 ? -3.785  -1.928  11.358  1.00 9.60  ? 156 THR A C   1 
ATOM   1093 O O   . THR A 1 156 ? -4.779  -2.007  10.613  1.00 9.20  ? 156 THR A O   1 
ATOM   1094 C CB  . THR A 1 156 ? -4.545  -3.153  13.423  1.00 11.60 ? 156 THR A CB  1 
ATOM   1095 O OG1 . THR A 1 156 ? -4.658  -2.850  14.850  1.00 12.70 ? 156 THR A OG1 1 
ATOM   1096 C CG2 . THR A 1 156 ? -3.672  -4.364  13.155  1.00 11.60 ? 156 THR A CG2 1 
ATOM   1097 N N   . ALA A 1 157 ? -2.499  -1.960  11.000  1.00 8.70  ? 157 ALA A N   1 
ATOM   1098 C CA  . ALA A 1 157 ? -2.141  -2.112  9.546   1.00 8.20  ? 157 ALA A CA  1 
ATOM   1099 C C   . ALA A 1 157 ? -2.384  -3.564  9.195   1.00 7.80  ? 157 ALA A C   1 
ATOM   1100 O O   . ALA A 1 157 ? -1.986  -4.449  9.981   1.00 8.70  ? 157 ALA A O   1 
ATOM   1101 C CB  . ALA A 1 157 ? -0.626  -1.810  9.410   1.00 7.50  ? 157 ALA A CB  1 
ATOM   1102 N N   . LEU A 1 158 ? -2.986  -3.810  8.046   1.00 7.80  ? 158 LEU A N   1 
ATOM   1103 C CA  . LEU A 1 158 ? -3.264  -5.182  7.604   1.00 7.40  ? 158 LEU A CA  1 
ATOM   1104 C C   . LEU A 1 158 ? -2.663  -5.553  6.249   1.00 6.60  ? 158 LEU A C   1 
ATOM   1105 O O   . LEU A 1 158 ? -2.276  -6.713  6.022   1.00 7.70  ? 158 LEU A O   1 
ATOM   1106 C CB  . LEU A 1 158 ? -4.817  -5.428  7.617   1.00 6.80  ? 158 LEU A CB  1 
ATOM   1107 C CG  . LEU A 1 158 ? -5.566  -5.294  8.941   1.00 6.90  ? 158 LEU A CG  1 
ATOM   1108 C CD1 . LEU A 1 158 ? -7.069  -5.336  8.678   1.00 6.80  ? 158 LEU A CD1 1 
ATOM   1109 C CD2 . LEU A 1 158 ? -5.126  -6.457  9.850   1.00 6.80  ? 158 LEU A CD2 1 
ATOM   1110 N N   . GLY A 1 159 ? -2.706  -4.645  5.275   1.00 6.80  ? 159 GLY A N   1 
ATOM   1111 C CA  . GLY A 1 159 ? -2.239  -5.014  3.934   1.00 5.40  ? 159 GLY A CA  1 
ATOM   1112 C C   . GLY A 1 159 ? -2.022  -3.845  3.030   1.00 5.10  ? 159 GLY A C   1 
ATOM   1113 O O   . GLY A 1 159 ? -2.195  -2.674  3.401   1.00 6.70  ? 159 GLY A O   1 
ATOM   1114 N N   . LEU A 1 160 ? -1.640  -4.189  1.817   1.00 5.40  ? 160 LEU A N   1 
ATOM   1115 C CA  . LEU A 1 160 ? -1.308  -3.206  0.772   1.00 6.10  ? 160 LEU A CA  1 
ATOM   1116 C C   . LEU A 1 160 ? -2.126  -3.569  -0.462  1.00 6.40  ? 160 LEU A C   1 
ATOM   1117 O O   . LEU A 1 160 ? -2.088  -4.751  -0.859  1.00 6.50  ? 160 LEU A O   1 
ATOM   1118 C CB  . LEU A 1 160 ? 0.216   -3.302  0.418   1.00 6.30  ? 160 LEU A CB  1 
ATOM   1119 C CG  . LEU A 1 160 ? 1.189   -3.231  1.599   1.00 6.20  ? 160 LEU A CG  1 
ATOM   1120 C CD1 . LEU A 1 160 ? 2.573   -3.741  1.238   1.00 7.10  ? 160 LEU A CD1 1 
ATOM   1121 C CD2 . LEU A 1 160 ? 1.244   -1.787  2.071   1.00 6.80  ? 160 LEU A CD2 1 
ATOM   1122 N N   . THR A 1 161 ? -2.756  -2.561  -1.009  1.00 6.60  ? 161 THR A N   1 
ATOM   1123 C CA  . THR A 1 161 ? -3.573  -2.827  -2.206  1.00 7.30  ? 161 THR A CA  1 
ATOM   1124 C C   . THR A 1 161 ? -2.759  -3.368  -3.376  1.00 8.70  ? 161 THR A C   1 
ATOM   1125 O O   . THR A 1 161 ? -1.779  -2.718  -3.811  1.00 9.30  ? 161 THR A O   1 
ATOM   1126 C CB  . THR A 1 161 ? -4.340  -1.500  -2.664  1.00 6.80  ? 161 THR A CB  1 
ATOM   1127 O OG1 . THR A 1 161 ? -4.866  -0.983  -1.399  1.00 6.30  ? 161 THR A OG1 1 
ATOM   1128 C CG2 . THR A 1 161 ? -5.343  -1.742  -3.770  1.00 5.80  ? 161 THR A CG2 1 
ATOM   1129 N N   . SER A 1 162 ? -3.162  -4.531  -3.869  1.00 9.70  ? 162 SER A N   1 
ATOM   1130 C CA  . SER A 1 162 ? -2.476  -5.078  -5.079  1.00 10.40 ? 162 SER A CA  1 
ATOM   1131 C C   . SER A 1 162 ? -3.318  -4.667  -6.305  1.00 11.40 ? 162 SER A C   1 
ATOM   1132 O O   . SER A 1 162 ? -2.862  -3.923  -7.235  1.00 11.80 ? 162 SER A O   1 
ATOM   1133 C CB  . SER A 1 162 ? -2.187  -6.542  -5.016  1.00 9.80  ? 162 SER A CB  1 
ATOM   1134 O OG  . SER A 1 162 ? -1.696  -7.048  -6.251  1.00 9.50  ? 162 SER A OG  1 
ATOM   1135 N N   . GLY A 1 163 ? -4.569  -5.108  -6.351  1.00 11.00 ? 163 GLY A N   1 
ATOM   1136 C CA  . GLY A 1 163 ? -5.441  -4.747  -7.469  1.00 11.70 ? 163 GLY A CA  1 
ATOM   1137 C C   . GLY A 1 163 ? -6.742  -5.527  -7.324  1.00 11.80 ? 163 GLY A C   1 
ATOM   1138 O O   . GLY A 1 163 ? -6.989  -6.061  -6.253  1.00 11.90 ? 163 GLY A O   1 
ATOM   1139 N N   . GLY A 1 164 ? -7.508  -5.524  -8.376  1.00 12.40 ? 164 GLY A N   1 
ATOM   1140 C CA  . GLY A 1 164 ? -8.805  -6.235  -8.376  1.00 13.80 ? 164 GLY A CA  1 
ATOM   1141 C C   . GLY A 1 164 ? -9.666  -5.860  -9.576  1.00 14.80 ? 164 GLY A C   1 
ATOM   1142 O O   . GLY A 1 164 ? -9.172  -5.303  -10.590 1.00 14.90 ? 164 GLY A O   1 
ATOM   1143 N N   . SER A 1 165 ? -10.957 -6.161  -9.434  1.00 14.90 ? 165 SER A N   1 
ATOM   1144 C CA  . SER A 1 165 ? -11.933 -5.892  -10.506 1.00 15.90 ? 165 SER A CA  1 
ATOM   1145 C C   . SER A 1 165 ? -13.005 -4.895  -10.036 1.00 15.30 ? 165 SER A C   1 
ATOM   1146 O O   . SER A 1 165 ? -13.164 -4.625  -8.830  1.00 14.80 ? 165 SER A O   1 
ATOM   1147 C CB  . SER A 1 165 ? -12.518 -7.200  -11.029 1.00 17.20 ? 165 SER A CB  1 
ATOM   1148 O OG  . SER A 1 165 ? -12.963 -8.069  -10.015 1.00 19.50 ? 165 SER A OG  1 
ATOM   1149 N N   . GLY A 1 166 ? -13.726 -4.371  -11.006 1.00 15.40 ? 166 GLY A N   1 
ATOM   1150 C CA  . GLY A 1 166 ? -14.846 -3.419  -10.735 1.00 16.00 ? 166 GLY A CA  1 
ATOM   1151 C C   . GLY A 1 166 ? -14.258 -2.047  -10.482 1.00 16.70 ? 166 GLY A C   1 
ATOM   1152 O O   . GLY A 1 166 ? -13.089 -1.800  -10.838 1.00 17.60 ? 166 GLY A O   1 
ATOM   1153 N N   . ASN A 1 167 ? -15.011 -1.160  -9.892  1.00 17.00 ? 167 ASN A N   1 
ATOM   1154 C CA  . ASN A 1 167 ? -14.552 0.210   -9.587  1.00 16.90 ? 167 ASN A CA  1 
ATOM   1155 C C   . ASN A 1 167 ? -15.386 0.701   -8.411  1.00 16.90 ? 167 ASN A C   1 
ATOM   1156 O O   . ASN A 1 167 ? -16.173 -0.093  -7.879  1.00 16.40 ? 167 ASN A O   1 
ATOM   1157 C CB  . ASN A 1 167 ? -14.694 1.102   -10.811 1.00 17.30 ? 167 ASN A CB  1 
ATOM   1158 C CG  . ASN A 1 167 ? -16.096 1.123   -11.366 1.00 18.40 ? 167 ASN A CG  1 
ATOM   1159 O OD1 . ASN A 1 167 ? -16.287 0.760   -12.555 1.00 20.10 ? 167 ASN A OD1 1 
ATOM   1160 N ND2 . ASN A 1 167 ? -17.090 1.529   -10.611 1.00 18.00 ? 167 ASN A ND2 1 
ATOM   1161 N N   . CYS A 1 168 ? -15.188 1.967   -8.123  1.00 17.00 ? 168 CYS A N   1 
ATOM   1162 C CA  . CYS A 1 168 ? -15.967 2.497   -6.980  1.00 17.50 ? 168 CYS A CA  1 
ATOM   1163 C C   . CYS A 1 168 ? -17.321 3.020   -7.380  1.00 19.60 ? 168 CYS A C   1 
ATOM   1164 O O   . CYS A 1 168 ? -17.979 3.549   -6.445  1.00 21.00 ? 168 CYS A O   1 
ATOM   1165 C CB  . CYS A 1 168 ? -15.126 3.493   -6.212  1.00 14.60 ? 168 CYS A CB  1 
ATOM   1166 S SG  . CYS A 1 168 ? -13.824 2.681   -5.258  1.00 13.30 ? 168 CYS A SG  1 
ATOM   1167 N N   . ARG A 1 169 ? -17.756 2.889   -8.592  1.00 20.70 ? 169 ARG A N   1 
ATOM   1168 C CA  . ARG A 1 169 ? -19.068 3.336   -9.059  1.00 23.50 ? 169 ARG A CA  1 
ATOM   1169 C C   . ARG A 1 169 ? -20.079 2.172   -8.966  1.00 23.40 ? 169 ARG A C   1 
ATOM   1170 O O   . ARG A 1 169 ? -21.212 2.312   -8.431  1.00 24.10 ? 169 ARG A O   1 
ATOM   1171 C CB  . ARG A 1 169 ? -19.018 3.765   -10.523 1.00 26.20 ? 169 ARG A CB  1 
ATOM   1172 C CG  . ARG A 1 169 ? -18.070 4.901   -10.872 1.00 30.50 ? 169 ARG A CG  1 
ATOM   1173 C CD  . ARG A 1 169 ? -17.484 4.702   -12.259 1.00 34.40 ? 169 ARG A CD  1 
ATOM   1174 N NE  . ARG A 1 169 ? -18.327 3.856   -13.095 1.00 37.90 ? 169 ARG A NE  1 
ATOM   1175 C CZ  . ARG A 1 169 ? -19.597 3.972   -13.483 1.00 39.70 ? 169 ARG A CZ  1 
ATOM   1176 N NH1 . ARG A 1 169 ? -20.398 5.038   -13.248 1.00 40.70 ? 169 ARG A NH1 1 
ATOM   1177 N NH2 . ARG A 1 169 ? -20.237 2.908   -14.034 1.00 39.90 ? 169 ARG A NH2 1 
ATOM   1178 N N   . THR A 1 170 ? -19.657 1.036   -9.502  1.00 22.40 ? 170 THR A N   1 
ATOM   1179 C CA  . THR A 1 170 ? -20.497 -0.175  -9.532  1.00 21.70 ? 170 THR A CA  1 
ATOM   1180 C C   . THR A 1 170 ? -20.270 -1.214  -8.446  1.00 20.10 ? 170 THR A C   1 
ATOM   1181 O O   . THR A 1 170 ? -21.124 -2.113  -8.222  1.00 18.90 ? 170 THR A O   1 
ATOM   1182 C CB  . THR A 1 170 ? -20.269 -0.796  -10.991 1.00 23.30 ? 170 THR A CB  1 
ATOM   1183 O OG1 . THR A 1 170 ? -18.923 -1.415  -10.999 1.00 24.50 ? 170 THR A OG1 1 
ATOM   1184 C CG2 . THR A 1 170 ? -20.368 0.284   -12.070 1.00 24.00 ? 170 THR A CG2 1 
ATOM   1185 N N   . GLY A 1 171 ? -19.134 -1.134  -7.761  1.00 18.50 ? 171 GLY A N   1 
ATOM   1186 C CA  . GLY A 1 171 ? -18.638 -2.042  -6.715  1.00 16.10 ? 171 GLY A CA  1 
ATOM   1187 C C   . GLY A 1 171 ? -17.562 -2.933  -7.367  1.00 15.10 ? 171 GLY A C   1 
ATOM   1188 O O   . GLY A 1 171 ? -17.497 -3.019  -8.618  1.00 14.60 ? 171 GLY A O   1 
ATOM   1189 N N   . GLY A 1 172 ? -16.719 -3.563  -6.583  1.00 14.30 ? 172 GLY A N   1 
ATOM   1190 C CA  . GLY A 1 172 ? -15.648 -4.446  -7.131  1.00 14.00 ? 172 GLY A CA  1 
ATOM   1191 C C   . GLY A 1 172 ? -15.099 -5.329  -6.008  1.00 13.80 ? 172 GLY A C   1 
ATOM   1192 O O   . GLY A 1 172 ? -15.711 -5.396  -4.887  1.00 13.90 ? 172 GLY A O   1 
ATOM   1193 N N   . THR A 1 173 ? -14.038 -6.025  -6.287  1.00 12.50 ? 173 THR A N   1 
ATOM   1194 C CA  . THR A 1 173 ? -13.378 -6.942  -5.330  1.00 11.50 ? 173 THR A CA  1 
ATOM   1195 C C   . THR A 1 173 ? -11.897 -6.585  -5.357  1.00 11.50 ? 173 THR A C   1 
ATOM   1196 O O   . THR A 1 173 ? -11.398 -6.526  -6.516  1.00 12.30 ? 173 THR A O   1 
ATOM   1197 C CB  . THR A 1 173 ? -13.453 -8.428  -5.854  1.00 12.50 ? 173 THR A CB  1 
ATOM   1198 O OG1 . THR A 1 173 ? -14.895 -8.627  -6.038  1.00 14.80 ? 173 THR A OG1 1 
ATOM   1199 C CG2 . THR A 1 173 ? -12.811 -9.466  -4.959  1.00 11.20 ? 173 THR A CG2 1 
ATOM   1200 N N   . THR A 1 174 ? -11.295 -6.411  -4.237  1.00 10.80 ? 174 THR A N   1 
ATOM   1201 C CA  . THR A 1 174 ? -9.863  -6.018  -4.249  1.00 11.70 ? 174 THR A CA  1 
ATOM   1202 C C   . THR A 1 174 ? -9.077  -7.035  -3.430  1.00 10.80 ? 174 THR A C   1 
ATOM   1203 O O   . THR A 1 174 ? -9.633  -7.666  -2.551  1.00 11.60 ? 174 THR A O   1 
ATOM   1204 C CB  . THR A 1 174 ? -9.654  -4.532  -3.788  1.00 12.90 ? 174 THR A CB  1 
ATOM   1205 O OG1 . THR A 1 174 ? -10.354 -4.493  -2.485  1.00 16.80 ? 174 THR A OG1 1 
ATOM   1206 C CG2 . THR A 1 174 ? -10.278 -3.485  -4.690  1.00 12.70 ? 174 THR A CG2 1 
ATOM   1207 N N   . PHE A 1 175 ? -7.845  -7.189  -3.807  1.00 9.60  ? 175 PHE A N   1 
ATOM   1208 C CA  . PHE A 1 175 ? -6.874  -8.133  -3.245  1.00 8.60  ? 175 PHE A CA  1 
ATOM   1209 C C   . PHE A 1 175 ? -5.720  -7.331  -2.639  1.00 7.80  ? 175 PHE A C   1 
ATOM   1210 O O   . PHE A 1 175 ? -5.269  -6.350  -3.248  1.00 6.80  ? 175 PHE A O   1 
ATOM   1211 C CB  . PHE A 1 175 ? -6.427  -9.123  -4.308  1.00 9.80  ? 175 PHE A CB  1 
ATOM   1212 C CG  . PHE A 1 175 ? -7.599  -9.824  -4.978  1.00 10.90 ? 175 PHE A CG  1 
ATOM   1213 C CD1 . PHE A 1 175 ? -8.215  -9.185  -6.046  1.00 11.30 ? 175 PHE A CD1 1 
ATOM   1214 C CD2 . PHE A 1 175 ? -8.086  -11.046 -4.511  1.00 11.40 ? 175 PHE A CD2 1 
ATOM   1215 C CE1 . PHE A 1 175 ? -9.315  -9.752  -6.710  1.00 11.90 ? 175 PHE A CE1 1 
ATOM   1216 C CE2 . PHE A 1 175 ? -9.148  -11.655 -5.202  1.00 12.00 ? 175 PHE A CE2 1 
ATOM   1217 C CZ  . PHE A 1 175 ? -9.775  -10.994 -6.286  1.00 12.10 ? 175 PHE A CZ  1 
ATOM   1218 N N   . PHE A 1 176 ? -5.358  -7.760  -1.456  1.00 7.60  ? 176 PHE A N   1 
ATOM   1219 C CA  . PHE A 1 176 ? -4.299  -7.111  -0.688  1.00 7.20  ? 176 PHE A CA  1 
ATOM   1220 C C   . PHE A 1 176 ? -3.215  -8.090  -0.229  1.00 7.40  ? 176 PHE A C   1 
ATOM   1221 O O   . PHE A 1 176 ? -3.417  -9.227  0.152   1.00 6.90  ? 176 PHE A O   1 
ATOM   1222 C CB  . PHE A 1 176 ? -4.842  -6.443  0.596   1.00 6.90  ? 176 PHE A CB  1 
ATOM   1223 C CG  . PHE A 1 176 ? -5.924  -5.458  0.302   1.00 7.30  ? 176 PHE A CG  1 
ATOM   1224 C CD1 . PHE A 1 176 ? -7.216  -5.925  -0.052  1.00 8.40  ? 176 PHE A CD1 1 
ATOM   1225 C CD2 . PHE A 1 176 ? -5.663  -4.095  0.365   1.00 7.20  ? 176 PHE A CD2 1 
ATOM   1226 C CE1 . PHE A 1 176 ? -8.207  -5.003  -0.373  1.00 8.20  ? 176 PHE A CE1 1 
ATOM   1227 C CE2 . PHE A 1 176 ? -6.659  -3.180  0.068   1.00 7.30  ? 176 PHE A CE2 1 
ATOM   1228 C CZ  . PHE A 1 176 ? -7.900  -3.641  -0.345  1.00 7.70  ? 176 PHE A CZ  1 
ATOM   1229 N N   . GLN A 1 177 ? -2.021  -7.511  -0.235  1.00 7.20  ? 177 GLN A N   1 
ATOM   1230 C CA  . GLN A 1 177 ? -0.846  -8.218  0.247   1.00 7.30  ? 177 GLN A CA  1 
ATOM   1231 C C   . GLN A 1 177 ? -0.766  -8.018  1.768   1.00 7.20  ? 177 GLN A C   1 
ATOM   1232 O O   . GLN A 1 177 ? -0.710  -6.873  2.217   1.00 7.20  ? 177 GLN A O   1 
ATOM   1233 C CB  . GLN A 1 177 ? 0.427   -7.578  -0.400  1.00 7.60  ? 177 GLN A CB  1 
ATOM   1234 C CG  . GLN A 1 177 ? 1.706   -7.904  0.343   1.00 7.70  ? 177 GLN A CG  1 
ATOM   1235 C CD  . GLN A 1 177 ? 2.179   -9.334  0.196   1.00 7.30  ? 177 GLN A CD  1 
ATOM   1236 O OE1 . GLN A 1 177 ? 2.369   -9.848  -0.893  1.00 7.50  ? 177 GLN A OE1 1 
ATOM   1237 N NE2 . GLN A 1 177 ? 2.398   -9.970  1.339   1.00 7.30  ? 177 GLN A NE2 1 
ATOM   1238 N N   . PRO A 1 178 ? -0.796  -9.110  2.517   1.00 7.10  ? 178 PRO A N   1 
ATOM   1239 C CA  . PRO A 1 178 ? -0.670  -9.012  3.988   1.00 7.10  ? 178 PRO A CA  1 
ATOM   1240 C C   . PRO A 1 178 ? 0.627   -8.254  4.323   1.00 7.70  ? 178 PRO A C   1 
ATOM   1241 O O   . PRO A 1 178 ? 1.745   -8.629  3.886   1.00 8.20  ? 178 PRO A O   1 
ATOM   1242 C CB  . PRO A 1 178 ? -0.585  -10.497 4.415   1.00 7.10  ? 178 PRO A CB  1 
ATOM   1243 C CG  . PRO A 1 178 ? -1.432  -11.187 3.366   1.00 6.00  ? 178 PRO A CG  1 
ATOM   1244 C CD  . PRO A 1 178 ? -0.957  -10.507 2.054   1.00 6.90  ? 178 PRO A CD  1 
ATOM   1245 N N   . VAL A 1 179 ? 0.495   -7.208  5.104   1.00 7.10  ? 179 VAL A N   1 
ATOM   1246 C CA  . VAL A 1 179 ? 1.644   -6.374  5.475   1.00 8.30  ? 179 VAL A CA  1 
ATOM   1247 C C   . VAL A 1 179 ? 2.722   -7.062  6.295   1.00 8.40  ? 179 VAL A C   1 
ATOM   1248 O O   . VAL A 1 179 ? 3.917   -6.692  6.185   1.00 8.00  ? 179 VAL A O   1 
ATOM   1249 C CB  . VAL A 1 179 ? 1.152   -5.038  6.122   1.00 8.30  ? 179 VAL A CB  1 
ATOM   1250 C CG1 . VAL A 1 179 ? 0.602   -5.124  7.516   1.00 7.70  ? 179 VAL A CG1 1 
ATOM   1251 C CG2 . VAL A 1 179 ? 2.303   -3.995  6.068   1.00 9.40  ? 179 VAL A CG2 1 
ATOM   1252 N N   . THR A 1 180 ? 2.348   -7.968  7.203   1.00 8.20  ? 180 THR A N   1 
ATOM   1253 C CA  . THR A 1 180 ? 3.318   -8.608  8.086   1.00 8.80  ? 180 THR A CA  1 
ATOM   1254 C C   . THR A 1 180 ? 4.372   -9.378  7.314   1.00 9.20  ? 180 THR A C   1 
ATOM   1255 O O   . THR A 1 180 ? 5.527   -9.375  7.825   1.00 8.60  ? 180 THR A O   1 
ATOM   1256 C CB  . THR A 1 180 ? 2.612   -9.442  9.247   1.00 9.00  ? 180 THR A CB  1 
ATOM   1257 O OG1 . THR A 1 180 ? 1.845   -10.407 8.487   1.00 10.60 ? 180 THR A OG1 1 
ATOM   1258 C CG2 . THR A 1 180 ? 1.743   -8.605  10.163  1.00 9.70  ? 180 THR A CG2 1 
ATOM   1259 N N   . GLU A 1 181 ? 4.027   -9.990  6.186   1.00 8.50  ? 181 GLU A N   1 
ATOM   1260 C CA  . GLU A 1 181 ? 5.044   -10.690 5.380   1.00 9.10  ? 181 GLU A CA  1 
ATOM   1261 C C   . GLU A 1 181 ? 6.139   -9.719  4.874   1.00 9.30  ? 181 GLU A C   1 
ATOM   1262 O O   . GLU A 1 181 ? 7.340   -10.060 4.834   1.00 10.40 ? 181 GLU A O   1 
ATOM   1263 C CB  . GLU A 1 181 ? 4.455   -11.331 4.137   1.00 9.30  ? 181 GLU A CB  1 
ATOM   1264 C CG  . GLU A 1 181 ? 5.318   -12.510 3.608   1.00 9.50  ? 181 GLU A CG  1 
ATOM   1265 C CD  . GLU A 1 181 ? 4.578   -13.198 2.473   1.00 10.80 ? 181 GLU A CD  1 
ATOM   1266 O OE1 . GLU A 1 181 ? 3.621   -12.634 1.921   1.00 11.30 ? 181 GLU A OE1 1 
ATOM   1267 O OE2 . GLU A 1 181 ? 4.999   -14.325 2.197   1.00 11.40 ? 181 GLU A OE2 1 
ATOM   1268 N N   . ALA A 1 182 ? 5.741   -8.520  4.529   1.00 8.90  ? 182 ALA A N   1 
ATOM   1269 C CA  . ALA A 1 182 ? 6.605   -7.432  4.087   1.00 8.90  ? 182 ALA A CA  1 
ATOM   1270 C C   . ALA A 1 182 ? 7.491   -6.945  5.215   1.00 9.40  ? 182 ALA A C   1 
ATOM   1271 O O   . ALA A 1 182 ? 8.734   -6.798  5.078   1.00 9.70  ? 182 ALA A O   1 
ATOM   1272 C CB  . ALA A 1 182 ? 5.725   -6.332  3.471   1.00 9.50  ? 182 ALA A CB  1 
ATOM   1273 N N   . LEU A 1 183 ? 6.924   -6.674  6.370   1.00 8.50  ? 183 LEU A N   1 
ATOM   1274 C CA  . LEU A 1 183 ? 7.683   -6.218  7.517   1.00 9.20  ? 183 LEU A CA  1 
ATOM   1275 C C   . LEU A 1 183 ? 8.773   -7.235  7.814   1.00 9.90  ? 183 LEU A C   1 
ATOM   1276 O O   . LEU A 1 183 ? 9.916   -6.829  8.127   1.00 10.90 ? 183 LEU A O   1 
ATOM   1277 C CB  . LEU A 1 183 ? 6.811   -5.949  8.751   1.00 9.00  ? 183 LEU A CB  1 
ATOM   1278 C CG  . LEU A 1 183 ? 5.619   -5.031  8.565   1.00 9.70  ? 183 LEU A CG  1 
ATOM   1279 C CD1 . LEU A 1 183 ? 4.744   -5.058  9.837   1.00 10.20 ? 183 LEU A CD1 1 
ATOM   1280 C CD2 . LEU A 1 183 ? 6.071   -3.628  8.203   1.00 9.50  ? 183 LEU A CD2 1 
ATOM   1281 N N   . SER A 1 184 ? 8.409   -8.489  7.746   1.00 10.00 ? 184 SER A N   1 
ATOM   1282 C CA  . SER A 1 184 ? 9.298   -9.612  8.016   1.00 11.40 ? 184 SER A CA  1 
ATOM   1283 C C   . SER A 1 184 ? 10.457  -9.667  7.041   1.00 11.40 ? 184 SER A C   1 
ATOM   1284 O O   . SER A 1 184 ? 11.613  -9.789  7.485   1.00 12.40 ? 184 SER A O   1 
ATOM   1285 C CB  . SER A 1 184 ? 8.563   -10.963 8.062   1.00 11.90 ? 184 SER A CB  1 
ATOM   1286 O OG  . SER A 1 184 ? 7.931   -11.041 9.353   1.00 13.30 ? 184 SER A OG  1 
ATOM   1287 N N   . ALA A 1 185 ? 10.122  -9.584  5.773   1.00 12.00 ? 185 ALA A N   1 
ATOM   1288 C CA  . ALA A 1 185 ? 11.088  -9.622  4.679   1.00 12.10 ? 185 ALA A CA  1 
ATOM   1289 C C   . ALA A 1 185 ? 12.204  -8.585  4.834   1.00 13.00 ? 185 ALA A C   1 
ATOM   1290 O O   . ALA A 1 185 ? 13.412  -8.839  4.543   1.00 13.70 ? 185 ALA A O   1 
ATOM   1291 C CB  . ALA A 1 185 ? 10.366  -9.390  3.338   1.00 11.30 ? 185 ALA A CB  1 
ATOM   1292 N N   . TYR A 1 186 ? 11.824  -7.397  5.293   1.00 12.20 ? 186 TYR A N   1 
ATOM   1293 C CA  . TYR A 1 186 ? 12.782  -6.301  5.397   1.00 11.60 ? 186 TYR A CA  1 
ATOM   1294 C C   . TYR A 1 186 ? 13.224  -5.978  6.798   1.00 11.80 ? 186 TYR A C   1 
ATOM   1295 O O   . TYR A 1 186 ? 14.046  -5.042  6.895   1.00 12.50 ? 186 TYR A O   1 
ATOM   1296 C CB  . TYR A 1 186 ? 12.196  -5.085  4.690   1.00 11.90 ? 186 TYR A CB  1 
ATOM   1297 C CG  . TYR A 1 186 ? 11.830  -5.222  3.229   1.00 11.70 ? 186 TYR A CG  1 
ATOM   1298 C CD1 . TYR A 1 186 ? 12.756  -5.672  2.273   1.00 11.60 ? 186 TYR A CD1 1 
ATOM   1299 C CD2 . TYR A 1 186 ? 10.560  -4.837  2.774   1.00 11.50 ? 186 TYR A CD2 1 
ATOM   1300 C CE1 . TYR A 1 186 ? 12.429  -5.733  0.932   1.00 11.80 ? 186 TYR A CE1 1 
ATOM   1301 C CE2 . TYR A 1 186 ? 10.210  -4.880  1.428   1.00 11.70 ? 186 TYR A CE2 1 
ATOM   1302 C CZ  . TYR A 1 186 ? 11.155  -5.340  0.515   1.00 11.80 ? 186 TYR A CZ  1 
ATOM   1303 O OH  . TYR A 1 186 ? 10.795  -5.380  -0.792  1.00 12.90 ? 186 TYR A OH  1 
ATOM   1304 N N   . GLY A 1 187 ? 12.721  -6.640  7.813   1.00 12.00 ? 187 GLY A N   1 
ATOM   1305 C CA  . GLY A 1 187 ? 13.158  -6.310  9.190   1.00 11.70 ? 187 GLY A CA  1 
ATOM   1306 C C   . GLY A 1 187 ? 12.760  -4.872  9.547   1.00 12.30 ? 187 GLY A C   1 
ATOM   1307 O O   . GLY A 1 187 ? 13.541  -4.139  10.195  1.00 13.60 ? 187 GLY A O   1 
ATOM   1308 N N   . VAL A 1 188 ? 11.571  -4.463  9.153   1.00 11.70 ? 188 VAL A N   1 
ATOM   1309 C CA  . VAL A 1 188 ? 11.024  -3.127  9.414   1.00 11.70 ? 188 VAL A CA  1 
ATOM   1310 C C   . VAL A 1 188 ? 9.786   -3.218  10.326  1.00 11.90 ? 188 VAL A C   1 
ATOM   1311 O O   . VAL A 1 188 ? 9.046   -4.219  10.459  1.00 12.40 ? 188 VAL A O   1 
ATOM   1312 C CB  . VAL A 1 188 ? 10.777  -2.340  8.113   1.00 11.50 ? 188 VAL A CB  1 
ATOM   1313 C CG1 . VAL A 1 188 ? 12.085  -1.958  7.395   1.00 11.80 ? 188 VAL A CG1 1 
ATOM   1314 C CG2 . VAL A 1 188 ? 9.826   -3.029  7.170   1.00 11.00 ? 188 VAL A CG2 1 
ATOM   1315 N N   . SER A 1 189 ? 9.545   -2.107  10.977  1.00 11.90 ? 189 SER A N   1 
ATOM   1316 C CA  . SER A 1 189 ? 8.397   -1.982  11.882  1.00 12.10 ? 189 SER A CA  1 
ATOM   1317 C C   . SER A 1 189 ? 7.600   -0.737  11.586  1.00 11.90 ? 189 SER A C   1 
ATOM   1318 O O   . SER A 1 189 ? 8.059   0.308   11.122  1.00 10.40 ? 189 SER A O   1 
ATOM   1319 C CB  . SER A 1 189 ? 8.875   -2.066  13.341  1.00 13.20 ? 189 SER A CB  1 
ATOM   1320 O OG  . SER A 1 189 ? 9.484   -0.835  13.687  1.00 15.70 ? 189 SER A OG  1 
ATOM   1321 N N   . ILE A 1 190 ? 6.307   -0.861  11.942  1.00 12.50 ? 190 ILE A N   1 
ATOM   1322 C CA  . ILE A 1 190 ? 5.344   0.235   11.782  1.00 12.50 ? 190 ILE A CA  1 
ATOM   1323 C C   . ILE A 1 190 ? 5.751   1.393   12.693  1.00 12.60 ? 190 ILE A C   1 
ATOM   1324 O O   . ILE A 1 190 ? 6.043   1.227   13.885  1.00 12.70 ? 190 ILE A O   1 
ATOM   1325 C CB  . ILE A 1 190 ? 3.872   -0.209  12.028  1.00 13.20 ? 190 ILE A CB  1 
ATOM   1326 C CG1 . ILE A 1 190 ? 3.484   -1.222  10.928  1.00 13.90 ? 190 ILE A CG1 1 
ATOM   1327 C CG2 . ILE A 1 190 ? 2.913   1.007   12.038  1.00 13.30 ? 190 ILE A CG2 1 
ATOM   1328 C CD1 . ILE A 1 190 ? 3.595   -0.682  9.494   1.00 14.80 ? 190 ILE A CD1 1 
ATOM   1329 N N   . LEU A 1 191 ? 5.750   2.517   12.042  1.00 12.50 ? 191 LEU A N   1 
ATOM   1330 C CA  . LEU A 1 191 ? 6.065   3.836   12.605  1.00 13.70 ? 191 LEU A CA  1 
ATOM   1331 C C   . LEU A 1 191 ? 4.864   4.347   13.402  1.00 12.60 ? 191 LEU A C   1 
ATOM   1332 O O   . LEU A 1 191 ? 3.771   4.428   12.813  1.00 11.80 ? 191 LEU A O   1 
ATOM   1333 C CB  . LEU A 1 191 ? 6.351   4.629   11.319  1.00 16.30 ? 191 LEU A CB  1 
ATOM   1334 C CG  . LEU A 1 191 ? 7.268   5.790   11.271  1.00 18.20 ? 191 LEU A CG  1 
ATOM   1335 C CD1 . LEU A 1 191 ? 7.100   6.556   12.588  1.00 18.00 ? 191 LEU A CD1 1 
ATOM   1336 C CD2 . LEU A 1 191 ? 8.667   5.321   10.917  1.00 17.70 ? 191 LEU A CD2 1 
ATOM   1337 O OXT . LEU A 1 191 ? 5.028   4.648   14.575  1.00 13.40 ? 191 LEU A OXT 1 
HETATM 1338 O O   . HOH B 2 .   ? -1.429  0.732   -10.488 1.00 37.50 ? 192 HOH A O   1 
HETATM 1339 O O   . HOH B 2 .   ? 7.010   -8.703  -14.057 1.00 34.40 ? 193 HOH A O   1 
HETATM 1340 O O   . HOH B 2 .   ? 15.057  14.976  -8.508  1.00 14.30 ? 194 HOH A O   1 
HETATM 1341 O O   . HOH B 2 .   ? -4.243  -14.859 2.078   1.00 29.30 ? 195 HOH A O   1 
HETATM 1342 O O   . HOH B 2 .   ? 11.938  -7.820  -8.820  1.00 52.00 ? 196 HOH A O   1 
HETATM 1343 O O   . HOH B 2 .   ? 5.712   14.856  2.870   1.00 24.20 ? 197 HOH A O   1 
HETATM 1344 O O   . HOH B 2 .   ? 0.461   16.085  2.814   1.00 23.80 ? 198 HOH A O   1 
HETATM 1345 O O   . HOH B 2 .   ? -3.138  11.885  -2.317  1.00 13.20 ? 199 HOH A O   1 
HETATM 1346 O O   . HOH B 2 .   ? -6.892  -13.279 -11.687 1.00 35.50 ? 200 HOH A O   1 
HETATM 1347 O O   . HOH B 2 .   ? 1.294   12.803  -2.303  1.00 12.50 ? 201 HOH A O   1 
HETATM 1348 O O   . HOH B 2 .   ? 9.988   13.621  1.219   1.00 23.50 ? 202 HOH A O   1 
HETATM 1349 O O   . HOH B 2 .   ? 17.839  3.041   -1.745  1.00 30.60 ? 203 HOH A O   1 
HETATM 1350 O O   . HOH B 2 .   ? 2.395   19.300  -9.132  1.00 12.90 ? 204 HOH A O   1 
HETATM 1351 O O   . HOH B 2 .   ? 17.176  0.069   -7.231  1.00 42.70 ? 205 HOH A O   1 
HETATM 1352 O O   . HOH B 2 .   ? -0.085  14.337  4.637   1.00 15.10 ? 206 HOH A O   1 
HETATM 1353 O O   . HOH B 2 .   ? -5.129  5.711   16.534  1.00 29.30 ? 207 HOH A O   1 
HETATM 1354 O O   . HOH B 2 .   ? 15.447  7.869   7.071   1.00 33.40 ? 208 HOH A O   1 
HETATM 1355 O O   . HOH B 2 .   ? -5.627  13.327  -3.633  1.00 40.40 ? 209 HOH A O   1 
HETATM 1356 O O   . HOH B 2 .   ? 2.205   13.629  6.387   1.00 11.70 ? 210 HOH A O   1 
HETATM 1357 O O   . HOH B 2 .   ? 8.815   -11.809 -5.484  1.00 13.70 ? 211 HOH A O   1 
HETATM 1358 O O   . HOH B 2 .   ? -7.934  -2.062  -9.332  1.00 34.70 ? 212 HOH A O   1 
HETATM 1359 O O   . HOH B 2 .   ? 7.970   -12.593 1.333   1.00 21.50 ? 213 HOH A O   1 
HETATM 1360 O O   . HOH B 2 .   ? -15.686 -10.466 -2.441  1.00 31.20 ? 214 HOH A O   1 
HETATM 1361 O O   . HOH B 2 .   ? -5.567  1.915   -1.711  1.00 8.90  ? 215 HOH A O   1 
HETATM 1362 O O   . HOH B 2 .   ? 3.071   3.984   10.072  1.00 16.80 ? 216 HOH A O   1 
HETATM 1363 O O   . HOH B 2 .   ? 5.958   18.189  1.017   1.00 40.70 ? 217 HOH A O   1 
HETATM 1364 O O   . HOH B 2 .   ? 16.430  8.036   -0.780  1.00 35.90 ? 218 HOH A O   1 
HETATM 1365 O O   . HOH B 2 .   ? -0.864  -8.589  7.636   1.00 13.60 ? 219 HOH A O   1 
HETATM 1366 O O   . HOH B 2 .   ? 18.825  0.360   7.393   1.00 42.40 ? 220 HOH A O   1 
HETATM 1367 O O   . HOH B 2 .   ? -13.806 4.873   11.345  1.00 52.50 ? 221 HOH A O   1 
HETATM 1368 O O   . HOH B 2 .   ? -11.047 -18.132 1.763   1.00 32.40 ? 222 HOH A O   1 
HETATM 1369 O O   . HOH B 2 .   ? 4.469   10.270  -11.987 1.00 21.20 ? 223 HOH A O   1 
HETATM 1370 O O   . HOH B 2 .   ? 4.255   10.160  12.948  1.00 24.80 ? 224 HOH A O   1 
HETATM 1371 O O   . HOH B 2 .   ? 1.867   -12.710 -1.015  1.00 56.30 ? 225 HOH A O   1 
HETATM 1372 O O   . HOH B 2 .   ? 3.926   16.831  -1.453  1.00 30.50 ? 226 HOH A O   1 
HETATM 1373 O O   . HOH B 2 .   ? 12.116  -7.311  -1.600  1.00 18.60 ? 227 HOH A O   1 
HETATM 1374 O O   . HOH B 2 .   ? -6.917  15.917  -2.679  1.00 26.30 ? 228 HOH A O   1 
HETATM 1375 O O   . HOH B 2 .   ? 0.117   -4.884  -3.114  1.00 26.60 ? 229 HOH A O   1 
HETATM 1376 O O   . HOH B 2 .   ? 13.385  -3.907  -8.675  1.00 41.90 ? 230 HOH A O   1 
HETATM 1377 O O   . HOH B 2 .   ? 12.294  17.642  -2.219  1.00 56.10 ? 231 HOH A O   1 
HETATM 1378 O O   . HOH B 2 .   ? 5.869   -6.711  -15.222 1.00 33.10 ? 232 HOH A O   1 
HETATM 1379 O O   . HOH B 2 .   ? -6.100  14.384  12.017  1.00 24.30 ? 233 HOH A O   1 
HETATM 1380 O O   . HOH B 2 .   ? 18.831  -2.444  10.770  1.00 43.70 ? 234 HOH A O   1 
HETATM 1381 O O   . HOH B 2 .   ? 2.003   5.046   7.751   1.00 11.40 ? 235 HOH A O   1 
HETATM 1382 O O   . HOH B 2 .   ? 3.322   12.747  -12.723 1.00 28.70 ? 236 HOH A O   1 
HETATM 1383 O O   . HOH B 2 .   ? -16.961 -15.093 2.754   1.00 53.80 ? 237 HOH A O   1 
HETATM 1384 O O   . HOH B 2 .   ? 17.437  2.697   -6.356  1.00 39.20 ? 238 HOH A O   1 
HETATM 1385 O O   . HOH B 2 .   ? -3.469  -3.414  -9.840  1.00 22.70 ? 239 HOH A O   1 
HETATM 1386 O O   . HOH B 2 .   ? 5.406   -3.161  13.232  1.00 22.30 ? 240 HOH A O   1 
HETATM 1387 O O   . HOH B 2 .   ? -4.095  12.123  14.171  1.00 40.40 ? 241 HOH A O   1 
HETATM 1388 O O   . HOH B 2 .   ? -17.686 7.930   -0.674  1.00 33.30 ? 242 HOH A O   1 
HETATM 1389 O O   . HOH B 2 .   ? 1.780   14.570  0.475   1.00 28.40 ? 243 HOH A O   1 
HETATM 1390 O O   . HOH B 2 .   ? -5.878  -0.829  -7.777  1.00 23.90 ? 244 HOH A O   1 
HETATM 1391 O O   . HOH B 2 .   ? -5.716  8.519   15.711  1.00 23.70 ? 245 HOH A O   1 
HETATM 1392 O O   . HOH B 2 .   ? 15.988  15.466  8.138   1.00 55.40 ? 246 HOH A O   1 
HETATM 1393 O O   . HOH B 2 .   ? -18.385 -3.020  -0.517  1.00 18.20 ? 247 HOH A O   1 
HETATM 1394 O O   . HOH B 2 .   ? -2.967  -18.030 -3.008  1.00 16.80 ? 248 HOH A O   1 
HETATM 1395 O O   . HOH B 2 .   ? -12.898 -2.337  -7.449  1.00 22.40 ? 249 HOH A O   1 
HETATM 1396 O O   . HOH B 2 .   ? -17.216 2.636   1.629   1.00 18.10 ? 250 HOH A O   1 
HETATM 1397 O O   . HOH B 2 .   ? 13.389  6.982   -12.687 1.00 40.70 ? 251 HOH A O   1 
HETATM 1398 O O   . HOH B 2 .   ? 5.408   14.299  7.909   1.00 48.40 ? 252 HOH A O   1 
HETATM 1399 O O   . HOH B 2 .   ? -0.911  13.516  -1.847  1.00 30.00 ? 253 HOH A O   1 
HETATM 1400 O O   . HOH B 2 .   ? -10.719 -7.536  14.709  1.00 37.10 ? 254 HOH A O   1 
HETATM 1401 O O   . HOH B 2 .   ? -3.747  -0.974  -11.102 1.00 29.50 ? 255 HOH A O   1 
HETATM 1402 O O   . HOH B 2 .   ? 5.291   13.507  11.605  1.00 39.30 ? 256 HOH A O   1 
HETATM 1403 O O   . HOH B 2 .   ? 13.133  18.212  -7.281  1.00 50.10 ? 257 HOH A O   1 
HETATM 1404 O O   . HOH B 2 .   ? -5.959  -4.244  -10.457 1.00 13.50 ? 258 HOH A O   1 
HETATM 1405 O O   . HOH B 2 .   ? -4.630  -18.009 4.988   1.00 79.20 ? 259 HOH A O   1 
HETATM 1406 O O   . HOH B 2 .   ? -17.358 -2.762  -3.932  1.00 14.30 ? 260 HOH A O   1 
HETATM 1407 O O   . HOH B 2 .   ? 15.651  7.985   9.609   1.00 25.00 ? 261 HOH A O   1 
HETATM 1408 O O   . HOH B 2 .   ? 3.442   15.415  1.371   1.00 57.40 ? 262 HOH A O   1 
HETATM 1409 O O   . HOH B 2 .   ? 0.348   16.052  -6.724  1.00 26.70 ? 263 HOH A O   1 
HETATM 1410 O O   . HOH B 2 .   ? -7.123  5.584   -12.244 1.00 34.00 ? 264 HOH A O   1 
HETATM 1411 O O   . HOH B 2 .   ? -14.069 -6.535  12.115  1.00 29.20 ? 265 HOH A O   1 
HETATM 1412 O O   . HOH B 2 .   ? -14.594 7.067   -4.447  1.00 28.60 ? 266 HOH A O   1 
HETATM 1413 O O   . HOH B 2 .   ? 7.089   -14.705 -3.905  1.00 21.00 ? 267 HOH A O   1 
HETATM 1414 O O   . HOH B 2 .   ? 11.022  11.641  2.002   1.00 10.10 ? 268 HOH A O   1 
HETATM 1415 O O   . HOH B 2 .   ? -18.391 3.765   -2.885  1.00 43.70 ? 269 HOH A O   1 
HETATM 1416 O O   . HOH B 2 .   ? 4.803   19.353  -1.905  1.00 38.30 ? 270 HOH A O   1 
HETATM 1417 O O   . HOH B 2 .   ? 2.433   5.654   16.819  1.00 53.50 ? 271 HOH A O   1 
HETATM 1418 O O   . HOH B 2 .   ? 2.021   5.415   14.037  1.00 8.20  ? 272 HOH A O   1 
HETATM 1419 O O   . HOH B 2 .   ? -18.871 -9.629  7.784   1.00 27.50 ? 273 HOH A O   1 
HETATM 1420 O O   . HOH B 2 .   ? 16.300  9.361   -12.701 1.00 12.60 ? 274 HOH A O   1 
HETATM 1421 O O   . HOH B 2 .   ? -7.972  14.918  0.246   1.00 9.60  ? 275 HOH A O   1 
HETATM 1422 O O   . HOH B 2 .   ? -11.201 10.576  -4.748  1.00 46.00 ? 276 HOH A O   1 
HETATM 1423 O O   . HOH B 2 .   ? -13.067 10.203  3.217   1.00 13.10 ? 277 HOH A O   1 
# 
